data_3IL4
#
_entry.id   3IL4
#
_cell.length_a   66.751
_cell.length_b   93.295
_cell.length_c   104.254
_cell.angle_alpha   90.00
_cell.angle_beta   93.90
_cell.angle_gamma   90.00
#
_symmetry.space_group_name_H-M   'P 1 21 1'
#
loop_
_entity.id
_entity.type
_entity.pdbx_description
1 polymer '3-oxoacyl-[acyl-carrier-protein] synthase 3'
2 non-polymer 'ACETYL COENZYME *A'
3 water water
#
_entity_poly.entity_id   1
_entity_poly.type   'polypeptide(L)'
_entity_poly.pdbx_seq_one_letter_code
;KNYARIS(CSO)TSRYVPEN(CSO)VTNHQLSEMMDTSDEWIHSRTGISERRIVTQENTSDLCHQVAKQLLEKSGKQASE
IDFILVATVTPDFNMPSVACQVQGAIGATEAFAFDISAACSGFVYALSMAEKLVLSGRYQTGLVIGGETFSKMLDWTDRS
TAVLFGDGAAGVLIEAAETPHFLNEKLQADGQRWTALTSGYTINESPFYQGHKQASKTLQMEGRSIFDFAIKDVSQNILS
LVTDETVDYLLLHQASVRIIDKIARKTKISREKFLTNMDKYGNTSAASIPILLDEAVENGTLILGSQQRVVLTGFGGGLT
WGSLLLTL
;
_entity_poly.pdbx_strand_id   A,B,C,D
#
loop_
_chem_comp.id
_chem_comp.type
_chem_comp.name
_chem_comp.formula
ACO non-polymer 'ACETYL COENZYME *A' 'C23 H38 N7 O17 P3 S'
#
# COMPACT_ATOMS: atom_id res chain seq x y z
N LYS A 1 -22.18 -30.80 22.39
CA LYS A 1 -22.13 -29.70 21.37
C LYS A 1 -21.89 -28.36 22.03
N ASN A 2 -20.78 -28.24 22.75
CA ASN A 2 -20.47 -27.01 23.44
C ASN A 2 -19.30 -26.26 22.77
N TYR A 3 -18.89 -26.71 21.59
CA TYR A 3 -17.75 -26.10 20.90
C TYR A 3 -18.14 -24.97 19.97
N ALA A 4 -17.63 -23.77 20.28
CA ALA A 4 -17.92 -22.61 19.47
C ALA A 4 -17.14 -22.63 18.16
N ARG A 5 -17.60 -21.81 17.23
CA ARG A 5 -16.98 -21.70 15.92
C ARG A 5 -17.46 -20.39 15.30
N ILE A 6 -16.62 -19.78 14.49
CA ILE A 6 -17.00 -18.55 13.83
C ILE A 6 -17.72 -19.08 12.60
N SER A 7 -18.96 -18.62 12.40
CA SER A 7 -19.74 -19.11 11.27
C SER A 7 -20.24 -18.02 10.31
N CSO A 8 -19.81 -16.78 10.51
CA CSO A 8 -20.24 -15.70 9.63
CB CSO A 8 -21.77 -15.32 9.57
SG CSO A 8 -22.11 -14.58 7.93
C CSO A 8 -19.47 -14.46 10.06
O CSO A 8 -19.27 -14.23 11.25
OD CSO A 8 -22.82 -15.85 7.07
N THR A 9 -18.87 -13.78 9.09
CA THR A 9 -18.09 -12.58 9.36
C THR A 9 -18.76 -11.40 8.65
N SER A 10 -18.42 -10.19 9.08
CA SER A 10 -18.99 -8.99 8.48
C SER A 10 -18.26 -7.76 8.98
N ARG A 11 -18.15 -6.74 8.13
CA ARG A 11 -17.48 -5.51 8.52
C ARG A 11 -18.26 -4.32 8.03
N TYR A 12 -17.89 -3.16 8.56
CA TYR A 12 -18.48 -1.90 8.17
C TYR A 12 -17.60 -0.72 8.60
N VAL A 13 -17.31 0.16 7.65
CA VAL A 13 -16.51 1.34 7.92
C VAL A 13 -17.20 2.56 7.30
N PRO A 14 -16.94 3.76 7.86
CA PRO A 14 -17.55 4.99 7.34
C PRO A 14 -17.25 5.15 5.86
N GLU A 15 -18.22 5.62 5.08
CA GLU A 15 -17.98 5.80 3.66
C GLU A 15 -16.87 6.81 3.42
N ASN A 16 -16.73 7.75 4.34
CA ASN A 16 -15.70 8.79 4.23
C ASN A 16 -14.28 8.23 4.17
N CSO A 17 -13.53 8.59 3.13
CA CSO A 17 -12.17 8.09 3.00
CB CSO A 17 -11.85 7.29 1.66
SG CSO A 17 -10.09 6.94 1.55
C CSO A 17 -11.21 9.33 3.08
O CSO A 17 -11.37 10.30 2.35
OD CSO A 17 -9.66 7.64 0.06
N VAL A 18 -10.20 9.19 3.94
CA VAL A 18 -9.19 10.24 4.16
C VAL A 18 -7.81 9.68 3.86
N THR A 19 -7.12 10.27 2.90
CA THR A 19 -5.79 9.80 2.51
C THR A 19 -4.71 10.55 3.26
N ASN A 20 -3.48 10.03 3.24
CA ASN A 20 -2.33 10.66 3.90
C ASN A 20 -2.09 12.02 3.29
N HIS A 21 -2.51 12.19 2.03
CA HIS A 21 -2.32 13.46 1.34
C HIS A 21 -3.21 14.54 1.93
N GLN A 22 -4.45 14.17 2.26
CA GLN A 22 -5.39 15.13 2.85
C GLN A 22 -4.95 15.51 4.25
N LEU A 23 -4.16 14.65 4.88
CA LEU A 23 -3.66 14.90 6.23
C LEU A 23 -2.42 15.77 6.18
N SER A 24 -1.55 15.51 5.19
CA SER A 24 -0.31 16.28 5.02
C SER A 24 -0.67 17.74 4.81
N GLU A 25 -1.91 17.96 4.37
CA GLU A 25 -2.46 19.29 4.10
C GLU A 25 -3.08 19.89 5.38
N MET A 26 -3.02 19.14 6.48
CA MET A 26 -3.57 19.59 7.76
C MET A 26 -2.49 19.74 8.82
N MET A 27 -1.44 18.92 8.69
CA MET A 27 -0.34 18.96 9.64
C MET A 27 0.95 18.90 8.87
N ASP A 28 2.03 18.97 9.64
CA ASP A 28 3.35 18.88 9.09
C ASP A 28 3.65 17.38 9.02
N THR A 29 3.17 16.75 7.96
CA THR A 29 3.36 15.31 7.73
C THR A 29 3.28 15.02 6.23
N SER A 30 3.70 13.84 5.80
CA SER A 30 3.65 13.50 4.39
C SER A 30 3.18 12.07 4.17
N ASP A 31 2.70 11.80 2.96
CA ASP A 31 2.23 10.47 2.61
C ASP A 31 3.39 9.49 2.65
N GLU A 32 4.60 9.96 2.33
CA GLU A 32 5.75 9.09 2.31
C GLU A 32 6.23 8.72 3.71
N TRP A 33 6.13 9.67 4.65
CA TRP A 33 6.52 9.36 6.02
C TRP A 33 5.53 8.36 6.61
N ILE A 34 4.28 8.79 6.72
CA ILE A 34 3.24 7.95 7.28
C ILE A 34 3.28 6.53 6.72
N HIS A 35 3.19 6.42 5.40
CA HIS A 35 3.18 5.11 4.77
C HIS A 35 4.42 4.24 5.02
N SER A 36 5.61 4.80 4.84
CA SER A 36 6.85 4.04 5.04
C SER A 36 7.08 3.68 6.50
N ARG A 37 6.30 4.30 7.37
CA ARG A 37 6.41 4.08 8.79
C ARG A 37 5.37 3.09 9.31
N THR A 38 4.21 3.05 8.66
CA THR A 38 3.14 2.17 9.10
C THR A 38 2.54 1.30 8.01
N GLY A 39 2.62 1.76 6.77
CA GLY A 39 2.05 1.01 5.67
C GLY A 39 0.64 1.51 5.43
N ILE A 40 0.28 2.57 6.15
CA ILE A 40 -1.04 3.20 6.06
C ILE A 40 -1.07 4.24 4.95
N SER A 41 -2.12 4.16 4.12
CA SER A 41 -2.30 5.09 2.99
C SER A 41 -3.58 5.90 3.11
N GLU A 42 -4.60 5.30 3.72
CA GLU A 42 -5.88 5.96 3.91
C GLU A 42 -6.64 5.40 5.11
N ARG A 43 -7.66 6.13 5.53
CA ARG A 43 -8.46 5.76 6.68
C ARG A 43 -9.87 6.21 6.44
N ARG A 44 -10.80 5.70 7.24
CA ARG A 44 -12.20 6.07 7.15
C ARG A 44 -12.54 6.79 8.45
N ILE A 45 -13.05 8.01 8.32
CA ILE A 45 -13.40 8.83 9.46
C ILE A 45 -14.88 9.17 9.39
N VAL A 46 -15.60 8.93 10.49
CA VAL A 46 -17.02 9.22 10.54
C VAL A 46 -17.26 10.70 10.39
N THR A 47 -18.44 11.04 9.91
CA THR A 47 -18.83 12.42 9.71
C THR A 47 -20.17 12.63 10.41
N GLN A 48 -20.87 11.54 10.68
CA GLN A 48 -22.17 11.58 11.34
C GLN A 48 -22.31 10.45 12.36
N GLU A 49 -21.91 9.25 11.94
CA GLU A 49 -22.01 8.06 12.78
C GLU A 49 -21.04 7.99 13.93
N ASN A 50 -21.42 7.21 14.95
CA ASN A 50 -20.59 6.99 16.12
C ASN A 50 -20.29 5.48 16.18
N THR A 51 -19.69 5.00 17.26
CA THR A 51 -19.35 3.58 17.43
C THR A 51 -20.59 2.66 17.33
N SER A 52 -21.66 3.05 18.03
CA SER A 52 -22.90 2.26 18.03
C SER A 52 -23.49 2.03 16.64
N ASP A 53 -23.47 3.05 15.79
CA ASP A 53 -24.00 2.91 14.44
C ASP A 53 -23.14 1.91 13.67
N LEU A 54 -21.82 2.08 13.73
CA LEU A 54 -20.91 1.20 13.03
C LEU A 54 -21.16 -0.23 13.43
N CYS A 55 -21.25 -0.49 14.74
CA CYS A 55 -21.49 -1.84 15.24
C CYS A 55 -22.87 -2.33 14.83
N HIS A 56 -23.86 -1.45 14.90
CA HIS A 56 -25.21 -1.78 14.50
C HIS A 56 -25.18 -2.38 13.09
N GLN A 57 -24.44 -1.75 12.19
CA GLN A 57 -24.31 -2.22 10.82
C GLN A 57 -23.72 -3.63 10.71
N VAL A 58 -22.67 -3.88 11.49
CA VAL A 58 -22.03 -5.19 11.48
C VAL A 58 -23.01 -6.25 11.92
N ALA A 59 -23.71 -5.99 13.03
CA ALA A 59 -24.69 -6.94 13.56
C ALA A 59 -25.75 -7.21 12.50
N LYS A 60 -26.34 -6.13 11.98
CA LYS A 60 -27.37 -6.19 10.95
C LYS A 60 -26.93 -7.11 9.85
N GLN A 61 -25.72 -6.89 9.37
CA GLN A 61 -25.16 -7.68 8.28
C GLN A 61 -24.98 -9.16 8.64
N LEU A 62 -24.58 -9.46 9.87
CA LEU A 62 -24.38 -10.83 10.29
C LEU A 62 -25.70 -11.59 10.19
N LEU A 63 -26.79 -10.96 10.61
CA LEU A 63 -28.09 -11.61 10.54
C LEU A 63 -28.55 -11.76 9.10
N GLU A 64 -28.53 -10.66 8.35
CA GLU A 64 -28.96 -10.70 6.96
C GLU A 64 -28.20 -11.80 6.24
N LYS A 65 -26.88 -11.78 6.38
CA LYS A 65 -25.99 -12.75 5.75
C LYS A 65 -26.18 -14.21 6.21
N SER A 66 -26.43 -14.42 7.51
CA SER A 66 -26.61 -15.77 8.09
C SER A 66 -28.05 -16.26 8.10
N GLY A 67 -28.98 -15.36 7.80
CA GLY A 67 -30.38 -15.76 7.79
C GLY A 67 -30.91 -15.88 9.19
N LYS A 68 -30.06 -15.59 10.16
CA LYS A 68 -30.45 -15.67 11.56
C LYS A 68 -31.15 -14.39 11.99
N GLN A 69 -32.24 -14.55 12.73
CA GLN A 69 -32.99 -13.41 13.22
C GLN A 69 -32.60 -13.08 14.63
N ALA A 70 -32.67 -11.80 14.95
CA ALA A 70 -32.27 -11.29 16.25
C ALA A 70 -32.76 -12.09 17.44
N SER A 71 -33.97 -12.64 17.34
CA SER A 71 -34.52 -13.40 18.45
C SER A 71 -33.65 -14.61 18.76
N GLU A 72 -32.82 -15.01 17.80
CA GLU A 72 -31.94 -16.16 17.96
C GLU A 72 -30.67 -15.88 18.74
N ILE A 73 -30.29 -14.60 18.81
CA ILE A 73 -29.07 -14.22 19.52
C ILE A 73 -29.21 -14.32 21.02
N ASP A 74 -28.31 -15.11 21.61
CA ASP A 74 -28.27 -15.34 23.04
C ASP A 74 -27.51 -14.24 23.76
N PHE A 75 -26.52 -13.65 23.09
CA PHE A 75 -25.73 -12.59 23.69
C PHE A 75 -24.98 -11.74 22.68
N ILE A 76 -24.48 -10.60 23.14
CA ILE A 76 -23.74 -9.68 22.28
C ILE A 76 -22.61 -9.05 23.07
N LEU A 77 -21.39 -9.19 22.56
CA LEU A 77 -20.23 -8.61 23.22
C LEU A 77 -19.59 -7.62 22.25
N VAL A 78 -19.40 -6.39 22.69
CA VAL A 78 -18.74 -5.40 21.85
C VAL A 78 -17.45 -5.01 22.52
N ALA A 79 -16.36 -5.06 21.77
CA ALA A 79 -15.07 -4.69 22.30
C ALA A 79 -14.83 -3.30 21.72
N THR A 80 -14.82 -2.31 22.59
CA THR A 80 -14.60 -0.93 22.17
C THR A 80 -13.89 -0.16 23.26
N VAL A 81 -13.41 1.03 22.94
CA VAL A 81 -12.71 1.84 23.90
C VAL A 81 -13.03 3.31 23.51
N THR A 82 -13.99 3.44 22.60
CA THR A 82 -14.48 4.72 22.11
C THR A 82 -16.01 4.66 22.05
N PRO A 83 -16.65 4.06 23.06
CA PRO A 83 -18.11 3.93 23.12
C PRO A 83 -18.86 5.26 23.06
N ASP A 84 -20.16 5.22 22.74
CA ASP A 84 -20.96 6.45 22.70
C ASP A 84 -21.06 7.04 24.10
N PHE A 85 -21.48 6.23 25.08
CA PHE A 85 -21.59 6.66 26.48
C PHE A 85 -20.88 5.68 27.42
N ASN A 86 -20.79 6.04 28.70
CA ASN A 86 -20.21 5.16 29.70
C ASN A 86 -21.33 4.16 29.90
N MET A 87 -22.54 4.69 29.78
CA MET A 87 -23.73 3.86 29.85
C MET A 87 -24.83 4.61 29.11
N PRO A 88 -25.59 3.90 28.27
CA PRO A 88 -25.50 2.47 27.98
C PRO A 88 -24.22 2.04 27.28
N SER A 89 -24.05 0.73 27.15
CA SER A 89 -22.90 0.16 26.48
C SER A 89 -23.27 0.07 25.01
N VAL A 90 -22.28 0.12 24.13
CA VAL A 90 -22.55 0.02 22.71
C VAL A 90 -23.32 -1.28 22.46
N ALA A 91 -22.95 -2.33 23.19
CA ALA A 91 -23.61 -3.63 23.05
C ALA A 91 -25.11 -3.50 23.27
N CYS A 92 -25.51 -2.77 24.31
CA CYS A 92 -26.93 -2.58 24.60
C CYS A 92 -27.61 -1.75 23.52
N GLN A 93 -26.89 -0.77 22.97
CA GLN A 93 -27.46 0.08 21.92
C GLN A 93 -27.72 -0.81 20.73
N VAL A 94 -26.73 -1.62 20.41
CA VAL A 94 -26.81 -2.55 19.29
C VAL A 94 -27.93 -3.55 19.53
N GLN A 95 -28.04 -4.05 20.77
CA GLN A 95 -29.08 -5.03 21.06
C GLN A 95 -30.44 -4.43 20.76
N GLY A 96 -30.72 -3.26 21.32
CA GLY A 96 -32.01 -2.64 21.08
C GLY A 96 -32.20 -2.26 19.64
N ALA A 97 -31.12 -1.88 18.98
CA ALA A 97 -31.14 -1.47 17.57
C ALA A 97 -31.57 -2.57 16.60
N ILE A 98 -31.18 -3.81 16.90
CA ILE A 98 -31.53 -4.91 16.01
C ILE A 98 -32.67 -5.75 16.59
N GLY A 99 -33.19 -5.32 17.73
CA GLY A 99 -34.28 -6.04 18.34
C GLY A 99 -33.93 -7.44 18.81
N ALA A 100 -32.71 -7.62 19.29
CA ALA A 100 -32.26 -8.91 19.81
C ALA A 100 -32.75 -8.99 21.25
N THR A 101 -34.06 -9.02 21.42
CA THR A 101 -34.70 -9.04 22.72
C THR A 101 -34.28 -10.14 23.66
N GLU A 102 -33.89 -11.29 23.13
CA GLU A 102 -33.52 -12.41 23.98
C GLU A 102 -32.08 -12.44 24.44
N ALA A 103 -31.24 -11.56 23.90
CA ALA A 103 -29.84 -11.54 24.28
C ALA A 103 -29.51 -10.51 25.35
N PHE A 104 -28.47 -10.79 26.13
CA PHE A 104 -28.01 -9.86 27.16
C PHE A 104 -26.70 -9.37 26.54
N ALA A 105 -26.22 -8.21 26.96
CA ALA A 105 -24.99 -7.70 26.35
C ALA A 105 -24.20 -6.71 27.20
N PHE A 106 -22.97 -6.46 26.77
CA PHE A 106 -22.07 -5.54 27.44
C PHE A 106 -20.83 -5.36 26.57
N ASP A 107 -20.08 -4.27 26.77
CA ASP A 107 -18.84 -4.06 26.02
C ASP A 107 -17.71 -4.52 26.92
N ILE A 108 -16.57 -4.81 26.32
CA ILE A 108 -15.38 -5.26 27.05
C ILE A 108 -14.31 -4.21 26.80
N SER A 109 -13.65 -3.78 27.87
CA SER A 109 -12.61 -2.77 27.75
C SER A 109 -11.22 -3.39 27.82
N ALA A 110 -10.64 -3.64 26.65
CA ALA A 110 -9.30 -4.24 26.55
C ALA A 110 -8.52 -3.67 25.37
N ALA A 111 -8.78 -2.40 25.08
CA ALA A 111 -8.11 -1.70 23.99
C ALA A 111 -7.99 -2.50 22.68
N CYS A 112 -6.79 -2.50 22.12
CA CYS A 112 -6.48 -3.16 20.87
C CYS A 112 -6.45 -4.68 20.95
N SER A 113 -6.76 -5.21 22.13
CA SER A 113 -6.78 -6.66 22.36
C SER A 113 -8.24 -7.05 22.60
N GLY A 114 -9.10 -6.05 22.64
CA GLY A 114 -10.51 -6.25 22.89
C GLY A 114 -11.18 -7.32 22.07
N PHE A 115 -10.81 -7.48 20.80
CA PHE A 115 -11.47 -8.51 20.01
C PHE A 115 -11.05 -9.92 20.40
N VAL A 116 -9.75 -10.14 20.55
CA VAL A 116 -9.24 -11.45 20.94
C VAL A 116 -9.76 -11.81 22.34
N TYR A 117 -9.78 -10.81 23.22
CA TYR A 117 -10.27 -11.00 24.57
C TYR A 117 -11.75 -11.35 24.53
N ALA A 118 -12.51 -10.49 23.87
CA ALA A 118 -13.97 -10.65 23.74
C ALA A 118 -14.34 -11.98 23.12
N LEU A 119 -13.62 -12.32 22.06
CA LEU A 119 -13.87 -13.55 21.36
C LEU A 119 -13.68 -14.72 22.31
N SER A 120 -12.54 -14.75 23.00
CA SER A 120 -12.27 -15.82 23.94
C SER A 120 -13.42 -15.94 24.94
N MET A 121 -13.87 -14.80 25.44
CA MET A 121 -14.96 -14.73 26.39
C MET A 121 -16.18 -15.48 25.86
N ALA A 122 -16.52 -15.22 24.61
CA ALA A 122 -17.65 -15.88 23.98
C ALA A 122 -17.50 -17.40 23.99
N GLU A 123 -16.31 -17.90 23.68
CA GLU A 123 -16.04 -19.35 23.64
C GLU A 123 -16.38 -19.97 24.99
N LYS A 124 -16.05 -19.25 26.06
CA LYS A 124 -16.29 -19.69 27.42
C LYS A 124 -17.78 -19.77 27.69
N LEU A 125 -18.50 -18.80 27.16
CA LEU A 125 -19.95 -18.73 27.32
C LEU A 125 -20.62 -19.89 26.60
N VAL A 126 -20.20 -20.16 25.37
CA VAL A 126 -20.79 -21.25 24.62
C VAL A 126 -20.42 -22.57 25.24
N LEU A 127 -19.14 -22.73 25.57
CA LEU A 127 -18.64 -23.95 26.19
C LEU A 127 -19.41 -24.29 27.48
N SER A 128 -19.92 -23.27 28.16
CA SER A 128 -20.68 -23.45 29.39
C SER A 128 -21.98 -24.19 29.11
N GLY A 129 -22.35 -24.31 27.85
CA GLY A 129 -23.58 -25.00 27.49
C GLY A 129 -24.80 -24.16 27.80
N ARG A 130 -24.57 -23.01 28.41
CA ARG A 130 -25.65 -22.11 28.76
C ARG A 130 -26.13 -21.32 27.52
N TYR A 131 -25.18 -20.92 26.69
CA TYR A 131 -25.47 -20.12 25.50
C TYR A 131 -24.89 -20.73 24.24
N GLN A 132 -25.61 -20.60 23.12
CA GLN A 132 -25.16 -21.19 21.87
C GLN A 132 -24.91 -20.21 20.73
N THR A 133 -25.57 -19.06 20.78
CA THR A 133 -25.46 -18.08 19.72
C THR A 133 -25.11 -16.69 20.23
N GLY A 134 -24.19 -16.02 19.56
CA GLY A 134 -23.80 -14.69 19.98
C GLY A 134 -23.07 -13.87 18.93
N LEU A 135 -22.96 -12.57 19.18
CA LEU A 135 -22.28 -11.69 18.25
C LEU A 135 -21.11 -11.03 18.95
N VAL A 136 -19.92 -11.18 18.40
CA VAL A 136 -18.74 -10.55 18.98
C VAL A 136 -18.31 -9.52 17.98
N ILE A 137 -18.45 -8.24 18.33
CA ILE A 137 -18.12 -7.15 17.43
C ILE A 137 -17.06 -6.23 17.99
N GLY A 138 -16.09 -5.85 17.16
CA GLY A 138 -15.06 -4.92 17.59
C GLY A 138 -15.29 -3.62 16.83
N GLY A 139 -15.63 -2.55 17.53
CA GLY A 139 -15.90 -1.27 16.87
C GLY A 139 -15.22 -0.09 17.54
N GLU A 140 -14.80 0.88 16.73
CA GLU A 140 -14.08 2.06 17.22
C GLU A 140 -14.29 3.33 16.39
N THR A 141 -14.22 4.48 17.06
CA THR A 141 -14.30 5.78 16.40
C THR A 141 -13.28 6.70 17.09
N PHE A 142 -12.02 6.49 16.77
CA PHE A 142 -10.94 7.27 17.34
C PHE A 142 -10.91 8.72 16.89
N SER A 143 -11.39 8.99 15.68
CA SER A 143 -11.39 10.35 15.18
C SER A 143 -11.87 11.34 16.24
N LYS A 144 -12.78 10.87 17.10
CA LYS A 144 -13.35 11.71 18.15
C LYS A 144 -12.53 11.78 19.43
N MET A 145 -11.39 11.09 19.46
CA MET A 145 -10.51 11.08 20.63
C MET A 145 -9.20 11.78 20.31
N LEU A 146 -8.86 11.81 19.03
CA LEU A 146 -7.62 12.39 18.58
C LEU A 146 -7.50 13.91 18.57
N ASP A 147 -6.25 14.34 18.74
CA ASP A 147 -5.85 15.75 18.69
C ASP A 147 -5.31 15.88 17.25
N TRP A 148 -6.16 16.36 16.35
CA TRP A 148 -5.79 16.48 14.94
C TRP A 148 -4.71 17.48 14.61
N THR A 149 -3.91 17.86 15.59
CA THR A 149 -2.82 18.79 15.39
C THR A 149 -1.53 18.10 15.82
N ASP A 150 -1.68 17.06 16.64
CA ASP A 150 -0.53 16.28 17.09
C ASP A 150 -0.37 15.21 16.01
N ARG A 151 0.53 15.49 15.08
CA ARG A 151 0.79 14.59 13.98
C ARG A 151 1.27 13.23 14.48
N SER A 152 1.77 13.20 15.71
CA SER A 152 2.28 11.99 16.34
C SER A 152 1.26 10.86 16.39
N THR A 153 0.00 11.21 16.60
CA THR A 153 -1.06 10.21 16.71
C THR A 153 -2.17 10.36 15.67
N ALA A 154 -2.44 11.59 15.26
CA ALA A 154 -3.51 11.88 14.30
C ALA A 154 -3.43 11.07 13.01
N VAL A 155 -2.22 10.70 12.60
CA VAL A 155 -2.03 9.95 11.35
C VAL A 155 -2.16 8.43 11.45
N LEU A 156 -2.35 7.91 12.65
CA LEU A 156 -2.40 6.47 12.86
C LEU A 156 -3.76 5.81 12.95
N PHE A 157 -4.69 6.43 13.69
CA PHE A 157 -5.99 5.83 13.91
C PHE A 157 -7.15 6.16 12.97
N GLY A 158 -8.00 5.15 12.76
CA GLY A 158 -9.16 5.30 11.91
C GLY A 158 -10.40 4.76 12.60
N ASP A 159 -11.56 5.02 11.98
CA ASP A 159 -12.85 4.58 12.50
C ASP A 159 -13.34 3.30 11.80
N GLY A 160 -14.00 2.41 12.55
CA GLY A 160 -14.49 1.20 11.91
C GLY A 160 -15.02 0.14 12.85
N ALA A 161 -15.73 -0.83 12.28
CA ALA A 161 -16.29 -1.92 13.07
C ALA A 161 -16.39 -3.19 12.22
N ALA A 162 -16.30 -4.33 12.89
CA ALA A 162 -16.38 -5.62 12.25
C ALA A 162 -16.60 -6.64 13.36
N GLY A 163 -17.21 -7.76 13.00
CA GLY A 163 -17.48 -8.78 13.99
C GLY A 163 -17.78 -10.13 13.34
N VAL A 164 -18.11 -11.10 14.18
CA VAL A 164 -18.43 -12.43 13.70
C VAL A 164 -19.66 -12.95 14.42
N LEU A 165 -20.34 -13.89 13.77
CA LEU A 165 -21.52 -14.55 14.33
C LEU A 165 -20.92 -15.86 14.83
N ILE A 166 -21.05 -16.11 16.13
CA ILE A 166 -20.48 -17.31 16.73
C ILE A 166 -21.55 -18.25 17.29
N GLU A 167 -21.44 -19.53 16.93
CA GLU A 167 -22.38 -20.54 17.40
C GLU A 167 -21.70 -21.86 17.78
N ALA A 168 -22.37 -22.63 18.63
CA ALA A 168 -21.88 -23.92 19.09
C ALA A 168 -21.85 -24.94 17.96
N ALA A 169 -20.86 -25.81 18.00
CA ALA A 169 -20.67 -26.85 17.00
C ALA A 169 -20.36 -28.15 17.75
N GLU A 170 -20.31 -29.27 17.04
CA GLU A 170 -20.02 -30.51 17.73
C GLU A 170 -18.50 -30.72 17.77
N THR A 171 -17.81 -30.14 16.80
CA THR A 171 -16.35 -30.26 16.73
C THR A 171 -15.65 -29.00 17.25
N PRO A 172 -14.55 -29.19 17.98
CA PRO A 172 -13.78 -28.08 18.54
C PRO A 172 -13.00 -27.24 17.51
N HIS A 173 -13.06 -25.92 17.66
CA HIS A 173 -12.36 -25.01 16.77
C HIS A 173 -11.33 -24.18 17.51
N PHE A 174 -11.70 -23.72 18.70
CA PHE A 174 -10.80 -22.90 19.49
C PHE A 174 -9.83 -23.82 20.19
N LEU A 175 -8.75 -24.16 19.49
CA LEU A 175 -7.72 -25.04 20.00
C LEU A 175 -7.01 -24.59 21.28
N ASN A 176 -6.42 -23.39 21.30
CA ASN A 176 -5.73 -22.93 22.51
C ASN A 176 -5.59 -21.40 22.59
N GLU A 177 -5.40 -20.86 23.78
CA GLU A 177 -5.29 -19.40 23.93
C GLU A 177 -4.26 -18.95 24.99
N LYS A 178 -3.83 -17.70 24.89
CA LYS A 178 -2.93 -17.14 25.89
C LYS A 178 -3.12 -15.64 25.94
N LEU A 179 -3.90 -15.22 26.94
CA LEU A 179 -4.22 -13.81 27.15
C LEU A 179 -3.28 -13.21 28.18
N GLN A 180 -2.70 -12.06 27.87
CA GLN A 180 -1.76 -11.43 28.78
C GLN A 180 -2.00 -9.92 28.91
N ALA A 181 -1.40 -9.34 29.96
CA ALA A 181 -1.52 -7.92 30.22
C ALA A 181 -0.38 -7.48 31.13
N ASP A 182 -0.08 -6.19 31.13
CA ASP A 182 0.96 -5.61 31.98
C ASP A 182 0.57 -4.18 32.31
N GLY A 183 -0.19 -4.03 33.38
CA GLY A 183 -0.65 -2.72 33.79
C GLY A 183 0.43 -1.83 34.34
N GLN A 184 1.66 -2.31 34.43
CA GLN A 184 2.73 -1.47 34.97
C GLN A 184 3.29 -0.56 33.89
N ARG A 185 2.66 -0.61 32.72
CA ARG A 185 3.07 0.22 31.60
C ARG A 185 1.85 0.88 30.99
N TRP A 186 0.73 0.83 31.72
CA TRP A 186 -0.52 1.40 31.24
C TRP A 186 -0.37 2.80 30.64
N THR A 187 0.61 3.53 31.14
CA THR A 187 0.88 4.90 30.71
C THR A 187 1.30 5.03 29.23
N ALA A 188 1.78 3.92 28.67
CA ALA A 188 2.24 3.88 27.28
C ALA A 188 1.18 4.32 26.25
N LEU A 189 -0.07 3.97 26.49
CA LEU A 189 -1.15 4.35 25.57
C LEU A 189 -2.40 4.60 26.37
N THR A 190 -2.88 5.84 26.32
CA THR A 190 -4.06 6.24 27.07
C THR A 190 -4.95 7.26 26.35
N SER A 191 -6.24 7.17 26.62
CA SER A 191 -7.20 8.09 26.03
C SER A 191 -8.44 8.16 26.92
N GLY A 192 -9.29 9.13 26.65
CA GLY A 192 -10.53 9.28 27.39
C GLY A 192 -10.50 9.59 28.88
N TYR A 193 -9.44 10.25 29.36
CA TYR A 193 -9.40 10.57 30.78
C TYR A 193 -10.48 11.58 31.12
N THR A 194 -11.41 11.18 31.96
CA THR A 194 -12.46 12.10 32.37
C THR A 194 -12.09 12.61 33.77
N ILE A 195 -11.94 13.93 33.88
CA ILE A 195 -11.58 14.59 35.13
C ILE A 195 -12.76 14.83 36.06
N ASN A 196 -12.50 14.74 37.35
CA ASN A 196 -13.51 14.94 38.37
C ASN A 196 -13.56 16.43 38.68
N GLU A 197 -14.75 17.02 38.56
CA GLU A 197 -14.90 18.44 38.86
C GLU A 197 -16.06 18.65 39.83
N SER A 198 -16.28 17.66 40.68
CA SER A 198 -17.34 17.76 41.68
C SER A 198 -16.90 18.77 42.72
N PRO A 199 -17.87 19.31 43.46
CA PRO A 199 -17.55 20.29 44.50
C PRO A 199 -16.75 19.71 45.66
N PHE A 200 -16.68 18.39 45.73
CA PHE A 200 -15.97 17.74 46.82
C PHE A 200 -14.53 17.40 46.46
N TYR A 201 -14.29 17.08 45.19
CA TYR A 201 -12.96 16.72 44.75
C TYR A 201 -11.97 17.83 45.05
N GLN A 202 -10.86 17.46 45.69
CA GLN A 202 -9.82 18.42 46.06
C GLN A 202 -8.43 18.03 45.54
N GLY A 203 -8.38 17.04 44.66
CA GLY A 203 -7.11 16.63 44.07
C GLY A 203 -6.85 17.52 42.87
N HIS A 204 -5.58 17.62 42.45
CA HIS A 204 -5.23 18.47 41.32
C HIS A 204 -4.83 17.68 40.07
N LYS A 205 -5.46 16.52 39.90
CA LYS A 205 -5.15 15.68 38.75
C LYS A 205 -5.39 16.42 37.44
N SER A 208 -6.69 16.38 29.96
CA SER A 208 -6.35 15.74 28.69
C SER A 208 -7.31 14.60 28.37
N LYS A 209 -8.32 14.87 27.56
CA LYS A 209 -9.27 13.84 27.19
C LYS A 209 -8.82 13.10 25.93
N THR A 210 -7.96 13.74 25.14
CA THR A 210 -7.47 13.14 23.91
C THR A 210 -6.35 12.12 24.09
N LEU A 211 -6.33 11.16 23.16
CA LEU A 211 -5.38 10.06 23.11
C LEU A 211 -3.93 10.49 23.07
N GLN A 212 -3.08 9.83 23.86
CA GLN A 212 -1.63 10.12 23.92
C GLN A 212 -0.85 8.83 24.14
N MET A 213 0.15 8.54 23.28
CA MET A 213 0.91 7.32 23.42
C MET A 213 2.42 7.45 23.24
N GLU A 214 3.14 6.49 23.82
CA GLU A 214 4.60 6.43 23.76
C GLU A 214 4.98 5.49 22.61
N GLY A 215 5.33 6.08 21.48
CA GLY A 215 5.70 5.33 20.28
C GLY A 215 6.65 4.15 20.49
N ARG A 216 7.91 4.44 20.78
CA ARG A 216 8.95 3.42 21.01
C ARG A 216 8.50 2.37 22.01
N SER A 217 8.03 2.82 23.16
CA SER A 217 7.58 1.91 24.21
C SER A 217 6.75 0.76 23.64
N ILE A 218 5.66 1.11 22.98
CA ILE A 218 4.74 0.14 22.39
C ILE A 218 5.38 -0.64 21.23
N PHE A 219 6.21 0.04 20.45
CA PHE A 219 6.88 -0.61 19.33
C PHE A 219 7.71 -1.76 19.91
N ASP A 220 8.71 -1.38 20.70
CA ASP A 220 9.63 -2.32 21.32
C ASP A 220 8.86 -3.42 22.03
N PHE A 221 7.83 -3.03 22.77
CA PHE A 221 6.99 -3.96 23.53
C PHE A 221 6.33 -5.00 22.65
N ALA A 222 5.66 -4.55 21.59
CA ALA A 222 4.99 -5.46 20.67
C ALA A 222 5.95 -6.48 20.11
N ILE A 223 7.00 -6.00 19.45
CA ILE A 223 7.98 -6.89 18.85
C ILE A 223 8.47 -7.97 19.81
N LYS A 224 8.67 -7.60 21.08
CA LYS A 224 9.16 -8.58 22.03
C LYS A 224 8.07 -9.43 22.60
N ASP A 225 7.30 -8.84 23.50
CA ASP A 225 6.23 -9.53 24.17
C ASP A 225 5.22 -10.24 23.28
N VAL A 226 4.96 -9.72 22.08
CA VAL A 226 4.00 -10.38 21.21
C VAL A 226 4.58 -11.64 20.55
N SER A 227 5.77 -11.52 19.99
CA SER A 227 6.42 -12.65 19.34
C SER A 227 6.46 -13.83 20.30
N GLN A 228 6.66 -13.53 21.59
CA GLN A 228 6.71 -14.53 22.64
C GLN A 228 5.32 -15.17 22.78
N ASN A 229 4.30 -14.33 22.86
CA ASN A 229 2.92 -14.80 23.01
C ASN A 229 2.43 -15.66 21.83
N ILE A 230 2.93 -15.37 20.64
CA ILE A 230 2.55 -16.14 19.45
C ILE A 230 3.23 -17.50 19.40
N LEU A 231 4.52 -17.53 19.73
CA LEU A 231 5.28 -18.77 19.74
C LEU A 231 4.79 -19.73 20.84
N SER A 232 4.02 -19.21 21.79
CA SER A 232 3.48 -20.01 22.87
C SER A 232 2.49 -21.01 22.27
N LEU A 233 1.74 -20.54 21.28
CA LEU A 233 0.71 -21.36 20.65
C LEU A 233 1.17 -22.15 19.42
N VAL A 234 1.97 -21.52 18.57
CA VAL A 234 2.38 -22.20 17.35
C VAL A 234 3.79 -21.92 16.87
N THR A 235 4.12 -22.54 15.75
CA THR A 235 5.40 -22.39 15.07
C THR A 235 5.06 -22.37 13.58
N ASP A 236 5.87 -21.67 12.79
CA ASP A 236 5.61 -21.59 11.36
C ASP A 236 5.01 -22.90 10.86
N GLU A 237 5.57 -24.01 11.29
CA GLU A 237 5.12 -25.33 10.87
C GLU A 237 3.70 -25.74 11.28
N THR A 238 3.16 -25.08 12.31
CA THR A 238 1.83 -25.41 12.84
C THR A 238 0.76 -24.32 12.71
N VAL A 239 0.99 -23.38 11.79
CA VAL A 239 0.04 -22.30 11.59
C VAL A 239 -0.12 -22.03 10.11
N ASP A 240 -1.33 -21.66 9.71
CA ASP A 240 -1.59 -21.36 8.30
C ASP A 240 -1.59 -19.85 8.06
N TYR A 241 -2.29 -19.11 8.93
CA TYR A 241 -2.37 -17.66 8.83
C TYR A 241 -2.43 -16.98 10.18
N LEU A 242 -1.96 -15.73 10.24
CA LEU A 242 -1.98 -14.96 11.48
C LEU A 242 -2.57 -13.56 11.23
N LEU A 243 -3.59 -13.22 12.00
CA LEU A 243 -4.22 -11.92 11.88
C LEU A 243 -3.92 -11.13 13.14
N LEU A 244 -2.92 -10.26 13.05
CA LEU A 244 -2.51 -9.44 14.19
C LEU A 244 -3.13 -8.05 14.12
N HIS A 245 -3.08 -7.34 15.25
CA HIS A 245 -3.59 -5.98 15.31
C HIS A 245 -2.86 -5.18 14.22
N GLN A 246 -3.62 -4.49 13.37
CA GLN A 246 -3.02 -3.75 12.28
C GLN A 246 -2.47 -2.36 12.61
N ALA A 247 -1.63 -2.29 13.64
CA ALA A 247 -1.02 -1.01 14.06
C ALA A 247 -0.01 -0.48 13.05
N SER A 248 1.06 -1.24 12.83
CA SER A 248 2.12 -0.85 11.91
C SER A 248 2.63 -2.08 11.16
N VAL A 249 2.88 -1.93 9.87
CA VAL A 249 3.38 -3.06 9.07
C VAL A 249 4.82 -3.38 9.49
N ARG A 250 5.57 -2.34 9.82
CA ARG A 250 6.95 -2.49 10.25
C ARG A 250 6.99 -3.40 11.48
N ILE A 251 5.95 -3.32 12.30
CA ILE A 251 5.83 -4.14 13.52
C ILE A 251 5.61 -5.59 13.13
N ILE A 252 4.65 -5.83 12.25
CA ILE A 252 4.34 -7.18 11.77
C ILE A 252 5.57 -7.74 11.07
N ASP A 253 6.25 -6.89 10.30
CA ASP A 253 7.46 -7.28 9.58
C ASP A 253 8.53 -7.78 10.57
N LYS A 254 8.72 -7.06 11.68
CA LYS A 254 9.70 -7.43 12.71
C LYS A 254 9.30 -8.64 13.51
N ILE A 255 7.99 -8.87 13.65
CA ILE A 255 7.49 -10.02 14.39
C ILE A 255 7.65 -11.26 13.54
N ALA A 256 7.26 -11.17 12.28
CA ALA A 256 7.38 -12.31 11.39
C ALA A 256 8.84 -12.78 11.39
N ARG A 257 9.77 -11.84 11.44
CA ARG A 257 11.19 -12.16 11.44
C ARG A 257 11.64 -12.85 12.71
N LYS A 258 11.36 -12.22 13.84
CA LYS A 258 11.75 -12.78 15.14
C LYS A 258 11.10 -14.10 15.35
N THR A 259 9.85 -14.18 14.92
CA THR A 259 9.01 -15.35 15.07
C THR A 259 9.40 -16.54 14.19
N LYS A 260 10.12 -16.29 13.12
CA LYS A 260 10.53 -17.35 12.21
C LYS A 260 9.31 -17.97 11.55
N ILE A 261 8.31 -17.13 11.26
CA ILE A 261 7.10 -17.59 10.58
C ILE A 261 6.98 -16.88 9.25
N SER A 262 6.73 -17.65 8.19
CA SER A 262 6.59 -17.11 6.84
C SER A 262 5.77 -15.83 6.84
N ARG A 263 6.39 -14.73 6.40
CA ARG A 263 5.69 -13.46 6.36
C ARG A 263 4.38 -13.48 5.56
N GLU A 264 4.27 -14.36 4.55
CA GLU A 264 3.05 -14.43 3.73
C GLU A 264 1.83 -14.79 4.57
N LYS A 265 2.05 -15.35 5.77
CA LYS A 265 0.96 -15.74 6.64
C LYS A 265 0.41 -14.56 7.41
N PHE A 266 1.21 -13.51 7.61
CA PHE A 266 0.74 -12.33 8.33
C PHE A 266 -0.01 -11.43 7.36
N LEU A 267 -1.34 -11.52 7.39
CA LEU A 267 -2.17 -10.73 6.50
C LEU A 267 -2.22 -9.26 6.94
N THR A 268 -2.07 -8.36 5.98
CA THR A 268 -2.05 -6.93 6.21
C THR A 268 -3.28 -6.18 5.70
N ASN A 269 -3.62 -5.08 6.38
CA ASN A 269 -4.82 -4.31 6.04
C ASN A 269 -4.66 -2.80 6.25
N MET A 270 -3.79 -2.42 7.16
CA MET A 270 -3.62 -1.02 7.53
C MET A 270 -3.50 0.02 6.45
N ASP A 271 -3.06 -0.37 5.26
CA ASP A 271 -2.90 0.59 4.19
C ASP A 271 -4.22 1.24 3.79
N LYS A 272 -5.32 0.56 4.10
CA LYS A 272 -6.63 1.07 3.74
C LYS A 272 -7.48 1.56 4.91
N TYR A 273 -7.17 1.10 6.12
CA TYR A 273 -7.94 1.49 7.30
C TYR A 273 -7.18 2.12 8.46
N GLY A 274 -5.85 1.97 8.46
CA GLY A 274 -5.05 2.49 9.54
C GLY A 274 -5.32 1.70 10.82
N ASN A 275 -5.02 2.31 11.94
CA ASN A 275 -5.23 1.67 13.22
C ASN A 275 -6.70 1.83 13.69
N THR A 276 -7.46 0.73 13.70
CA THR A 276 -8.84 0.80 14.16
C THR A 276 -8.98 0.05 15.48
N SER A 277 -7.83 -0.18 16.12
CA SER A 277 -7.75 -0.86 17.41
C SER A 277 -8.47 -2.20 17.48
N ALA A 278 -9.53 -2.24 18.27
CA ALA A 278 -10.31 -3.46 18.46
C ALA A 278 -11.06 -3.91 17.20
N ALA A 279 -11.13 -3.06 16.19
CA ALA A 279 -11.84 -3.44 14.99
C ALA A 279 -10.89 -3.92 13.90
N SER A 280 -9.59 -3.69 14.09
CA SER A 280 -8.59 -4.07 13.10
C SER A 280 -8.61 -5.54 12.68
N ILE A 281 -8.59 -6.45 13.64
CA ILE A 281 -8.58 -7.88 13.32
C ILE A 281 -9.84 -8.41 12.65
N PRO A 282 -11.03 -8.05 13.15
CA PRO A 282 -12.25 -8.55 12.52
C PRO A 282 -12.48 -7.99 11.11
N ILE A 283 -11.97 -6.78 10.85
CA ILE A 283 -12.10 -6.17 9.52
C ILE A 283 -11.22 -6.96 8.56
N LEU A 284 -10.01 -7.24 9.02
CA LEU A 284 -9.04 -7.98 8.27
C LEU A 284 -9.56 -9.39 8.01
N LEU A 285 -10.22 -9.97 9.01
CA LEU A 285 -10.77 -11.33 8.89
C LEU A 285 -11.90 -11.39 7.88
N ASP A 286 -12.86 -10.50 8.00
CA ASP A 286 -13.99 -10.50 7.08
C ASP A 286 -13.43 -10.31 5.69
N GLU A 287 -12.51 -9.37 5.56
CA GLU A 287 -11.90 -9.07 4.27
C GLU A 287 -11.17 -10.24 3.65
N ALA A 288 -10.50 -11.03 4.48
CA ALA A 288 -9.75 -12.23 4.04
C ALA A 288 -10.73 -13.33 3.62
N VAL A 289 -11.84 -13.40 4.34
CA VAL A 289 -12.87 -14.39 4.03
C VAL A 289 -13.44 -14.04 2.68
N GLU A 290 -13.77 -12.77 2.51
CA GLU A 290 -14.32 -12.28 1.26
C GLU A 290 -13.39 -12.57 0.06
N ASN A 291 -12.10 -12.25 0.19
CA ASN A 291 -11.13 -12.47 -0.88
C ASN A 291 -10.93 -13.96 -1.12
N GLY A 292 -11.39 -14.77 -0.17
CA GLY A 292 -11.24 -16.22 -0.28
C GLY A 292 -9.93 -16.74 0.29
N THR A 293 -9.10 -15.85 0.83
CA THR A 293 -7.83 -16.27 1.41
C THR A 293 -8.10 -17.23 2.56
N LEU A 294 -9.15 -16.93 3.32
CA LEU A 294 -9.56 -17.77 4.43
C LEU A 294 -10.92 -18.29 4.02
N ILE A 295 -11.26 -19.49 4.46
CA ILE A 295 -12.53 -20.09 4.11
C ILE A 295 -13.06 -20.87 5.28
N LEU A 296 -14.21 -20.46 5.80
CA LEU A 296 -14.79 -21.15 6.95
C LEU A 296 -15.10 -22.60 6.57
N GLY A 297 -14.79 -23.52 7.47
CA GLY A 297 -15.02 -24.93 7.23
C GLY A 297 -13.78 -25.61 6.71
N SER A 298 -12.90 -24.81 6.11
CA SER A 298 -11.64 -25.27 5.52
C SER A 298 -10.73 -25.91 6.54
N GLN A 299 -10.95 -25.58 7.82
CA GLN A 299 -10.13 -26.12 8.91
C GLN A 299 -8.73 -25.55 8.97
N GLN A 300 -8.54 -24.38 8.36
CA GLN A 300 -7.24 -23.71 8.34
C GLN A 300 -6.87 -23.30 9.75
N ARG A 301 -5.61 -23.55 10.11
CA ARG A 301 -5.08 -23.19 11.42
C ARG A 301 -4.71 -21.72 11.34
N VAL A 302 -5.48 -20.95 12.09
CA VAL A 302 -5.36 -19.51 12.13
C VAL A 302 -5.15 -19.05 13.56
N VAL A 303 -4.34 -18.02 13.73
CA VAL A 303 -4.12 -17.44 15.06
C VAL A 303 -4.44 -15.94 14.97
N LEU A 304 -5.19 -15.46 15.96
CA LEU A 304 -5.60 -14.05 16.02
C LEU A 304 -4.87 -13.42 17.19
N THR A 305 -4.06 -12.42 16.94
CA THR A 305 -3.35 -11.79 18.06
C THR A 305 -3.47 -10.25 18.06
N GLY A 306 -3.81 -9.72 19.24
CA GLY A 306 -3.95 -8.29 19.39
C GLY A 306 -3.06 -7.80 20.51
N PHE A 307 -2.81 -6.50 20.55
CA PHE A 307 -1.93 -5.93 21.56
C PHE A 307 -2.09 -4.42 21.60
N GLY A 308 -1.93 -3.83 22.78
CA GLY A 308 -2.08 -2.39 22.90
C GLY A 308 -2.42 -1.89 24.29
N GLY A 309 -3.22 -0.83 24.34
CA GLY A 309 -3.60 -0.25 25.61
C GLY A 309 -3.84 -1.22 26.75
N GLY A 310 -3.21 -0.93 27.88
CA GLY A 310 -3.35 -1.78 29.05
C GLY A 310 -2.14 -1.75 29.97
N LEU A 311 -1.03 -2.34 29.54
CA LEU A 311 -0.90 -3.03 28.25
C LEU A 311 -1.61 -4.37 28.25
N THR A 312 -2.19 -4.72 27.10
CA THR A 312 -2.88 -5.98 26.94
C THR A 312 -2.43 -6.60 25.63
N TRP A 313 -2.51 -7.93 25.58
CA TRP A 313 -2.16 -8.68 24.36
C TRP A 313 -2.52 -10.13 24.58
N GLY A 314 -2.77 -10.85 23.49
CA GLY A 314 -3.13 -12.24 23.60
C GLY A 314 -3.43 -12.84 22.24
N SER A 315 -3.26 -14.16 22.13
CA SER A 315 -3.49 -14.85 20.88
C SER A 315 -4.49 -15.98 21.02
N LEU A 316 -5.15 -16.32 19.92
CA LEU A 316 -6.12 -17.40 19.92
C LEU A 316 -5.81 -18.35 18.76
N LEU A 317 -5.52 -19.60 19.07
CA LEU A 317 -5.27 -20.58 18.04
C LEU A 317 -6.58 -21.29 17.79
N LEU A 318 -7.12 -21.12 16.60
CA LEU A 318 -8.38 -21.75 16.25
C LEU A 318 -8.38 -22.25 14.81
N THR A 319 -9.29 -23.16 14.53
CA THR A 319 -9.43 -23.71 13.21
C THR A 319 -10.70 -23.14 12.61
N LEU A 320 -10.55 -22.41 11.50
CA LEU A 320 -11.69 -21.81 10.85
C LEU A 320 -12.56 -22.85 10.16
N ASN B 2 -13.33 -27.79 38.95
CA ASN B 2 -13.54 -26.73 37.92
C ASN B 2 -14.72 -25.80 38.27
N TYR B 3 -15.28 -26.01 39.47
CA TYR B 3 -16.40 -25.22 39.98
C TYR B 3 -15.93 -24.02 40.79
N ALA B 4 -16.34 -22.83 40.37
CA ALA B 4 -15.95 -21.62 41.09
C ALA B 4 -16.72 -21.44 42.39
N ARG B 5 -16.15 -20.65 43.29
CA ARG B 5 -16.76 -20.36 44.58
C ARG B 5 -16.16 -19.06 45.14
N ILE B 6 -17.00 -18.18 45.67
CA ILE B 6 -16.49 -16.94 46.24
C ILE B 6 -15.81 -17.39 47.52
N SER B 7 -14.54 -17.04 47.67
CA SER B 7 -13.81 -17.46 48.85
C SER B 7 -13.22 -16.34 49.72
N CSO B 8 -13.55 -15.10 49.41
CA CSO B 8 -13.04 -13.97 50.19
CB CSO B 8 -11.47 -13.73 50.22
SG CSO B 8 -11.10 -12.89 51.77
C CSO B 8 -13.71 -12.73 49.61
O CSO B 8 -13.87 -12.62 48.40
OD CSO B 8 -10.52 -14.14 52.77
N THR B 9 -14.25 -11.89 50.49
CA THR B 9 -14.92 -10.66 50.09
C THR B 9 -14.18 -9.48 50.70
N SER B 10 -14.39 -8.29 50.15
CA SER B 10 -13.72 -7.10 50.64
C SER B 10 -14.35 -5.88 50.01
N ARG B 11 -14.32 -4.76 50.73
CA ARG B 11 -14.90 -3.51 50.25
C ARG B 11 -14.02 -2.33 50.61
N TYR B 12 -14.31 -1.20 49.98
CA TYR B 12 -13.59 0.03 50.24
C TYR B 12 -14.35 1.21 49.67
N VAL B 13 -14.55 2.23 50.50
CA VAL B 13 -15.24 3.43 50.11
C VAL B 13 -14.46 4.64 50.63
N PRO B 14 -14.60 5.79 49.96
CA PRO B 14 -13.88 7.01 50.37
C PRO B 14 -14.23 7.36 51.83
N GLU B 15 -13.30 7.95 52.57
CA GLU B 15 -13.61 8.33 53.96
C GLU B 15 -14.66 9.43 54.00
N ASN B 16 -14.62 10.32 53.01
CA ASN B 16 -15.52 11.47 52.90
C ASN B 16 -17.00 11.06 52.97
N CSO B 17 -17.63 11.30 54.11
CA CSO B 17 -19.05 10.96 54.33
CB CSO B 17 -19.41 10.34 55.75
SG CSO B 17 -21.21 10.15 55.90
C CSO B 17 -19.86 12.26 54.11
O CSO B 17 -19.62 13.27 54.76
OD CSO B 17 -21.61 11.04 57.29
N VAL B 18 -20.88 12.14 53.26
CA VAL B 18 -21.78 13.25 52.92
C VAL B 18 -23.22 12.84 53.25
N THR B 19 -23.84 13.58 54.16
CA THR B 19 -25.20 13.27 54.58
C THR B 19 -26.25 14.01 53.75
N ASN B 20 -27.50 13.62 53.90
CA ASN B 20 -28.62 14.22 53.18
C ASN B 20 -28.78 15.67 53.64
N HIS B 21 -28.27 15.98 54.83
CA HIS B 21 -28.37 17.32 55.34
C HIS B 21 -27.39 18.27 54.64
N GLN B 22 -26.18 17.79 54.40
CA GLN B 22 -25.19 18.60 53.73
C GLN B 22 -25.67 18.90 52.29
N LEU B 23 -26.39 17.96 51.70
CA LEU B 23 -26.90 18.14 50.35
C LEU B 23 -28.08 19.10 50.29
N SER B 24 -28.96 19.03 51.29
CA SER B 24 -30.14 19.90 51.35
C SER B 24 -29.68 21.34 51.41
N GLU B 25 -28.43 21.49 51.80
CA GLU B 25 -27.78 22.77 51.95
C GLU B 25 -27.26 23.28 50.59
N MET B 26 -27.11 22.36 49.65
CA MET B 26 -26.58 22.66 48.33
C MET B 26 -27.65 22.79 47.26
N MET B 27 -28.77 22.11 47.45
CA MET B 27 -29.86 22.13 46.49
C MET B 27 -31.16 22.25 47.24
N ASP B 28 -32.27 22.30 46.49
CA ASP B 28 -33.61 22.36 47.06
C ASP B 28 -34.01 20.91 47.27
N THR B 29 -33.55 20.36 48.39
CA THR B 29 -33.83 18.98 48.74
C THR B 29 -33.78 18.87 50.26
N SER B 30 -34.30 17.78 50.80
CA SER B 30 -34.29 17.58 52.25
C SER B 30 -33.96 16.12 52.60
N ASP B 31 -33.48 15.89 53.81
CA ASP B 31 -33.16 14.54 54.21
C ASP B 31 -34.43 13.72 54.26
N GLU B 32 -35.53 14.40 54.56
CA GLU B 32 -36.85 13.77 54.65
C GLU B 32 -37.31 13.19 53.34
N TRP B 33 -37.14 13.97 52.30
CA TRP B 33 -37.53 13.53 50.98
C TRP B 33 -36.63 12.41 50.51
N ILE B 34 -35.34 12.72 50.35
CA ILE B 34 -34.37 11.74 49.90
C ILE B 34 -34.54 10.40 50.60
N HIS B 35 -34.45 10.40 51.92
CA HIS B 35 -34.56 9.18 52.67
C HIS B 35 -35.87 8.40 52.52
N SER B 36 -37.01 9.09 52.60
CA SER B 36 -38.29 8.42 52.47
C SER B 36 -38.57 7.89 51.07
N ARG B 37 -37.76 8.24 50.09
CA ARG B 37 -38.00 7.75 48.74
C ARG B 37 -36.94 6.76 48.32
N THR B 38 -35.80 6.75 49.01
CA THR B 38 -34.76 5.82 48.66
C THR B 38 -34.24 5.04 49.84
N GLY B 39 -34.29 5.65 51.02
CA GLY B 39 -33.80 5.00 52.21
C GLY B 39 -32.35 5.37 52.42
N ILE B 40 -31.89 6.30 51.59
CA ILE B 40 -30.52 6.77 51.64
C ILE B 40 -30.39 7.92 52.64
N SER B 41 -29.35 7.84 53.48
CA SER B 41 -29.10 8.87 54.49
C SER B 41 -27.75 9.55 54.26
N GLU B 42 -26.86 8.85 53.56
CA GLU B 42 -25.51 9.34 53.26
C GLU B 42 -24.78 8.55 52.14
N ARG B 43 -23.76 9.17 51.54
CA ARG B 43 -22.96 8.56 50.47
C ARG B 43 -21.49 8.75 50.79
N ARG B 44 -20.64 8.19 49.93
CA ARG B 44 -19.20 8.37 50.09
C ARG B 44 -18.77 9.05 48.81
N ILE B 45 -18.14 10.22 48.97
CA ILE B 45 -17.71 10.96 47.81
C ILE B 45 -16.21 11.17 47.88
N VAL B 46 -15.51 10.73 46.83
CA VAL B 46 -14.06 10.90 46.75
C VAL B 46 -13.69 12.38 46.77
N THR B 47 -12.46 12.64 47.22
CA THR B 47 -11.96 14.01 47.30
C THR B 47 -10.61 14.06 46.61
N GLN B 48 -9.96 12.90 46.51
CA GLN B 48 -8.65 12.80 45.86
C GLN B 48 -8.52 11.43 45.19
N GLU B 49 -9.56 10.62 45.27
CA GLU B 49 -9.52 9.27 44.70
C GLU B 49 -10.38 9.07 43.46
N ASN B 50 -9.94 8.19 42.56
CA ASN B 50 -10.69 7.85 41.37
C ASN B 50 -11.04 6.35 41.48
N THR B 51 -11.76 5.84 40.49
CA THR B 51 -12.21 4.44 40.48
C THR B 51 -11.06 3.45 40.70
N SER B 52 -9.97 3.63 39.97
CA SER B 52 -8.81 2.74 40.06
C SER B 52 -8.25 2.63 41.47
N ASP B 53 -8.20 3.76 42.16
CA ASP B 53 -7.70 3.81 43.52
C ASP B 53 -8.59 2.96 44.43
N LEU B 54 -9.90 3.12 44.30
CA LEU B 54 -10.87 2.38 45.10
C LEU B 54 -10.76 0.89 44.84
N CYS B 55 -10.67 0.50 43.57
CA CYS B 55 -10.56 -0.91 43.22
C CYS B 55 -9.25 -1.49 43.69
N HIS B 56 -8.18 -0.69 43.56
CA HIS B 56 -6.85 -1.10 44.01
C HIS B 56 -6.90 -1.57 45.47
N GLN B 57 -7.54 -0.81 46.35
CA GLN B 57 -7.67 -1.21 47.76
C GLN B 57 -8.40 -2.55 47.88
N VAL B 58 -9.56 -2.65 47.24
CA VAL B 58 -10.33 -3.88 47.31
C VAL B 58 -9.43 -5.07 46.97
N ALA B 59 -8.72 -4.98 45.86
CA ALA B 59 -7.83 -6.07 45.46
C ALA B 59 -6.80 -6.32 46.55
N LYS B 60 -6.06 -5.27 46.85
CA LYS B 60 -5.01 -5.30 47.87
C LYS B 60 -5.47 -6.10 49.07
N GLN B 61 -6.67 -5.74 49.57
CA GLN B 61 -7.27 -6.38 50.74
C GLN B 61 -7.66 -7.85 50.54
N LEU B 62 -8.12 -8.19 49.34
CA LEU B 62 -8.50 -9.58 49.09
C LEU B 62 -7.25 -10.44 49.27
N LEU B 63 -6.11 -9.95 48.79
CA LEU B 63 -4.85 -10.70 48.93
C LEU B 63 -4.43 -10.78 50.39
N GLU B 64 -4.42 -9.64 51.08
CA GLU B 64 -4.05 -9.66 52.49
C GLU B 64 -4.94 -10.69 53.19
N LYS B 65 -6.24 -10.44 53.23
CA LYS B 65 -7.19 -11.33 53.88
C LYS B 65 -6.99 -12.80 53.52
N SER B 66 -6.81 -13.07 52.23
CA SER B 66 -6.69 -14.45 51.75
C SER B 66 -5.28 -15.05 51.82
N GLY B 67 -4.28 -14.21 52.05
CA GLY B 67 -2.92 -14.71 52.11
C GLY B 67 -2.37 -15.06 50.74
N LYS B 68 -3.18 -14.87 49.70
CA LYS B 68 -2.75 -15.15 48.32
C LYS B 68 -1.70 -14.12 47.91
N GLN B 69 -0.90 -14.45 46.89
CA GLN B 69 0.10 -13.52 46.37
C GLN B 69 -0.40 -13.09 45.00
N ALA B 70 -0.21 -11.82 44.61
CA ALA B 70 -0.64 -11.31 43.31
C ALA B 70 -0.23 -12.24 42.17
N SER B 71 0.93 -12.89 42.32
CA SER B 71 1.41 -13.80 41.29
C SER B 71 0.44 -14.95 41.09
N GLU B 72 -0.42 -15.18 42.07
CA GLU B 72 -1.36 -16.29 41.99
C GLU B 72 -2.65 -15.96 41.26
N ILE B 73 -2.88 -14.67 41.00
CA ILE B 73 -4.08 -14.24 40.29
C ILE B 73 -3.96 -14.52 38.79
N ASP B 74 -4.92 -15.29 38.28
CA ASP B 74 -4.99 -15.66 36.88
C ASP B 74 -5.69 -14.62 36.03
N PHE B 75 -6.56 -13.83 36.66
CA PHE B 75 -7.27 -12.78 35.94
C PHE B 75 -7.96 -11.78 36.86
N ILE B 76 -8.34 -10.65 36.29
CA ILE B 76 -9.00 -9.58 37.01
C ILE B 76 -10.08 -8.93 36.17
N LEU B 77 -11.31 -8.92 36.68
CA LEU B 77 -12.41 -8.31 35.95
C LEU B 77 -12.98 -7.19 36.81
N VAL B 78 -13.05 -5.99 36.25
CA VAL B 78 -13.61 -4.86 36.98
C VAL B 78 -14.87 -4.43 36.27
N ALA B 79 -15.96 -4.31 37.02
CA ALA B 79 -17.22 -3.87 36.46
C ALA B 79 -17.33 -2.43 36.87
N THR B 80 -17.23 -1.53 35.91
CA THR B 80 -17.33 -0.10 36.20
C THR B 80 -17.97 0.60 35.00
N VAL B 81 -18.34 1.86 35.21
CA VAL B 81 -18.97 2.65 34.16
C VAL B 81 -18.52 4.10 34.39
N THR B 82 -17.57 4.24 35.29
CA THR B 82 -16.97 5.53 35.67
C THR B 82 -15.45 5.34 35.74
N PRO B 83 -14.87 4.58 34.80
CA PRO B 83 -13.43 4.32 34.77
C PRO B 83 -12.58 5.58 34.70
N ASP B 84 -11.29 5.42 35.04
CA ASP B 84 -10.34 6.52 35.00
C ASP B 84 -10.21 7.02 33.55
N PHE B 85 -9.87 6.10 32.63
CA PHE B 85 -9.72 6.41 31.20
C PHE B 85 -10.50 5.39 30.36
N ASN B 86 -10.62 5.67 29.07
CA ASN B 86 -11.24 4.71 28.18
C ASN B 86 -10.20 3.60 28.27
N MET B 87 -8.95 3.99 28.08
CA MET B 87 -7.83 3.07 28.16
C MET B 87 -6.68 3.80 28.84
N PRO B 88 -5.97 3.12 29.75
CA PRO B 88 -6.18 1.74 30.18
C PRO B 88 -7.51 1.48 30.88
N SER B 89 -7.78 0.21 31.15
CA SER B 89 -8.98 -0.20 31.86
C SER B 89 -8.62 -0.17 33.34
N VAL B 90 -9.60 0.04 34.19
CA VAL B 90 -9.35 0.07 35.63
C VAL B 90 -8.68 -1.26 36.02
N ALA B 91 -9.16 -2.34 35.43
CA ALA B 91 -8.61 -3.66 35.68
C ALA B 91 -7.08 -3.68 35.46
N CYS B 92 -6.63 -3.10 34.35
CA CYS B 92 -5.20 -3.07 34.04
C CYS B 92 -4.43 -2.20 35.02
N GLN B 93 -5.05 -1.11 35.45
CA GLN B 93 -4.38 -0.24 36.39
C GLN B 93 -4.25 -1.03 37.70
N VAL B 94 -5.32 -1.69 38.09
CA VAL B 94 -5.32 -2.48 39.30
C VAL B 94 -4.28 -3.58 39.18
N GLN B 95 -4.22 -4.20 37.99
CA GLN B 95 -3.27 -5.28 37.76
C GLN B 95 -1.85 -4.84 37.99
N GLY B 96 -1.48 -3.70 37.42
CA GLY B 96 -0.13 -3.21 37.62
C GLY B 96 0.08 -2.69 39.03
N ALA B 97 -0.98 -2.15 39.62
CA ALA B 97 -0.91 -1.60 40.96
C ALA B 97 -0.59 -2.64 42.03
N ILE B 98 -1.07 -3.86 41.86
CA ILE B 98 -0.84 -4.89 42.86
C ILE B 98 0.23 -5.88 42.41
N GLY B 99 0.77 -5.62 41.22
CA GLY B 99 1.80 -6.48 40.68
C GLY B 99 1.34 -7.87 40.34
N ALA B 100 0.09 -7.99 39.88
CA ALA B 100 -0.47 -9.28 39.48
C ALA B 100 0.02 -9.57 38.07
N THR B 101 1.33 -9.69 37.93
CA THR B 101 1.96 -9.92 36.63
C THR B 101 1.44 -11.12 35.85
N GLU B 102 0.93 -12.12 36.57
CA GLU B 102 0.44 -13.34 35.95
C GLU B 102 -1.01 -13.34 35.48
N ALA B 103 -1.70 -12.23 35.69
CA ALA B 103 -3.11 -12.16 35.29
C ALA B 103 -3.33 -11.20 34.14
N PHE B 104 -4.38 -11.48 33.36
CA PHE B 104 -4.77 -10.62 32.26
C PHE B 104 -6.01 -9.96 32.80
N ALA B 105 -6.39 -8.80 32.27
CA ALA B 105 -7.56 -8.13 32.81
C ALA B 105 -8.27 -7.18 31.86
N PHE B 106 -9.47 -6.79 32.25
CA PHE B 106 -10.29 -5.87 31.48
C PHE B 106 -11.54 -5.50 32.27
N ASP B 107 -12.18 -4.41 31.88
CA ASP B 107 -13.38 -3.93 32.54
C ASP B 107 -14.57 -4.45 31.73
N ILE B 108 -15.72 -4.53 32.38
CA ILE B 108 -16.93 -4.95 31.71
C ILE B 108 -17.90 -3.80 31.87
N SER B 109 -18.52 -3.41 30.76
CA SER B 109 -19.47 -2.32 30.78
C SER B 109 -20.92 -2.82 30.77
N ALA B 110 -21.51 -2.92 31.95
CA ALA B 110 -22.89 -3.38 32.10
C ALA B 110 -23.62 -2.62 33.22
N ALA B 111 -23.26 -1.35 33.38
CA ALA B 111 -23.88 -0.49 34.39
C ALA B 111 -24.06 -1.13 35.77
N CYS B 112 -25.26 -0.96 36.31
CA CYS B 112 -25.61 -1.48 37.62
C CYS B 112 -25.78 -2.98 37.66
N SER B 113 -25.54 -3.65 36.54
CA SER B 113 -25.64 -5.10 36.47
C SER B 113 -24.24 -5.66 36.28
N GLY B 114 -23.29 -4.73 36.13
CA GLY B 114 -21.90 -5.10 35.94
C GLY B 114 -21.32 -6.13 36.88
N PHE B 115 -21.70 -6.15 38.15
CA PHE B 115 -21.12 -7.15 39.04
C PHE B 115 -21.68 -8.54 38.79
N VAL B 116 -23.00 -8.64 38.66
CA VAL B 116 -23.61 -9.93 38.39
C VAL B 116 -23.12 -10.47 37.03
N TYR B 117 -23.02 -9.58 36.06
CA TYR B 117 -22.53 -9.95 34.74
C TYR B 117 -21.09 -10.41 34.83
N ALA B 118 -20.24 -9.56 35.39
CA ALA B 118 -18.82 -9.84 35.54
C ALA B 118 -18.58 -11.13 36.32
N LEU B 119 -19.31 -11.29 37.41
CA LEU B 119 -19.18 -12.46 38.24
C LEU B 119 -19.47 -13.71 37.41
N SER B 120 -20.60 -13.69 36.70
CA SER B 120 -20.96 -14.81 35.86
C SER B 120 -19.83 -15.14 34.92
N MET B 121 -19.28 -14.11 34.30
CA MET B 121 -18.17 -14.24 33.37
C MET B 121 -17.02 -15.03 33.97
N ALA B 122 -16.65 -14.68 35.19
CA ALA B 122 -15.58 -15.36 35.91
C ALA B 122 -15.89 -16.85 36.05
N GLU B 123 -17.14 -17.13 36.41
CA GLU B 123 -17.60 -18.50 36.57
C GLU B 123 -17.19 -19.34 35.36
N LYS B 124 -17.56 -18.88 34.18
CA LYS B 124 -17.25 -19.57 32.94
C LYS B 124 -15.75 -19.74 32.77
N LEU B 125 -15.00 -18.68 33.04
CA LEU B 125 -13.56 -18.73 32.90
C LEU B 125 -12.97 -19.86 33.73
N VAL B 126 -13.44 -19.97 34.97
CA VAL B 126 -12.95 -21.02 35.84
C VAL B 126 -13.41 -22.38 35.35
N LEU B 127 -14.71 -22.46 35.03
CA LEU B 127 -15.32 -23.69 34.53
C LEU B 127 -14.59 -24.21 33.28
N SER B 128 -13.98 -23.30 32.53
CA SER B 128 -13.24 -23.67 31.32
C SER B 128 -12.00 -24.48 31.66
N GLY B 129 -11.64 -24.49 32.94
CA GLY B 129 -10.48 -25.24 33.37
C GLY B 129 -9.15 -24.57 33.02
N ARG B 130 -9.22 -23.42 32.36
CA ARG B 130 -8.00 -22.73 31.96
C ARG B 130 -7.54 -21.73 33.02
N TYR B 131 -8.47 -21.34 33.87
CA TYR B 131 -8.16 -20.38 34.93
C TYR B 131 -8.81 -20.84 36.22
N GLN B 132 -8.12 -20.64 37.34
CA GLN B 132 -8.67 -21.07 38.62
C GLN B 132 -8.63 -20.03 39.74
N THR B 133 -8.09 -18.85 39.45
CA THR B 133 -8.06 -17.79 40.46
C THR B 133 -8.26 -16.43 39.79
N GLY B 134 -9.10 -15.60 40.40
CA GLY B 134 -9.35 -14.30 39.83
C GLY B 134 -10.01 -13.33 40.79
N LEU B 135 -10.01 -12.05 40.41
CA LEU B 135 -10.63 -11.04 41.23
C LEU B 135 -11.73 -10.35 40.44
N VAL B 136 -12.94 -10.35 41.00
CA VAL B 136 -14.06 -9.66 40.35
C VAL B 136 -14.41 -8.50 41.27
N ILE B 137 -14.14 -7.29 40.78
CA ILE B 137 -14.39 -6.07 41.55
C ILE B 137 -15.36 -5.12 40.87
N GLY B 138 -16.28 -4.58 41.64
CA GLY B 138 -17.24 -3.63 41.11
C GLY B 138 -16.89 -2.29 41.74
N GLY B 139 -16.44 -1.34 40.93
CA GLY B 139 -16.08 -0.05 41.48
C GLY B 139 -16.63 1.10 40.68
N GLU B 140 -16.93 2.20 41.37
CA GLU B 140 -17.51 3.39 40.74
C GLU B 140 -17.21 4.72 41.45
N THR B 141 -17.25 5.81 40.68
CA THR B 141 -17.06 7.16 41.22
C THR B 141 -17.99 8.10 40.43
N PHE B 142 -19.28 8.01 40.74
CA PHE B 142 -20.28 8.83 40.09
C PHE B 142 -20.16 10.32 40.41
N SER B 143 -19.67 10.66 41.59
CA SER B 143 -19.55 12.06 41.96
C SER B 143 -19.02 12.93 40.81
N LYS B 144 -18.11 12.39 40.00
CA LYS B 144 -17.55 13.17 38.90
C LYS B 144 -18.47 13.29 37.71
N MET B 145 -19.43 12.36 37.60
CA MET B 145 -20.36 12.33 36.47
C MET B 145 -21.60 13.17 36.71
N LEU B 146 -21.96 13.33 37.97
CA LEU B 146 -23.15 14.06 38.35
C LEU B 146 -23.12 15.58 38.21
N ASP B 147 -24.31 16.12 37.97
CA ASP B 147 -24.53 17.54 37.88
C ASP B 147 -25.05 17.82 39.29
N TRP B 148 -24.21 18.39 40.15
CA TRP B 148 -24.59 18.66 41.53
C TRP B 148 -25.59 19.78 41.76
N THR B 149 -26.33 20.13 40.73
CA THR B 149 -27.35 21.17 40.85
C THR B 149 -28.69 20.53 40.49
N ASP B 150 -28.61 19.36 39.87
CA ASP B 150 -29.80 18.62 39.50
C ASP B 150 -30.10 17.68 40.65
N ARG B 151 -31.04 18.11 41.50
CA ARG B 151 -31.45 17.34 42.67
C ARG B 151 -32.07 16.02 42.28
N SER B 152 -32.45 15.93 41.01
CA SER B 152 -33.06 14.72 40.48
C SER B 152 -32.13 13.52 40.55
N THR B 153 -30.84 13.75 40.35
CA THR B 153 -29.87 12.67 40.36
C THR B 153 -28.74 12.82 41.38
N ALA B 154 -28.38 14.06 41.69
CA ALA B 154 -27.29 14.33 42.61
C ALA B 154 -27.44 13.67 43.98
N VAL B 155 -28.68 13.46 44.42
CA VAL B 155 -28.93 12.86 45.73
C VAL B 155 -28.92 11.33 45.78
N LEU B 156 -28.81 10.69 44.62
CA LEU B 156 -28.86 9.23 44.56
C LEU B 156 -27.56 8.44 44.54
N PHE B 157 -26.58 8.92 43.77
CA PHE B 157 -25.33 8.18 43.61
C PHE B 157 -24.17 8.49 44.51
N GLY B 158 -23.42 7.44 44.84
CA GLY B 158 -22.26 7.56 45.69
C GLY B 158 -21.07 6.86 45.06
N ASP B 159 -19.92 7.03 45.69
CA ASP B 159 -18.70 6.41 45.20
C ASP B 159 -18.42 5.16 46.02
N GLY B 160 -17.65 4.24 45.45
CA GLY B 160 -17.31 3.04 46.18
C GLY B 160 -16.85 1.85 45.34
N ALA B 161 -16.25 0.87 46.02
CA ALA B 161 -15.78 -0.33 45.34
C ALA B 161 -15.80 -1.49 46.31
N ALA B 162 -15.98 -2.68 45.76
CA ALA B 162 -16.02 -3.90 46.54
C ALA B 162 -15.89 -5.05 45.54
N GLY B 163 -15.39 -6.18 46.02
CA GLY B 163 -15.22 -7.31 45.13
C GLY B 163 -15.05 -8.59 45.91
N VAL B 164 -14.76 -9.67 45.18
CA VAL B 164 -14.57 -10.98 45.78
C VAL B 164 -13.40 -11.71 45.14
N LEU B 165 -12.80 -12.62 45.90
CA LEU B 165 -11.69 -13.43 45.42
C LEU B 165 -12.41 -14.72 45.03
N ILE B 166 -12.27 -15.12 43.77
CA ILE B 166 -12.93 -16.32 43.29
C ILE B 166 -11.94 -17.39 42.85
N GLU B 167 -12.14 -18.61 43.32
CA GLU B 167 -11.28 -19.74 42.97
C GLU B 167 -12.08 -21.03 42.75
N ALA B 168 -11.50 -21.93 41.97
CA ALA B 168 -12.11 -23.21 41.64
C ALA B 168 -12.24 -24.11 42.85
N ALA B 169 -13.32 -24.87 42.88
CA ALA B 169 -13.61 -25.80 43.98
C ALA B 169 -14.00 -27.15 43.42
N GLU B 170 -14.12 -28.12 44.33
CA GLU B 170 -14.47 -29.51 43.99
C GLU B 170 -15.98 -29.67 43.89
N THR B 171 -16.70 -28.76 44.52
CA THR B 171 -18.17 -28.77 44.55
C THR B 171 -18.75 -27.52 43.90
N PRO B 172 -19.88 -27.66 43.19
CA PRO B 172 -20.55 -26.55 42.52
C PRO B 172 -21.25 -25.57 43.45
N HIS B 173 -21.08 -24.28 43.16
CA HIS B 173 -21.68 -23.22 43.95
C HIS B 173 -22.65 -22.38 43.12
N PHE B 174 -22.25 -22.07 41.90
CA PHE B 174 -23.07 -21.27 41.00
C PHE B 174 -24.11 -22.16 40.38
N LEU B 175 -25.22 -22.32 41.09
CA LEU B 175 -26.31 -23.18 40.67
C LEU B 175 -26.99 -22.82 39.37
N ASN B 176 -27.58 -21.63 39.32
CA ASN B 176 -28.29 -21.22 38.12
C ASN B 176 -28.22 -19.69 37.94
N GLU B 177 -28.39 -19.22 36.70
CA GLU B 177 -28.31 -17.79 36.42
C GLU B 177 -29.22 -17.36 35.27
N LYS B 178 -29.56 -16.06 35.24
CA LYS B 178 -30.37 -15.50 34.17
C LYS B 178 -29.97 -14.04 33.88
N LEU B 179 -29.27 -13.82 32.77
CA LEU B 179 -28.82 -12.49 32.40
C LEU B 179 -29.71 -11.91 31.27
N GLN B 180 -30.16 -10.68 31.47
CA GLN B 180 -31.02 -10.02 30.50
C GLN B 180 -30.63 -8.58 30.17
N ALA B 181 -31.21 -8.05 29.10
CA ALA B 181 -30.96 -6.70 28.68
C ALA B 181 -32.09 -6.25 27.74
N ASP B 182 -32.28 -4.93 27.61
CA ASP B 182 -33.31 -4.31 26.74
C ASP B 182 -32.81 -2.97 26.20
N GLY B 183 -31.95 -3.05 25.19
CA GLY B 183 -31.38 -1.86 24.62
C GLY B 183 -32.38 -0.90 24.02
N GLN B 184 -33.67 -1.25 24.04
CA GLN B 184 -34.68 -0.36 23.46
C GLN B 184 -35.12 0.77 24.38
N ARG B 185 -34.62 0.72 25.61
CA ARG B 185 -34.88 1.73 26.61
C ARG B 185 -33.54 2.25 27.13
N TRP B 186 -32.48 2.08 26.35
CA TRP B 186 -31.16 2.53 26.77
C TRP B 186 -31.18 3.98 27.22
N THR B 187 -32.07 4.76 26.63
CA THR B 187 -32.22 6.18 26.91
C THR B 187 -32.64 6.47 28.38
N ALA B 188 -33.25 5.49 29.03
CA ALA B 188 -33.69 5.61 30.43
C ALA B 188 -32.59 6.06 31.42
N LEU B 189 -31.37 5.60 31.24
CA LEU B 189 -30.28 5.97 32.12
C LEU B 189 -29.00 6.03 31.31
N THR B 190 -28.41 7.22 31.26
CA THR B 190 -27.21 7.44 30.46
C THR B 190 -26.22 8.43 31.08
N SER B 191 -24.94 8.21 30.85
CA SER B 191 -23.92 9.11 31.35
C SER B 191 -22.67 8.97 30.48
N GLY B 192 -21.75 9.91 30.64
CA GLY B 192 -20.49 9.88 29.91
C GLY B 192 -20.49 10.03 28.41
N TYR B 193 -21.48 10.70 27.84
CA TYR B 193 -21.50 10.87 26.41
C TYR B 193 -20.35 11.75 25.98
N THR B 194 -19.44 11.20 25.18
CA THR B 194 -18.31 11.98 24.69
C THR B 194 -18.63 12.39 23.27
N ILE B 195 -18.67 13.70 23.02
CA ILE B 195 -18.99 14.24 21.70
C ILE B 195 -17.79 14.27 20.78
N ASN B 196 -18.04 14.04 19.50
CA ASN B 196 -17.00 14.02 18.48
C ASN B 196 -16.74 15.45 18.00
N GLU B 197 -15.53 15.96 18.24
CA GLU B 197 -15.22 17.31 17.80
C GLU B 197 -14.11 17.31 16.74
N SER B 198 -14.02 16.27 15.93
CA SER B 198 -12.96 16.20 14.92
C SER B 198 -13.31 17.14 13.78
N PRO B 199 -12.28 17.53 13.00
CA PRO B 199 -12.52 18.44 11.87
C PRO B 199 -13.36 17.81 10.76
N PHE B 200 -13.54 16.49 10.82
CA PHE B 200 -14.30 15.80 9.79
C PHE B 200 -15.76 15.61 10.17
N TYR B 201 -16.03 15.46 11.46
CA TYR B 201 -17.39 15.26 11.93
C TYR B 201 -18.28 16.43 11.56
N GLN B 202 -19.43 16.14 10.99
CA GLN B 202 -20.33 17.21 10.60
C GLN B 202 -21.65 17.14 11.35
N GLY B 203 -21.97 15.95 11.85
CA GLY B 203 -23.23 15.76 12.57
C GLY B 203 -23.41 16.79 13.65
N HIS B 204 -24.66 17.02 14.05
CA HIS B 204 -24.95 18.02 15.10
C HIS B 204 -25.47 17.40 16.41
N LYS B 205 -25.06 16.18 16.73
CA LYS B 205 -25.52 15.50 17.96
C LYS B 205 -25.20 16.24 19.26
N SER B 208 -23.70 16.97 26.60
CA SER B 208 -24.09 16.50 27.93
C SER B 208 -23.23 15.32 28.38
N LYS B 209 -22.22 15.62 29.19
CA LYS B 209 -21.30 14.61 29.70
C LYS B 209 -21.84 13.98 30.99
N THR B 210 -22.66 14.74 31.70
CA THR B 210 -23.22 14.30 32.97
C THR B 210 -24.41 13.36 32.89
N LEU B 211 -24.50 12.52 33.91
CA LEU B 211 -25.53 11.51 34.04
C LEU B 211 -26.95 12.07 34.04
N GLN B 212 -27.85 11.34 33.39
CA GLN B 212 -29.23 11.71 33.32
C GLN B 212 -30.06 10.43 33.32
N MET B 213 -31.24 10.46 33.94
CA MET B 213 -32.07 9.27 33.95
C MET B 213 -33.55 9.55 34.11
N GLU B 214 -34.35 8.61 33.64
CA GLU B 214 -35.79 8.69 33.71
C GLU B 214 -36.25 7.92 34.92
N GLY B 215 -36.61 8.66 35.97
CA GLY B 215 -37.02 8.05 37.20
C GLY B 215 -38.06 6.94 37.10
N ARG B 216 -39.30 7.31 36.79
CA ARG B 216 -40.40 6.34 36.70
C ARG B 216 -40.15 5.18 35.73
N SER B 217 -39.50 5.48 34.60
CA SER B 217 -39.20 4.45 33.62
C SER B 217 -38.47 3.29 34.31
N ILE B 218 -37.34 3.62 34.93
CA ILE B 218 -36.52 2.63 35.64
C ILE B 218 -37.22 2.01 36.85
N PHE B 219 -37.99 2.83 37.56
CA PHE B 219 -38.73 2.36 38.72
C PHE B 219 -39.66 1.23 38.26
N ASP B 220 -40.63 1.59 37.41
CA ASP B 220 -41.61 0.66 36.86
C ASP B 220 -40.96 -0.56 36.22
N PHE B 221 -39.85 -0.32 35.52
CA PHE B 221 -39.11 -1.38 34.87
C PHE B 221 -38.55 -2.37 35.87
N ALA B 222 -37.84 -1.87 36.88
CA ALA B 222 -37.25 -2.73 37.90
C ALA B 222 -38.32 -3.61 38.53
N ILE B 223 -39.32 -2.99 39.14
CA ILE B 223 -40.39 -3.73 39.80
C ILE B 223 -40.99 -4.86 38.95
N LYS B 224 -41.25 -4.58 37.67
CA LYS B 224 -41.87 -5.56 36.78
C LYS B 224 -40.93 -6.63 36.25
N ASP B 225 -39.92 -6.19 35.51
CA ASP B 225 -38.93 -7.10 34.89
C ASP B 225 -37.96 -7.81 35.84
N VAL B 226 -37.59 -7.16 36.94
CA VAL B 226 -36.66 -7.78 37.87
C VAL B 226 -37.36 -8.88 38.65
N SER B 227 -38.56 -8.60 39.15
CA SER B 227 -39.32 -9.59 39.90
C SER B 227 -39.49 -10.88 39.09
N GLN B 228 -39.75 -10.71 37.79
CA GLN B 228 -39.93 -11.85 36.89
C GLN B 228 -38.62 -12.61 36.79
N ASN B 229 -37.53 -11.88 36.65
CA ASN B 229 -36.18 -12.45 36.55
C ASN B 229 -35.80 -13.29 37.79
N ILE B 230 -36.04 -12.74 38.97
CA ILE B 230 -35.74 -13.41 40.21
C ILE B 230 -36.55 -14.69 40.38
N LEU B 231 -37.83 -14.64 40.05
CA LEU B 231 -38.70 -15.81 40.16
C LEU B 231 -38.30 -16.92 39.17
N SER B 232 -37.50 -16.54 38.19
CA SER B 232 -37.02 -17.50 37.19
C SER B 232 -36.13 -18.50 37.90
N LEU B 233 -35.34 -17.99 38.85
CA LEU B 233 -34.40 -18.83 39.57
C LEU B 233 -34.91 -19.45 40.85
N VAL B 234 -35.65 -18.68 41.64
CA VAL B 234 -36.14 -19.19 42.91
C VAL B 234 -37.52 -18.74 43.34
N THR B 235 -37.91 -19.23 44.52
CA THR B 235 -39.18 -18.90 45.16
C THR B 235 -38.86 -18.77 46.64
N ASP B 236 -39.67 -17.98 47.34
CA ASP B 236 -39.50 -17.75 48.76
C ASP B 236 -38.89 -18.93 49.52
N GLU B 237 -39.35 -20.15 49.24
CA GLU B 237 -38.84 -21.32 49.95
C GLU B 237 -37.51 -21.86 49.47
N THR B 238 -37.12 -21.50 48.26
CA THR B 238 -35.85 -22.00 47.73
C THR B 238 -34.72 -21.00 47.76
N VAL B 239 -34.87 -19.97 48.59
CA VAL B 239 -33.84 -18.94 48.70
C VAL B 239 -33.69 -18.52 50.15
N ASP B 240 -32.48 -18.19 50.57
CA ASP B 240 -32.27 -17.72 51.94
C ASP B 240 -32.09 -16.21 51.96
N TYR B 241 -31.25 -15.69 51.06
CA TYR B 241 -31.01 -14.26 50.99
C TYR B 241 -30.90 -13.72 49.58
N LEU B 242 -31.27 -12.46 49.40
CA LEU B 242 -31.18 -11.81 48.10
C LEU B 242 -30.47 -10.47 48.20
N LEU B 243 -29.44 -10.30 47.40
CA LEU B 243 -28.68 -9.05 47.40
C LEU B 243 -28.90 -8.36 46.07
N LEU B 244 -29.81 -7.39 46.07
CA LEU B 244 -30.16 -6.67 44.86
C LEU B 244 -29.41 -5.34 44.77
N HIS B 245 -29.41 -4.77 43.57
CA HIS B 245 -28.77 -3.48 43.35
C HIS B 245 -29.43 -2.52 44.34
N GLN B 246 -28.61 -1.79 45.08
CA GLN B 246 -29.11 -0.88 46.11
C GLN B 246 -29.53 0.52 45.66
N ALA B 247 -30.38 0.57 44.65
CA ALA B 247 -30.87 1.82 44.11
C ALA B 247 -31.87 2.54 45.04
N SER B 248 -32.98 1.88 45.34
CA SER B 248 -34.01 2.46 46.20
C SER B 248 -34.64 1.36 47.05
N VAL B 249 -34.86 1.64 48.33
CA VAL B 249 -35.46 0.66 49.22
C VAL B 249 -36.91 0.41 48.83
N ARG B 250 -37.59 1.47 48.38
CA ARG B 250 -38.98 1.38 47.96
C ARG B 250 -39.06 0.37 46.82
N ILE B 251 -38.02 0.30 46.00
CA ILE B 251 -38.01 -0.63 44.89
C ILE B 251 -37.91 -2.06 45.42
N ILE B 252 -36.98 -2.27 46.35
CA ILE B 252 -36.78 -3.58 46.95
C ILE B 252 -38.07 -3.98 47.67
N ASP B 253 -38.75 -3.01 48.27
CA ASP B 253 -40.03 -3.29 48.95
C ASP B 253 -41.06 -3.86 47.96
N LYS B 254 -41.31 -3.11 46.89
CA LYS B 254 -42.26 -3.51 45.86
C LYS B 254 -41.89 -4.87 45.25
N ILE B 255 -40.60 -5.14 45.14
CA ILE B 255 -40.18 -6.42 44.57
C ILE B 255 -40.44 -7.54 45.54
N ALA B 256 -40.05 -7.35 46.79
CA ALA B 256 -40.26 -8.37 47.79
C ALA B 256 -41.75 -8.72 47.81
N ARG B 257 -42.63 -7.70 47.65
CA ARG B 257 -44.08 -7.93 47.64
C ARG B 257 -44.47 -8.82 46.46
N LYS B 258 -44.46 -8.25 45.27
CA LYS B 258 -44.81 -8.99 44.07
C LYS B 258 -44.15 -10.34 44.04
N THR B 259 -42.89 -10.38 44.43
CA THR B 259 -42.12 -11.60 44.42
C THR B 259 -42.64 -12.63 45.42
N LYS B 260 -43.27 -12.14 46.47
CA LYS B 260 -43.85 -12.96 47.53
C LYS B 260 -42.76 -13.63 48.38
N ILE B 261 -41.57 -13.04 48.37
CA ILE B 261 -40.44 -13.56 49.13
C ILE B 261 -40.26 -12.74 50.40
N SER B 262 -40.09 -13.43 51.53
CA SER B 262 -39.92 -12.77 52.83
C SER B 262 -38.99 -11.54 52.71
N ARG B 263 -39.55 -10.36 53.02
CA ARG B 263 -38.82 -9.09 52.95
C ARG B 263 -37.50 -9.09 53.74
N GLU B 264 -37.48 -9.80 54.86
CA GLU B 264 -36.27 -9.85 55.66
C GLU B 264 -35.13 -10.58 54.95
N LYS B 265 -35.40 -11.08 53.75
CA LYS B 265 -34.42 -11.80 52.95
C LYS B 265 -33.69 -10.87 52.00
N PHE B 266 -34.25 -9.68 51.80
CA PHE B 266 -33.66 -8.67 50.92
C PHE B 266 -32.82 -7.75 51.81
N LEU B 267 -31.51 -7.97 51.80
CA LEU B 267 -30.61 -7.16 52.60
C LEU B 267 -30.43 -5.74 52.04
N THR B 268 -30.52 -4.76 52.92
CA THR B 268 -30.42 -3.35 52.55
C THR B 268 -29.15 -2.67 52.99
N ASN B 269 -28.79 -1.62 52.28
CA ASN B 269 -27.53 -0.98 52.56
C ASN B 269 -27.41 0.48 52.09
N MET B 270 -28.31 0.89 51.19
CA MET B 270 -28.30 2.24 50.62
C MET B 270 -28.32 3.39 51.61
N ASP B 271 -28.73 3.12 52.84
CA ASP B 271 -28.78 4.17 53.86
C ASP B 271 -27.40 4.74 54.12
N LYS B 272 -26.37 3.94 53.94
CA LYS B 272 -25.02 4.39 54.21
C LYS B 272 -24.20 4.70 52.98
N TYR B 273 -24.59 4.17 51.84
CA TYR B 273 -23.80 4.37 50.63
C TYR B 273 -24.50 4.92 49.40
N GLY B 274 -25.83 4.90 49.40
CA GLY B 274 -26.58 5.39 48.24
C GLY B 274 -26.40 4.44 47.07
N ASN B 275 -26.75 4.86 45.86
CA ASN B 275 -26.59 4.00 44.68
C ASN B 275 -25.16 4.05 44.12
N THR B 276 -24.38 2.99 44.37
CA THR B 276 -22.98 2.90 43.90
C THR B 276 -22.91 2.02 42.66
N SER B 277 -24.06 1.82 42.04
CA SER B 277 -24.18 1.02 40.83
C SER B 277 -23.55 -0.35 40.91
N ALA B 278 -22.50 -0.57 40.14
CA ALA B 278 -21.82 -1.85 40.08
C ALA B 278 -21.13 -2.26 41.37
N ALA B 279 -20.97 -1.31 42.30
CA ALA B 279 -20.30 -1.64 43.56
C ALA B 279 -21.31 -1.92 44.66
N SER B 280 -22.57 -1.60 44.42
CA SER B 280 -23.61 -1.78 45.43
C SER B 280 -23.72 -3.19 46.02
N ILE B 281 -23.84 -4.18 45.14
CA ILE B 281 -23.96 -5.57 45.59
C ILE B 281 -22.76 -6.12 46.35
N PRO B 282 -21.54 -5.95 45.81
CA PRO B 282 -20.36 -6.48 46.52
C PRO B 282 -20.09 -5.79 47.87
N ILE B 283 -20.48 -4.53 48.01
CA ILE B 283 -20.29 -3.80 49.26
C ILE B 283 -21.25 -4.42 50.28
N LEU B 284 -22.48 -4.64 49.83
CA LEU B 284 -23.53 -5.23 50.65
C LEU B 284 -23.13 -6.64 51.07
N LEU B 285 -22.53 -7.38 50.13
CA LEU B 285 -22.10 -8.75 50.38
C LEU B 285 -20.96 -8.81 51.39
N ASP B 286 -19.94 -7.97 51.19
CA ASP B 286 -18.82 -7.96 52.12
C ASP B 286 -19.32 -7.51 53.49
N GLU B 287 -20.26 -6.59 53.51
CA GLU B 287 -20.81 -6.09 54.77
C GLU B 287 -21.60 -7.19 55.51
N ALA B 288 -22.38 -7.97 54.75
CA ALA B 288 -23.20 -9.05 55.29
C ALA B 288 -22.34 -10.19 55.82
N VAL B 289 -21.23 -10.44 55.13
CA VAL B 289 -20.30 -11.46 55.54
C VAL B 289 -19.65 -11.01 56.85
N GLU B 290 -19.16 -9.77 56.88
CA GLU B 290 -18.54 -9.23 58.08
C GLU B 290 -19.49 -9.37 59.27
N ASN B 291 -20.73 -8.93 59.05
CA ASN B 291 -21.79 -8.97 60.07
C ASN B 291 -22.20 -10.37 60.44
N GLY B 292 -21.75 -11.33 59.65
CA GLY B 292 -22.08 -12.71 59.95
C GLY B 292 -23.43 -13.17 59.46
N THR B 293 -24.18 -12.28 58.82
CA THR B 293 -25.49 -12.63 58.29
C THR B 293 -25.30 -13.72 57.24
N LEU B 294 -24.22 -13.60 56.47
CA LEU B 294 -23.87 -14.59 55.45
C LEU B 294 -22.56 -15.16 55.92
N ILE B 295 -22.32 -16.43 55.59
CA ILE B 295 -21.11 -17.09 56.03
C ILE B 295 -20.64 -18.03 54.94
N LEU B 296 -19.46 -17.78 54.41
CA LEU B 296 -18.94 -18.63 53.35
C LEU B 296 -18.77 -20.05 53.87
N GLY B 297 -19.17 -21.01 53.04
CA GLY B 297 -19.07 -22.42 53.42
C GLY B 297 -20.37 -22.93 54.02
N SER B 298 -21.16 -21.99 54.54
CA SER B 298 -22.44 -22.29 55.16
C SER B 298 -23.42 -22.92 54.16
N GLN B 299 -23.20 -22.65 52.87
CA GLN B 299 -24.07 -23.15 51.81
C GLN B 299 -25.47 -22.55 51.83
N GLN B 300 -25.58 -21.25 52.02
CA GLN B 300 -26.89 -20.61 52.07
C GLN B 300 -27.34 -20.32 50.64
N ARG B 301 -28.64 -20.43 50.42
CA ARG B 301 -29.20 -20.16 49.10
C ARG B 301 -29.20 -18.65 48.94
N VAL B 302 -28.29 -18.14 48.13
CA VAL B 302 -28.20 -16.71 47.91
C VAL B 302 -28.34 -16.36 46.44
N VAL B 303 -29.07 -15.29 46.16
CA VAL B 303 -29.25 -14.84 44.80
C VAL B 303 -28.78 -13.37 44.73
N LEU B 304 -28.01 -13.06 43.69
CA LEU B 304 -27.47 -11.72 43.49
C LEU B 304 -28.13 -11.16 42.27
N THR B 305 -28.84 -10.04 42.40
CA THR B 305 -29.52 -9.47 41.24
C THR B 305 -29.26 -7.98 41.07
N GLY B 306 -28.88 -7.61 39.85
CA GLY B 306 -28.60 -6.22 39.53
C GLY B 306 -29.46 -5.76 38.38
N PHE B 307 -29.60 -4.45 38.22
CA PHE B 307 -30.42 -3.89 37.16
C PHE B 307 -30.11 -2.40 36.98
N GLY B 308 -30.22 -1.92 35.74
CA GLY B 308 -29.94 -0.52 35.48
C GLY B 308 -29.57 -0.21 34.04
N GLY B 309 -28.67 0.74 33.88
CA GLY B 309 -28.21 1.18 32.57
C GLY B 309 -28.09 0.10 31.52
N GLY B 310 -28.69 0.33 30.36
CA GLY B 310 -28.63 -0.65 29.29
C GLY B 310 -29.83 -0.61 28.38
N LEU B 311 -30.98 -1.07 28.84
CA LEU B 311 -31.18 -1.61 30.18
C LEU B 311 -30.58 -2.99 30.34
N THR B 312 -30.03 -3.26 31.52
CA THR B 312 -29.44 -4.55 31.84
C THR B 312 -29.95 -5.01 33.19
N TRP B 313 -29.97 -6.32 33.39
CA TRP B 313 -30.40 -6.91 34.65
C TRP B 313 -30.18 -8.41 34.58
N GLY B 314 -30.02 -9.03 35.74
CA GLY B 314 -29.77 -10.45 35.77
C GLY B 314 -29.51 -10.94 37.18
N SER B 315 -29.79 -12.21 37.43
CA SER B 315 -29.63 -12.79 38.75
C SER B 315 -28.71 -14.00 38.73
N LEU B 316 -28.11 -14.29 39.88
CA LEU B 316 -27.23 -15.44 39.99
C LEU B 316 -27.63 -16.24 41.22
N LEU B 317 -28.04 -17.49 41.02
CA LEU B 317 -28.38 -18.34 42.15
C LEU B 317 -27.13 -19.15 42.50
N LEU B 318 -26.57 -18.88 43.67
CA LEU B 318 -25.38 -19.59 44.09
C LEU B 318 -25.42 -19.92 45.56
N THR B 319 -24.61 -20.90 45.94
CA THR B 319 -24.51 -21.33 47.32
C THR B 319 -23.19 -20.82 47.87
N LEU B 320 -23.28 -19.97 48.89
CA LEU B 320 -22.09 -19.40 49.51
C LEU B 320 -21.32 -20.44 50.30
N ASN C 2 34.93 21.14 -27.72
CA ASN C 2 33.61 20.46 -27.62
C ASN C 2 33.01 20.14 -29.00
N TYR C 3 33.65 20.65 -30.06
CA TYR C 3 33.20 20.38 -31.41
C TYR C 3 33.54 18.95 -31.81
N ALA C 4 32.51 18.16 -32.10
CA ALA C 4 32.73 16.78 -32.48
C ALA C 4 33.27 16.68 -33.90
N ARG C 5 33.83 15.51 -34.23
CA ARG C 5 34.37 15.25 -35.55
C ARG C 5 34.48 13.74 -35.67
N ILE C 6 34.26 13.21 -36.87
CA ILE C 6 34.40 11.78 -37.08
C ILE C 6 35.90 11.59 -37.23
N SER C 7 36.48 10.71 -36.44
CA SER C 7 37.92 10.50 -36.50
C SER C 7 38.38 9.08 -36.83
N CSO C 8 37.44 8.20 -37.14
CA CSO C 8 37.80 6.81 -37.47
CB CSO C 8 38.46 5.92 -36.35
SG CSO C 8 39.46 4.70 -37.20
C CSO C 8 36.49 6.13 -37.90
O CSO C 8 35.43 6.37 -37.34
OD CSO C 8 41.04 5.30 -37.07
N THR C 9 36.56 5.43 -39.04
CA THR C 9 35.41 4.72 -39.57
C THR C 9 35.73 3.24 -39.62
N SER C 10 34.69 2.42 -39.72
CA SER C 10 34.88 0.98 -39.76
C SER C 10 33.57 0.30 -40.13
N ARG C 11 33.67 -0.83 -40.82
CA ARG C 11 32.49 -1.57 -41.22
C ARG C 11 32.66 -3.08 -41.06
N TYR C 12 31.54 -3.79 -41.09
CA TYR C 12 31.57 -5.23 -40.97
C TYR C 12 30.27 -5.83 -41.47
N VAL C 13 30.38 -6.80 -42.37
CA VAL C 13 29.22 -7.48 -42.92
C VAL C 13 29.46 -8.98 -42.90
N PRO C 14 28.39 -9.79 -42.82
CA PRO C 14 28.52 -11.25 -42.79
C PRO C 14 29.32 -11.77 -43.99
N GLU C 15 30.14 -12.80 -43.79
CA GLU C 15 30.88 -13.32 -44.93
C GLU C 15 29.95 -13.86 -46.02
N ASN C 16 28.89 -14.55 -45.61
CA ASN C 16 27.89 -15.12 -46.53
C ASN C 16 27.42 -14.07 -47.57
N CSO C 17 27.73 -14.33 -48.85
CA CSO C 17 27.36 -13.42 -49.98
CB CSO C 17 28.52 -13.03 -50.98
SG CSO C 17 27.85 -12.13 -52.41
C CSO C 17 26.22 -14.14 -50.77
O CSO C 17 26.40 -15.25 -51.23
OD CSO C 17 28.32 -13.08 -53.72
N VAL C 18 25.13 -13.41 -51.01
CA VAL C 18 23.97 -13.92 -51.74
C VAL C 18 23.71 -13.03 -52.94
N THR C 19 23.77 -13.62 -54.14
CA THR C 19 23.55 -12.86 -55.36
C THR C 19 22.09 -12.89 -55.80
N ASN C 20 21.72 -12.04 -56.75
CA ASN C 20 20.33 -12.02 -57.23
C ASN C 20 20.02 -13.35 -57.89
N HIS C 21 21.06 -13.96 -58.46
CA HIS C 21 20.87 -15.24 -59.12
C HIS C 21 20.43 -16.34 -58.16
N GLN C 22 21.04 -16.36 -56.99
CA GLN C 22 20.65 -17.35 -55.99
C GLN C 22 19.21 -17.07 -55.51
N LEU C 23 18.79 -15.81 -55.56
CA LEU C 23 17.44 -15.44 -55.14
C LEU C 23 16.41 -15.80 -56.20
N SER C 24 16.78 -15.58 -57.47
CA SER C 24 15.89 -15.88 -58.60
C SER C 24 15.56 -17.35 -58.59
N GLU C 25 16.42 -18.09 -57.88
CA GLU C 25 16.36 -19.52 -57.73
C GLU C 25 15.48 -19.92 -56.53
N MET C 26 14.97 -18.91 -55.83
CA MET C 26 14.12 -19.12 -54.65
C MET C 26 12.73 -18.53 -54.83
N MET C 27 12.64 -17.49 -55.66
CA MET C 27 11.36 -16.82 -55.93
C MET C 27 11.26 -16.56 -57.42
N ASP C 28 10.16 -15.96 -57.82
CA ASP C 28 9.97 -15.63 -59.22
C ASP C 28 10.48 -14.20 -59.31
N THR C 29 11.79 -14.13 -59.51
CA THR C 29 12.49 -12.86 -59.64
C THR C 29 13.72 -13.13 -60.50
N SER C 30 14.35 -12.08 -60.99
CA SER C 30 15.54 -12.22 -61.82
C SER C 30 16.58 -11.16 -61.50
N ASP C 31 17.83 -11.40 -61.94
CA ASP C 31 18.89 -10.43 -61.69
C ASP C 31 18.64 -9.20 -62.55
N GLU C 32 18.03 -9.44 -63.71
CA GLU C 32 17.71 -8.36 -64.61
C GLU C 32 16.85 -7.39 -63.83
N TRP C 33 15.71 -7.88 -63.34
CA TRP C 33 14.75 -7.04 -62.64
C TRP C 33 15.32 -6.33 -61.42
N ILE C 34 15.70 -7.10 -60.42
CA ILE C 34 16.23 -6.55 -59.18
C ILE C 34 17.26 -5.46 -59.44
N HIS C 35 18.29 -5.81 -60.19
CA HIS C 35 19.35 -4.86 -60.47
C HIS C 35 18.91 -3.60 -61.18
N SER C 36 18.16 -3.72 -62.26
CA SER C 36 17.70 -2.54 -63.01
C SER C 36 16.71 -1.68 -62.24
N ARG C 37 16.26 -2.16 -61.09
CA ARG C 37 15.29 -1.40 -60.28
C ARG C 37 15.91 -0.79 -59.05
N THR C 38 17.00 -1.40 -58.61
CA THR C 38 17.64 -0.92 -57.41
C THR C 38 19.14 -0.72 -57.58
N GLY C 39 19.76 -1.48 -58.47
CA GLY C 39 21.19 -1.35 -58.66
C GLY C 39 21.86 -2.36 -57.74
N ILE C 40 21.05 -3.21 -57.11
CA ILE C 40 21.54 -4.24 -56.22
C ILE C 40 21.87 -5.53 -56.97
N SER C 41 23.05 -6.08 -56.68
CA SER C 41 23.52 -7.32 -57.30
C SER C 41 23.73 -8.44 -56.29
N GLU C 42 24.00 -8.07 -55.03
CA GLU C 42 24.23 -9.05 -53.96
C GLU C 42 24.12 -8.52 -52.51
N ARG C 43 23.57 -9.33 -51.61
CA ARG C 43 23.41 -8.93 -50.22
C ARG C 43 24.30 -9.80 -49.38
N ARG C 44 24.40 -9.46 -48.10
CA ARG C 44 25.18 -10.22 -47.13
C ARG C 44 24.12 -10.67 -46.14
N ILE C 45 24.03 -11.97 -45.93
CA ILE C 45 23.04 -12.51 -45.02
C ILE C 45 23.70 -13.35 -43.96
N VAL C 46 23.42 -13.04 -42.69
CA VAL C 46 24.00 -13.79 -41.58
C VAL C 46 23.57 -15.25 -41.63
N THR C 47 24.38 -16.10 -41.02
CA THR C 47 24.12 -17.53 -40.98
C THR C 47 24.23 -18.00 -39.54
N GLN C 48 24.99 -17.28 -38.72
CA GLN C 48 25.17 -17.63 -37.31
C GLN C 48 25.24 -16.40 -36.40
N GLU C 49 25.22 -15.21 -37.00
CA GLU C 49 25.32 -13.95 -36.24
C GLU C 49 24.03 -13.14 -36.06
N ASN C 50 24.12 -12.15 -35.18
CA ASN C 50 23.01 -11.27 -34.92
C ASN C 50 23.50 -9.83 -34.83
N THR C 51 22.58 -8.89 -34.98
CA THR C 51 22.92 -7.48 -34.96
C THR C 51 24.03 -7.14 -33.98
N SER C 52 23.93 -7.65 -32.75
CA SER C 52 24.94 -7.39 -31.73
C SER C 52 26.35 -7.82 -32.13
N ASP C 53 26.44 -8.97 -32.79
CA ASP C 53 27.73 -9.48 -33.26
C ASP C 53 28.30 -8.53 -34.28
N LEU C 54 27.49 -8.20 -35.26
CA LEU C 54 27.93 -7.31 -36.31
C LEU C 54 28.45 -6.00 -35.73
N CYS C 55 27.70 -5.43 -34.80
CA CYS C 55 28.09 -4.16 -34.19
C CYS C 55 29.33 -4.33 -33.34
N HIS C 56 29.39 -5.44 -32.62
CA HIS C 56 30.54 -5.75 -31.79
C HIS C 56 31.84 -5.62 -32.63
N GLN C 57 31.84 -6.24 -33.80
CA GLN C 57 33.01 -6.17 -34.65
C GLN C 57 33.36 -4.73 -35.03
N VAL C 58 32.36 -3.96 -35.47
CA VAL C 58 32.60 -2.57 -35.85
C VAL C 58 33.28 -1.82 -34.72
N ALA C 59 32.75 -1.94 -33.51
CA ALA C 59 33.32 -1.26 -32.34
C ALA C 59 34.75 -1.75 -32.13
N LYS C 60 34.88 -3.07 -32.05
CA LYS C 60 36.14 -3.74 -31.86
C LYS C 60 37.16 -3.06 -32.76
N GLN C 61 36.83 -3.00 -34.06
CA GLN C 61 37.69 -2.40 -35.07
C GLN C 61 37.97 -0.91 -34.93
N LEU C 62 37.00 -0.15 -34.45
CA LEU C 62 37.26 1.26 -34.28
C LEU C 62 38.39 1.44 -33.25
N LEU C 63 38.36 0.64 -32.19
CA LEU C 63 39.40 0.73 -31.17
C LEU C 63 40.75 0.30 -31.73
N GLU C 64 40.77 -0.84 -32.40
CA GLU C 64 42.03 -1.30 -32.97
C GLU C 64 42.51 -0.25 -33.98
N LYS C 65 41.61 0.19 -34.86
CA LYS C 65 41.94 1.17 -35.89
C LYS C 65 42.32 2.57 -35.35
N SER C 66 41.99 2.86 -34.09
CA SER C 66 42.29 4.16 -33.47
C SER C 66 43.27 4.08 -32.32
N GLY C 67 43.57 2.88 -31.87
CA GLY C 67 44.50 2.72 -30.77
C GLY C 67 43.84 3.07 -29.44
N LYS C 68 42.54 3.33 -29.47
CA LYS C 68 41.78 3.66 -28.27
C LYS C 68 41.56 2.39 -27.42
N GLN C 69 41.31 2.60 -26.13
CA GLN C 69 41.01 1.51 -25.20
C GLN C 69 39.58 1.71 -24.77
N ALA C 70 38.79 0.65 -24.80
CA ALA C 70 37.39 0.72 -24.41
C ALA C 70 37.14 1.63 -23.19
N SER C 71 38.10 1.67 -22.28
CA SER C 71 37.96 2.48 -21.07
C SER C 71 37.84 3.94 -21.43
N GLU C 72 38.31 4.28 -22.63
CA GLU C 72 38.27 5.66 -23.11
C GLU C 72 36.92 6.09 -23.68
N ILE C 73 36.06 5.14 -24.01
CA ILE C 73 34.73 5.44 -24.57
C ILE C 73 33.76 5.97 -23.50
N ASP C 74 33.21 7.15 -23.76
CA ASP C 74 32.28 7.79 -22.84
C ASP C 74 30.85 7.30 -23.09
N PHE C 75 30.56 6.92 -24.34
CA PHE C 75 29.23 6.46 -24.67
C PHE C 75 29.17 5.67 -25.97
N ILE C 76 28.05 4.99 -26.17
CA ILE C 76 27.85 4.17 -27.36
C ILE C 76 26.40 4.26 -27.80
N LEU C 77 26.19 4.64 -29.05
CA LEU C 77 24.83 4.73 -29.57
C LEU C 77 24.72 3.80 -30.77
N VAL C 78 23.74 2.91 -30.73
CA VAL C 78 23.54 2.00 -31.85
C VAL C 78 22.21 2.31 -32.48
N ALA C 79 22.20 2.51 -33.79
CA ALA C 79 20.97 2.79 -34.51
C ALA C 79 20.62 1.48 -35.18
N THR C 80 19.55 0.85 -34.72
CA THR C 80 19.10 -0.40 -35.28
C THR C 80 17.58 -0.49 -35.21
N VAL C 81 17.03 -1.48 -35.89
CA VAL C 81 15.59 -1.66 -35.91
C VAL C 81 15.35 -3.17 -36.02
N THR C 82 16.43 -3.91 -35.85
CA THR C 82 16.45 -5.38 -35.90
C THR C 82 17.33 -5.87 -34.74
N PRO C 83 17.21 -5.25 -33.56
CA PRO C 83 18.00 -5.63 -32.39
C PRO C 83 17.79 -7.08 -31.97
N ASP C 84 18.72 -7.59 -31.15
CA ASP C 84 18.63 -8.97 -30.64
C ASP C 84 17.38 -9.09 -29.78
N PHE C 85 17.30 -8.27 -28.74
CA PHE C 85 16.16 -8.25 -27.82
C PHE C 85 15.60 -6.82 -27.71
N ASN C 86 14.43 -6.69 -27.09
CA ASN C 86 13.88 -5.37 -26.87
C ASN C 86 14.87 -4.86 -25.81
N MET C 87 15.21 -5.75 -24.87
CA MET C 87 16.19 -5.45 -23.83
C MET C 87 16.97 -6.73 -23.51
N PRO C 88 18.29 -6.63 -23.37
CA PRO C 88 19.12 -5.42 -23.49
C PRO C 88 19.13 -4.81 -24.87
N SER C 89 19.73 -3.62 -24.97
CA SER C 89 19.89 -2.91 -26.24
C SER C 89 21.17 -3.42 -26.85
N VAL C 90 21.26 -3.38 -28.17
CA VAL C 90 22.46 -3.84 -28.86
C VAL C 90 23.64 -3.05 -28.30
N ALA C 91 23.41 -1.77 -28.04
CA ALA C 91 24.45 -0.90 -27.51
C ALA C 91 25.02 -1.50 -26.22
N CYS C 92 24.14 -1.95 -25.33
CA CYS C 92 24.60 -2.52 -24.07
C CYS C 92 25.34 -3.82 -24.28
N GLN C 93 24.88 -4.60 -25.25
CA GLN C 93 25.54 -5.86 -25.55
C GLN C 93 26.96 -5.55 -26.02
N VAL C 94 27.06 -4.58 -26.92
CA VAL C 94 28.32 -4.15 -27.47
C VAL C 94 29.20 -3.59 -26.36
N GLN C 95 28.57 -2.84 -25.47
CA GLN C 95 29.28 -2.21 -24.36
C GLN C 95 30.00 -3.27 -23.53
N GLY C 96 29.26 -4.29 -23.13
CA GLY C 96 29.86 -5.34 -22.33
C GLY C 96 30.81 -6.20 -23.13
N ALA C 97 30.53 -6.32 -24.42
CA ALA C 97 31.35 -7.15 -25.29
C ALA C 97 32.75 -6.62 -25.47
N ILE C 98 32.91 -5.30 -25.49
CA ILE C 98 34.23 -4.72 -25.68
C ILE C 98 34.81 -4.21 -24.38
N GLY C 99 34.07 -4.42 -23.29
CA GLY C 99 34.52 -3.98 -21.99
C GLY C 99 34.62 -2.47 -21.83
N ALA C 100 33.73 -1.74 -22.48
CA ALA C 100 33.73 -0.28 -22.39
C ALA C 100 32.99 0.08 -21.10
N THR C 101 33.59 -0.31 -19.98
CA THR C 101 33.01 -0.09 -18.67
C THR C 101 32.62 1.34 -18.29
N GLU C 102 33.31 2.37 -18.79
CA GLU C 102 32.97 3.74 -18.42
C GLU C 102 31.97 4.44 -19.33
N ALA C 103 31.44 3.73 -20.32
CA ALA C 103 30.46 4.32 -21.22
C ALA C 103 29.08 3.83 -20.91
N PHE C 104 28.09 4.68 -21.18
CA PHE C 104 26.69 4.33 -20.98
C PHE C 104 26.20 4.15 -22.42
N ALA C 105 25.13 3.40 -22.63
CA ALA C 105 24.68 3.21 -24.00
C ALA C 105 23.21 2.89 -24.17
N PHE C 106 22.77 2.99 -25.42
CA PHE C 106 21.38 2.70 -25.78
C PHE C 106 21.22 2.71 -27.27
N ASP C 107 20.13 2.12 -27.75
CA ASP C 107 19.85 2.08 -29.17
C ASP C 107 18.86 3.18 -29.48
N ILE C 108 18.87 3.66 -30.71
CA ILE C 108 17.96 4.70 -31.17
C ILE C 108 17.11 4.08 -32.26
N SER C 109 15.80 4.23 -32.15
CA SER C 109 14.88 3.66 -33.12
C SER C 109 14.39 4.74 -34.10
N ALA C 110 15.04 4.80 -35.28
CA ALA C 110 14.67 5.76 -36.33
C ALA C 110 14.85 5.15 -37.72
N ALA C 111 14.61 3.84 -37.82
CA ALA C 111 14.72 3.13 -39.08
C ALA C 111 15.95 3.46 -39.92
N CYS C 112 15.71 3.72 -41.21
CA CYS C 112 16.76 4.02 -42.15
C CYS C 112 17.38 5.41 -41.98
N SER C 113 16.93 6.13 -40.97
CA SER C 113 17.45 7.47 -40.68
C SER C 113 18.22 7.38 -39.37
N GLY C 114 18.20 6.20 -38.79
CA GLY C 114 18.86 5.97 -37.52
C GLY C 114 20.29 6.43 -37.41
N PHE C 115 21.07 6.32 -38.48
CA PHE C 115 22.45 6.75 -38.37
C PHE C 115 22.60 8.26 -38.33
N VAL C 116 21.90 8.94 -39.22
CA VAL C 116 21.95 10.40 -39.26
C VAL C 116 21.39 10.97 -37.95
N TYR C 117 20.31 10.37 -37.46
CA TYR C 117 19.69 10.79 -36.21
C TYR C 117 20.66 10.55 -35.06
N ALA C 118 21.15 9.32 -34.96
CA ALA C 118 22.07 8.93 -33.90
C ALA C 118 23.32 9.78 -33.91
N LEU C 119 23.87 9.98 -35.10
CA LEU C 119 25.08 10.77 -35.24
C LEU C 119 24.83 12.16 -34.67
N SER C 120 23.75 12.78 -35.11
CA SER C 120 23.41 14.11 -34.63
C SER C 120 23.37 14.13 -33.13
N MET C 121 22.74 13.10 -32.56
CA MET C 121 22.61 12.98 -31.12
C MET C 121 23.97 13.06 -30.45
N ALA C 122 24.92 12.31 -30.98
CA ALA C 122 26.28 12.28 -30.44
C ALA C 122 26.86 13.69 -30.43
N GLU C 123 26.67 14.40 -31.53
CA GLU C 123 27.16 15.77 -31.65
C GLU C 123 26.68 16.60 -30.45
N LYS C 124 25.41 16.47 -30.08
CA LYS C 124 24.87 17.23 -28.94
C LYS C 124 25.49 16.80 -27.63
N LEU C 125 25.82 15.52 -27.54
CA LEU C 125 26.43 15.00 -26.32
C LEU C 125 27.82 15.57 -26.13
N VAL C 126 28.58 15.61 -27.22
CA VAL C 126 29.93 16.14 -27.15
C VAL C 126 29.89 17.64 -26.91
N LEU C 127 29.08 18.34 -27.69
CA LEU C 127 28.92 19.78 -27.59
C LEU C 127 28.56 20.22 -26.17
N SER C 128 27.91 19.32 -25.43
CA SER C 128 27.50 19.58 -24.05
C SER C 128 28.71 19.71 -23.14
N GLY C 129 29.87 19.30 -23.62
CA GLY C 129 31.07 19.38 -22.82
C GLY C 129 31.16 18.28 -21.77
N ARG C 130 30.09 17.51 -21.60
CA ARG C 130 30.16 16.43 -20.61
C ARG C 130 30.90 15.22 -21.16
N TYR C 131 30.67 14.91 -22.43
CA TYR C 131 31.27 13.75 -23.06
C TYR C 131 32.16 14.14 -24.23
N GLN C 132 33.27 13.44 -24.41
CA GLN C 132 34.19 13.76 -25.50
C GLN C 132 34.60 12.60 -26.40
N THR C 133 34.15 11.39 -26.09
CA THR C 133 34.44 10.21 -26.91
C THR C 133 33.25 9.26 -26.97
N GLY C 134 32.93 8.78 -28.17
CA GLY C 134 31.82 7.86 -28.31
C GLY C 134 31.82 7.07 -29.60
N LEU C 135 30.99 6.03 -29.64
CA LEU C 135 30.87 5.20 -30.84
C LEU C 135 29.44 5.25 -31.33
N VAL C 136 29.26 5.61 -32.60
CA VAL C 136 27.94 5.65 -33.21
C VAL C 136 27.97 4.58 -34.28
N ILE C 137 27.21 3.51 -34.05
CA ILE C 137 27.17 2.38 -34.96
C ILE C 137 25.76 2.12 -35.51
N GLY C 138 25.69 1.88 -36.82
CA GLY C 138 24.41 1.57 -37.44
C GLY C 138 24.48 0.12 -37.85
N GLY C 139 23.67 -0.74 -37.21
CA GLY C 139 23.71 -2.16 -37.54
C GLY C 139 22.35 -2.80 -37.68
N GLU C 140 22.25 -3.81 -38.54
CA GLU C 140 20.99 -4.50 -38.75
C GLU C 140 21.07 -5.86 -39.41
N THR C 141 20.04 -6.67 -39.17
CA THR C 141 19.96 -8.01 -39.71
C THR C 141 18.51 -8.26 -40.14
N PHE C 142 18.18 -7.72 -41.31
CA PHE C 142 16.84 -7.85 -41.85
C PHE C 142 16.47 -9.25 -42.26
N SER C 143 17.47 -10.03 -42.67
CA SER C 143 17.19 -11.40 -43.10
C SER C 143 16.22 -12.12 -42.18
N LYS C 144 16.27 -11.84 -40.89
CA LYS C 144 15.38 -12.53 -39.96
C LYS C 144 13.97 -11.93 -39.88
N MET C 145 13.80 -10.74 -40.47
CA MET C 145 12.50 -10.05 -40.45
C MET C 145 11.72 -10.31 -41.71
N LEU C 146 12.44 -10.62 -42.78
CA LEU C 146 11.84 -10.84 -44.09
C LEU C 146 11.09 -12.14 -44.33
N ASP C 147 10.11 -12.07 -45.22
CA ASP C 147 9.35 -13.24 -45.62
C ASP C 147 9.98 -13.59 -46.96
N TRP C 148 10.86 -14.56 -46.94
CA TRP C 148 11.59 -14.94 -48.14
C TRP C 148 10.80 -15.56 -49.28
N THR C 149 9.50 -15.30 -49.32
CA THR C 149 8.65 -15.81 -50.38
C THR C 149 8.01 -14.60 -51.03
N ASP C 150 8.09 -13.47 -50.33
CA ASP C 150 7.57 -12.21 -50.83
C ASP C 150 8.76 -11.65 -51.55
N ARG C 151 8.71 -11.70 -52.87
CA ARG C 151 9.79 -11.17 -53.68
C ARG C 151 9.80 -9.65 -53.52
N SER C 152 8.62 -9.10 -53.25
CA SER C 152 8.41 -7.66 -53.10
C SER C 152 9.42 -7.02 -52.17
N THR C 153 9.78 -7.72 -51.11
CA THR C 153 10.72 -7.18 -50.15
C THR C 153 11.98 -8.01 -49.95
N ALA C 154 11.84 -9.32 -50.11
CA ALA C 154 12.97 -10.23 -49.92
C ALA C 154 14.22 -9.89 -50.70
N VAL C 155 14.05 -9.28 -51.87
CA VAL C 155 15.18 -8.93 -52.73
C VAL C 155 15.88 -7.62 -52.43
N LEU C 156 15.34 -6.84 -51.49
CA LEU C 156 15.89 -5.52 -51.18
C LEU C 156 16.84 -5.37 -49.99
N PHE C 157 16.52 -6.04 -48.89
CA PHE C 157 17.33 -5.90 -47.68
C PHE C 157 18.46 -6.89 -47.41
N GLY C 158 19.51 -6.36 -46.80
CA GLY C 158 20.67 -7.16 -46.45
C GLY C 158 21.05 -6.87 -45.00
N ASP C 159 21.96 -7.67 -44.43
CA ASP C 159 22.38 -7.47 -43.06
C ASP C 159 23.72 -6.75 -43.10
N GLY C 160 24.09 -6.09 -42.01
CA GLY C 160 25.37 -5.39 -41.99
C GLY C 160 25.48 -4.35 -40.88
N ALA C 161 26.70 -3.91 -40.61
CA ALA C 161 26.92 -2.92 -39.58
C ALA C 161 28.16 -2.10 -39.92
N ALA C 162 28.17 -0.85 -39.46
CA ALA C 162 29.27 0.06 -39.71
C ALA C 162 29.06 1.23 -38.77
N GLY C 163 30.14 1.90 -38.43
CA GLY C 163 30.04 3.03 -37.52
C GLY C 163 31.26 3.90 -37.57
N VAL C 164 31.31 4.88 -36.67
CA VAL C 164 32.43 5.80 -36.61
C VAL C 164 32.81 6.09 -35.16
N LEU C 165 34.06 6.47 -34.97
CA LEU C 165 34.59 6.82 -33.66
C LEU C 165 34.50 8.35 -33.69
N ILE C 166 33.77 8.91 -32.74
CA ILE C 166 33.58 10.36 -32.69
C ILE C 166 34.19 10.96 -31.45
N GLU C 167 34.90 12.07 -31.64
CA GLU C 167 35.56 12.75 -30.55
C GLU C 167 35.41 14.26 -30.66
N ALA C 168 35.76 14.95 -29.58
CA ALA C 168 35.70 16.40 -29.56
C ALA C 168 36.96 16.97 -30.20
N ALA C 169 36.80 18.10 -30.87
CA ALA C 169 37.88 18.78 -31.55
C ALA C 169 37.85 20.26 -31.23
N GLU C 170 38.89 20.96 -31.68
CA GLU C 170 39.07 22.39 -31.45
C GLU C 170 38.37 23.23 -32.51
N THR C 171 38.05 22.58 -33.62
CA THR C 171 37.38 23.23 -34.75
C THR C 171 36.06 22.53 -35.07
N PRO C 172 35.04 23.31 -35.48
CA PRO C 172 33.72 22.76 -35.82
C PRO C 172 33.66 21.98 -37.13
N HIS C 173 32.98 20.84 -37.09
CA HIS C 173 32.83 19.99 -38.27
C HIS C 173 31.36 19.84 -38.68
N PHE C 174 30.51 19.66 -37.70
CA PHE C 174 29.09 19.53 -37.97
C PHE C 174 28.51 20.90 -38.19
N LEU C 175 28.57 21.34 -39.44
CA LEU C 175 28.08 22.65 -39.84
C LEU C 175 26.59 22.86 -39.63
N ASN C 176 25.78 21.99 -40.23
CA ASN C 176 24.33 22.11 -40.11
C ASN C 176 23.62 20.78 -40.24
N GLU C 177 22.34 20.77 -39.88
CA GLU C 177 21.51 19.57 -39.91
C GLU C 177 20.02 19.94 -40.01
N LYS C 178 19.22 18.98 -40.44
CA LYS C 178 17.78 19.17 -40.51
C LYS C 178 17.12 17.79 -40.47
N LEU C 179 16.61 17.46 -39.29
CA LEU C 179 15.96 16.18 -39.04
C LEU C 179 14.45 16.32 -39.17
N GLN C 180 13.82 15.40 -39.91
CA GLN C 180 12.37 15.44 -40.08
C GLN C 180 11.71 14.07 -39.90
N ALA C 181 10.39 14.08 -39.85
CA ALA C 181 9.63 12.85 -39.70
C ALA C 181 8.19 13.15 -40.07
N ASP C 182 7.43 12.10 -40.36
CA ASP C 182 6.02 12.26 -40.75
C ASP C 182 5.24 11.00 -40.37
N GLY C 183 4.91 10.90 -39.08
CA GLY C 183 4.20 9.74 -38.59
C GLY C 183 2.82 9.49 -39.16
N GLN C 184 2.32 10.38 -40.01
CA GLN C 184 0.99 10.19 -40.58
C GLN C 184 1.02 9.20 -41.75
N ARG C 185 2.20 8.65 -42.00
CA ARG C 185 2.39 7.67 -43.06
C ARG C 185 3.19 6.47 -42.56
N TRP C 186 3.36 6.39 -41.26
CA TRP C 186 4.11 5.30 -40.66
C TRP C 186 3.81 3.94 -41.27
N THR C 187 2.58 3.78 -41.77
CA THR C 187 2.12 2.53 -42.37
C THR C 187 2.90 2.11 -43.65
N ALA C 188 3.56 3.09 -44.27
CA ALA C 188 4.33 2.86 -45.50
C ALA C 188 5.43 1.79 -45.37
N LEU C 189 6.08 1.71 -44.22
CA LEU C 189 7.12 0.73 -43.99
C LEU C 189 7.09 0.30 -42.54
N THR C 190 6.82 -0.98 -42.31
CA THR C 190 6.71 -1.51 -40.95
C THR C 190 7.22 -2.94 -40.80
N SER C 191 7.77 -3.25 -39.63
CA SER C 191 8.26 -4.59 -39.35
C SER C 191 8.28 -4.79 -37.84
N GLY C 192 8.45 -6.05 -37.43
CA GLY C 192 8.51 -6.39 -36.02
C GLY C 192 7.29 -6.20 -35.15
N TYR C 193 6.09 -6.23 -35.72
CA TYR C 193 4.90 -6.07 -34.88
C TYR C 193 4.77 -7.24 -33.93
N THR C 194 4.83 -6.96 -32.64
CA THR C 194 4.68 -8.00 -31.65
C THR C 194 3.26 -7.90 -31.11
N ILE C 195 2.49 -8.97 -31.29
CA ILE C 195 1.10 -9.03 -30.85
C ILE C 195 0.95 -9.36 -29.37
N ASN C 196 -0.08 -8.79 -28.77
CA ASN C 196 -0.38 -8.99 -27.37
C ASN C 196 -1.39 -10.12 -27.18
N GLU C 197 -0.95 -11.22 -26.59
CA GLU C 197 -1.87 -12.30 -26.33
C GLU C 197 -1.96 -12.67 -24.85
N SER C 198 -1.86 -11.65 -23.99
CA SER C 198 -1.99 -11.83 -22.55
C SER C 198 -3.43 -12.23 -22.31
N PRO C 199 -3.72 -12.85 -21.16
CA PRO C 199 -5.08 -13.28 -20.84
C PRO C 199 -6.08 -12.13 -20.69
N PHE C 200 -5.55 -10.92 -20.56
CA PHE C 200 -6.40 -9.75 -20.37
C PHE C 200 -6.74 -9.05 -21.67
N TYR C 201 -5.83 -9.10 -22.63
CA TYR C 201 -6.05 -8.44 -23.91
C TYR C 201 -7.28 -8.98 -24.59
N GLN C 202 -8.17 -8.07 -25.00
CA GLN C 202 -9.39 -8.46 -25.68
C GLN C 202 -9.57 -7.75 -27.02
N GLY C 203 -8.52 -7.14 -27.53
CA GLY C 203 -8.59 -6.51 -28.84
C GLY C 203 -8.31 -7.57 -29.90
N HIS C 204 -8.69 -7.34 -31.14
CA HIS C 204 -8.47 -8.32 -32.20
C HIS C 204 -7.45 -7.86 -33.24
N LYS C 205 -6.53 -7.00 -32.83
CA LYS C 205 -5.51 -6.48 -33.74
C LYS C 205 -4.68 -7.62 -34.32
N SER C 208 1.40 -10.50 -37.99
CA SER C 208 2.42 -10.21 -39.00
C SER C 208 3.68 -9.64 -38.36
N LYS C 209 4.68 -10.49 -38.12
CA LYS C 209 5.94 -10.05 -37.53
C LYS C 209 6.96 -9.69 -38.61
N THR C 210 6.68 -10.08 -39.85
CA THR C 210 7.60 -9.78 -40.93
C THR C 210 7.36 -8.43 -41.59
N LEU C 211 8.46 -7.88 -42.11
CA LEU C 211 8.49 -6.59 -42.77
C LEU C 211 7.54 -6.49 -43.97
N GLN C 212 6.91 -5.33 -44.11
CA GLN C 212 5.97 -5.03 -45.21
C GLN C 212 6.12 -3.56 -45.55
N MET C 213 6.11 -3.21 -46.83
CA MET C 213 6.22 -1.81 -47.21
C MET C 213 5.49 -1.45 -48.51
N GLU C 214 5.08 -0.18 -48.61
CA GLU C 214 4.38 0.33 -49.79
C GLU C 214 5.42 0.94 -50.71
N GLY C 215 5.81 0.19 -51.74
CA GLY C 215 6.82 0.64 -52.69
C GLY C 215 6.72 2.07 -53.20
N ARG C 216 5.70 2.31 -54.01
CA ARG C 216 5.41 3.61 -54.62
C ARG C 216 5.39 4.75 -53.61
N SER C 217 4.70 4.54 -52.49
CA SER C 217 4.59 5.53 -51.41
C SER C 217 5.95 6.09 -51.02
N ILE C 218 6.84 5.18 -50.58
CA ILE C 218 8.19 5.53 -50.17
C ILE C 218 9.03 6.10 -51.32
N PHE C 219 8.86 5.54 -52.52
CA PHE C 219 9.60 6.01 -53.68
C PHE C 219 9.33 7.50 -53.88
N ASP C 220 8.08 7.83 -54.22
CA ASP C 220 7.69 9.22 -54.45
C ASP C 220 8.04 10.08 -53.24
N PHE C 221 7.78 9.56 -52.04
CA PHE C 221 8.09 10.30 -50.82
C PHE C 221 9.56 10.70 -50.79
N ALA C 222 10.45 9.73 -50.96
CA ALA C 222 11.88 10.00 -50.95
C ALA C 222 12.24 11.10 -51.96
N ILE C 223 11.94 10.84 -53.22
CA ILE C 223 12.24 11.80 -54.28
C ILE C 223 11.78 13.22 -53.95
N LYS C 224 10.58 13.39 -53.42
CA LYS C 224 10.13 14.75 -53.12
C LYS C 224 10.66 15.33 -51.82
N ASP C 225 10.23 14.77 -50.69
CA ASP C 225 10.64 15.26 -49.38
C ASP C 225 12.14 15.21 -49.07
N VAL C 226 12.87 14.26 -49.66
CA VAL C 226 14.31 14.21 -49.40
C VAL C 226 15.03 15.30 -50.16
N SER C 227 14.73 15.45 -51.44
CA SER C 227 15.36 16.49 -52.26
C SER C 227 15.23 17.88 -51.59
N GLN C 228 14.10 18.13 -50.92
CA GLN C 228 13.85 19.40 -50.25
C GLN C 228 14.78 19.53 -49.06
N ASN C 229 14.80 18.47 -48.24
CA ASN C 229 15.63 18.41 -47.04
C ASN C 229 17.11 18.67 -47.38
N ILE C 230 17.58 18.06 -48.47
CA ILE C 230 18.97 18.24 -48.88
C ILE C 230 19.26 19.67 -49.33
N LEU C 231 18.36 20.25 -50.12
CA LEU C 231 18.53 21.62 -50.59
C LEU C 231 18.45 22.62 -49.43
N SER C 232 17.93 22.16 -48.30
CA SER C 232 17.81 23.01 -47.13
C SER C 232 19.21 23.36 -46.66
N LEU C 233 20.10 22.39 -46.74
CA LEU C 233 21.46 22.57 -46.27
C LEU C 233 22.45 23.04 -47.32
N VAL C 234 22.35 22.51 -48.54
CA VAL C 234 23.31 22.87 -49.56
C VAL C 234 22.79 23.00 -50.99
N THR C 235 23.71 23.31 -51.88
CA THR C 235 23.45 23.43 -53.31
C THR C 235 24.66 22.84 -53.99
N ASP C 236 24.47 22.38 -55.21
CA ASP C 236 25.52 21.76 -55.99
C ASP C 236 26.91 22.40 -55.82
N GLU C 237 26.94 23.71 -55.63
CA GLU C 237 28.22 24.38 -55.45
C GLU C 237 28.70 24.54 -54.01
N THR C 238 27.90 24.09 -53.05
CA THR C 238 28.32 24.16 -51.66
C THR C 238 28.47 22.77 -51.03
N VAL C 239 28.57 21.74 -51.87
CA VAL C 239 28.72 20.37 -51.38
C VAL C 239 29.74 19.61 -52.22
N ASP C 240 30.47 18.71 -51.56
CA ASP C 240 31.46 17.89 -52.24
C ASP C 240 30.94 16.49 -52.49
N TYR C 241 30.36 15.89 -51.46
CA TYR C 241 29.84 14.54 -51.62
C TYR C 241 28.60 14.35 -50.79
N LEU C 242 27.74 13.45 -51.23
CA LEU C 242 26.51 13.14 -50.52
C LEU C 242 26.36 11.63 -50.34
N LEU C 243 26.18 11.20 -49.09
CA LEU C 243 26.02 9.79 -48.81
C LEU C 243 24.59 9.58 -48.33
N LEU C 244 23.73 9.12 -49.23
CA LEU C 244 22.32 8.89 -48.90
C LEU C 244 22.05 7.45 -48.57
N HIS C 245 20.89 7.19 -47.97
CA HIS C 245 20.49 5.83 -47.64
C HIS C 245 20.50 5.04 -48.98
N GLN C 246 21.20 3.91 -49.01
CA GLN C 246 21.35 3.13 -50.25
C GLN C 246 20.18 2.25 -50.74
N ALA C 247 18.95 2.67 -50.45
CA ALA C 247 17.74 1.94 -50.82
C ALA C 247 17.67 1.52 -52.31
N SER C 248 17.64 2.51 -53.21
CA SER C 248 17.56 2.25 -54.64
C SER C 248 18.37 3.28 -55.40
N VAL C 249 19.11 2.83 -56.41
CA VAL C 249 19.92 3.76 -57.19
C VAL C 249 19.05 4.70 -58.03
N ARG C 250 17.93 4.19 -58.52
CA ARG C 250 17.04 5.05 -59.31
C ARG C 250 16.50 6.17 -58.43
N ILE C 251 16.40 5.92 -57.12
CA ILE C 251 15.93 6.95 -56.20
C ILE C 251 17.01 8.04 -56.14
N ILE C 252 18.25 7.62 -55.95
CA ILE C 252 19.38 8.55 -55.89
C ILE C 252 19.48 9.29 -57.23
N ASP C 253 19.23 8.58 -58.33
CA ASP C 253 19.26 9.19 -59.65
C ASP C 253 18.33 10.39 -59.64
N LYS C 254 17.03 10.10 -59.55
CA LYS C 254 15.99 11.11 -59.52
C LYS C 254 16.26 12.27 -58.57
N ILE C 255 16.84 11.97 -57.41
CA ILE C 255 17.14 13.03 -56.45
C ILE C 255 18.25 13.92 -56.97
N ALA C 256 19.31 13.31 -57.49
CA ALA C 256 20.42 14.06 -58.05
C ALA C 256 19.87 14.99 -59.11
N ARG C 257 18.94 14.50 -59.94
CA ARG C 257 18.34 15.32 -60.99
C ARG C 257 17.54 16.47 -60.36
N LYS C 258 16.46 16.11 -59.68
CA LYS C 258 15.57 17.06 -58.99
C LYS C 258 16.41 18.13 -58.27
N THR C 259 17.41 17.65 -57.55
CA THR C 259 18.32 18.45 -56.72
C THR C 259 19.27 19.37 -57.48
N LYS C 260 19.58 19.06 -58.74
CA LYS C 260 20.51 19.87 -59.55
C LYS C 260 21.95 19.71 -59.05
N ILE C 261 22.23 18.61 -58.37
CA ILE C 261 23.58 18.38 -57.85
C ILE C 261 24.26 17.31 -58.66
N SER C 262 25.50 17.59 -59.07
CA SER C 262 26.29 16.65 -59.87
C SER C 262 26.11 15.22 -59.36
N ARG C 263 25.52 14.39 -60.21
CA ARG C 263 25.27 13.00 -59.89
C ARG C 263 26.50 12.32 -59.31
N GLU C 264 27.68 12.64 -59.86
CA GLU C 264 28.94 12.06 -59.40
C GLU C 264 29.17 12.19 -57.89
N LYS C 265 28.51 13.17 -57.27
CA LYS C 265 28.66 13.43 -55.83
C LYS C 265 27.80 12.51 -54.95
N PHE C 266 26.92 11.74 -55.57
CA PHE C 266 26.10 10.80 -54.81
C PHE C 266 26.77 9.44 -54.92
N LEU C 267 27.51 9.06 -53.87
CA LEU C 267 28.22 7.79 -53.84
C LEU C 267 27.26 6.61 -53.66
N THR C 268 27.48 5.58 -54.46
CA THR C 268 26.63 4.39 -54.47
C THR C 268 27.31 3.14 -53.92
N ASN C 269 26.51 2.21 -53.40
CA ASN C 269 27.06 1.01 -52.80
C ASN C 269 26.08 -0.17 -52.75
N MET C 270 24.80 0.09 -52.98
CA MET C 270 23.79 -0.96 -52.92
C MET C 270 24.02 -2.22 -53.76
N ASP C 271 24.88 -2.11 -54.76
CA ASP C 271 25.17 -3.24 -55.63
C ASP C 271 25.87 -4.34 -54.85
N LYS C 272 26.61 -3.94 -53.81
CA LYS C 272 27.36 -4.89 -53.00
C LYS C 272 26.72 -5.25 -51.66
N TYR C 273 25.70 -4.51 -51.25
CA TYR C 273 25.07 -4.77 -49.95
C TYR C 273 23.56 -4.69 -49.86
N GLY C 274 22.91 -4.09 -50.87
CA GLY C 274 21.47 -3.95 -50.84
C GLY C 274 21.06 -2.93 -49.78
N ASN C 275 19.79 -2.96 -49.36
CA ASN C 275 19.35 -2.01 -48.35
C ASN C 275 19.64 -2.51 -46.92
N THR C 276 20.63 -1.92 -46.27
CA THR C 276 20.96 -2.34 -44.91
C THR C 276 20.43 -1.33 -43.92
N SER C 277 19.46 -0.54 -44.38
CA SER C 277 18.83 0.48 -43.56
C SER C 277 19.80 1.40 -42.83
N ALA C 278 19.79 1.33 -41.51
CA ALA C 278 20.63 2.19 -40.69
C ALA C 278 22.13 1.95 -40.87
N ALA C 279 22.50 0.86 -41.51
CA ALA C 279 23.91 0.58 -41.69
C ALA C 279 24.40 1.01 -43.06
N SER C 280 23.47 1.32 -43.97
CA SER C 280 23.82 1.70 -45.33
C SER C 280 24.81 2.83 -45.44
N ILE C 281 24.51 3.96 -44.80
CA ILE C 281 25.40 5.12 -44.88
C ILE C 281 26.81 4.94 -44.29
N PRO C 282 26.91 4.37 -43.06
CA PRO C 282 28.25 4.18 -42.48
C PRO C 282 29.10 3.18 -43.23
N ILE C 283 28.47 2.23 -43.90
CA ILE C 283 29.20 1.22 -44.68
C ILE C 283 29.79 1.92 -45.88
N LEU C 284 28.95 2.75 -46.49
CA LEU C 284 29.31 3.53 -47.67
C LEU C 284 30.43 4.50 -47.31
N LEU C 285 30.33 5.09 -46.12
CA LEU C 285 31.31 6.04 -45.64
C LEU C 285 32.67 5.41 -45.39
N ASP C 286 32.68 4.31 -44.63
CA ASP C 286 33.93 3.62 -44.32
C ASP C 286 34.60 3.10 -45.59
N GLU C 287 33.80 2.77 -46.59
CA GLU C 287 34.33 2.27 -47.86
C GLU C 287 34.92 3.43 -48.65
N ALA C 288 34.20 4.54 -48.68
CA ALA C 288 34.66 5.71 -49.41
C ALA C 288 35.98 6.20 -48.83
N VAL C 289 36.09 6.13 -47.51
CA VAL C 289 37.31 6.54 -46.81
C VAL C 289 38.42 5.58 -47.24
N GLU C 290 38.13 4.30 -47.11
CA GLU C 290 39.05 3.24 -47.47
C GLU C 290 39.59 3.40 -48.91
N ASN C 291 38.69 3.65 -49.85
CA ASN C 291 39.11 3.81 -51.23
C ASN C 291 39.70 5.20 -51.51
N GLY C 292 39.75 6.04 -50.49
CA GLY C 292 40.34 7.36 -50.62
C GLY C 292 39.51 8.46 -51.23
N THR C 293 38.26 8.14 -51.61
CA THR C 293 37.37 9.14 -52.19
C THR C 293 37.15 10.25 -51.17
N LEU C 294 37.01 9.85 -49.92
CA LEU C 294 36.83 10.78 -48.82
C LEU C 294 38.10 10.62 -47.98
N ILE C 295 38.51 11.69 -47.32
CA ILE C 295 39.72 11.68 -46.51
C ILE C 295 39.50 12.54 -45.29
N LEU C 296 39.56 11.93 -44.11
CA LEU C 296 39.36 12.69 -42.90
C LEU C 296 40.45 13.76 -42.77
N GLY C 297 40.05 14.96 -42.35
CA GLY C 297 40.99 16.06 -42.20
C GLY C 297 41.03 16.94 -43.45
N SER C 298 40.65 16.35 -44.57
CA SER C 298 40.61 17.03 -45.87
C SER C 298 39.69 18.24 -45.86
N GLN C 299 38.80 18.29 -44.88
CA GLN C 299 37.87 19.39 -44.76
C GLN C 299 36.97 19.48 -45.98
N GLN C 300 36.25 18.40 -46.28
CA GLN C 300 35.36 18.37 -47.42
C GLN C 300 33.93 18.65 -47.02
N ARG C 301 33.15 19.13 -47.99
CA ARG C 301 31.75 19.44 -47.75
C ARG C 301 30.93 18.18 -48.02
N VAL C 302 30.67 17.41 -46.96
CA VAL C 302 29.90 16.17 -47.07
C VAL C 302 28.57 16.28 -46.36
N VAL C 303 27.53 15.71 -46.98
CA VAL C 303 26.21 15.69 -46.39
C VAL C 303 25.74 14.22 -46.32
N LEU C 304 25.21 13.84 -45.17
CA LEU C 304 24.74 12.48 -44.94
C LEU C 304 23.23 12.53 -44.81
N THR C 305 22.52 11.86 -45.69
CA THR C 305 21.07 11.90 -45.60
C THR C 305 20.43 10.51 -45.63
N GLY C 306 19.52 10.28 -44.69
CA GLY C 306 18.83 9.01 -44.60
C GLY C 306 17.33 9.23 -44.65
N PHE C 307 16.57 8.19 -44.93
CA PHE C 307 15.12 8.28 -45.03
C PHE C 307 14.48 6.91 -45.01
N GLY C 308 13.29 6.79 -44.42
CA GLY C 308 12.62 5.52 -44.37
C GLY C 308 11.58 5.40 -43.27
N GLY C 309 11.46 4.19 -42.72
CA GLY C 309 10.51 3.92 -41.65
C GLY C 309 10.24 5.03 -40.66
N GLY C 310 8.97 5.36 -40.49
CA GLY C 310 8.60 6.42 -39.56
C GLY C 310 7.31 7.11 -39.95
N LEU C 311 7.31 7.90 -41.02
CA LEU C 311 8.48 8.15 -41.85
C LEU C 311 9.46 9.09 -41.21
N THR C 312 10.75 8.82 -41.44
CA THR C 312 11.82 9.66 -40.89
C THR C 312 12.80 9.97 -42.00
N TRP C 313 13.51 11.08 -41.87
CA TRP C 313 14.52 11.49 -42.84
C TRP C 313 15.21 12.73 -42.30
N GLY C 314 16.46 12.94 -42.72
CA GLY C 314 17.21 14.08 -42.23
C GLY C 314 18.61 14.09 -42.81
N SER C 315 19.21 15.27 -42.89
CA SER C 315 20.54 15.40 -43.44
C SER C 315 21.49 16.09 -42.47
N LEU C 316 22.78 15.83 -42.64
CA LEU C 316 23.80 16.44 -41.81
C LEU C 316 24.90 17.02 -42.68
N LEU C 317 25.08 18.33 -42.62
CA LEU C 317 26.13 18.97 -43.38
C LEU C 317 27.33 19.05 -42.45
N LEU C 318 28.38 18.32 -42.78
CA LEU C 318 29.57 18.35 -41.96
C LEU C 318 30.82 18.33 -42.81
N THR C 319 31.93 18.75 -42.20
CA THR C 319 33.21 18.78 -42.87
C THR C 319 34.03 17.63 -42.33
N LEU C 320 34.41 16.72 -43.20
CA LEU C 320 35.22 15.58 -42.80
C LEU C 320 36.67 15.98 -42.49
N LYS D 1 19.36 31.68 -24.21
CA LYS D 1 18.21 30.94 -23.62
C LYS D 1 18.16 29.48 -24.08
N ASN D 2 19.13 28.69 -23.65
CA ASN D 2 19.20 27.28 -24.04
C ASN D 2 19.10 26.30 -22.88
N TYR D 3 18.62 26.76 -21.73
CA TYR D 3 18.47 25.89 -20.57
C TYR D 3 17.10 25.27 -20.54
N ALA D 4 17.06 23.95 -20.61
CA ALA D 4 15.78 23.24 -20.60
C ALA D 4 15.16 23.20 -19.22
N ARG D 5 13.88 22.87 -19.20
CA ARG D 5 13.15 22.76 -17.94
C ARG D 5 11.83 22.06 -18.18
N ILE D 6 11.43 21.24 -17.21
CA ILE D 6 10.17 20.54 -17.35
C ILE D 6 9.12 21.58 -17.03
N SER D 7 8.19 21.78 -17.95
CA SER D 7 7.16 22.79 -17.75
C SER D 7 5.73 22.27 -17.79
N CSO D 8 5.56 20.95 -17.85
CA CSO D 8 4.21 20.37 -17.87
CB CSO D 8 3.25 20.73 -19.09
SG CSO D 8 1.55 20.62 -18.46
C CSO D 8 4.41 18.83 -17.83
O CSO D 8 5.33 18.30 -18.42
OD CSO D 8 1.10 22.23 -18.22
N THR D 9 3.65 18.20 -16.95
CA THR D 9 3.72 16.75 -16.78
C THR D 9 2.34 16.18 -17.09
N SER D 10 2.28 14.88 -17.35
CA SER D 10 1.02 14.24 -17.68
C SER D 10 1.22 12.75 -17.71
N ARG D 11 0.16 12.02 -17.35
CA ARG D 11 0.23 10.57 -17.32
C ARG D 11 -1.04 9.94 -17.86
N TYR D 12 -0.92 8.65 -18.17
CA TYR D 12 -2.04 7.87 -18.68
C TYR D 12 -1.77 6.37 -18.54
N VAL D 13 -2.73 5.66 -17.95
CA VAL D 13 -2.66 4.21 -17.77
C VAL D 13 -3.99 3.60 -18.16
N PRO D 14 -3.98 2.34 -18.60
CA PRO D 14 -5.20 1.63 -19.01
C PRO D 14 -6.25 1.67 -17.90
N GLU D 15 -7.53 1.78 -18.27
CA GLU D 15 -8.57 1.81 -17.27
C GLU D 15 -8.57 0.51 -16.50
N ASN D 16 -8.39 -0.60 -17.21
CA ASN D 16 -8.36 -1.93 -16.58
C ASN D 16 -7.43 -1.97 -15.36
N CSO D 17 -7.97 -2.33 -14.19
CA CSO D 17 -7.20 -2.42 -12.92
CB CSO D 17 -7.72 -1.56 -11.69
SG CSO D 17 -6.83 -2.04 -10.19
C CSO D 17 -7.20 -3.93 -12.51
O CSO D 17 -8.25 -4.55 -12.37
OD CSO D 17 -8.07 -2.44 -9.11
N VAL D 18 -6.00 -4.44 -12.24
CA VAL D 18 -5.80 -5.84 -11.85
C VAL D 18 -5.12 -5.87 -10.48
N THR D 19 -5.79 -6.47 -9.51
CA THR D 19 -5.25 -6.55 -8.15
C THR D 19 -4.46 -7.83 -7.92
N ASN D 20 -3.72 -7.84 -6.82
CA ASN D 20 -2.91 -8.99 -6.43
C ASN D 20 -3.80 -10.19 -6.18
N HIS D 21 -5.07 -9.93 -5.87
CA HIS D 21 -6.02 -11.00 -5.60
C HIS D 21 -6.48 -11.71 -6.88
N GLN D 22 -6.69 -10.94 -7.94
CA GLN D 22 -7.09 -11.52 -9.22
C GLN D 22 -5.95 -12.39 -9.76
N LEU D 23 -4.72 -12.01 -9.45
CA LEU D 23 -3.56 -12.77 -9.90
C LEU D 23 -3.37 -14.06 -9.13
N SER D 24 -3.61 -13.99 -7.81
CA SER D 24 -3.47 -15.17 -6.94
C SER D 24 -4.44 -16.26 -7.38
N GLU D 25 -5.44 -15.83 -8.14
CA GLU D 25 -6.47 -16.70 -8.65
C GLU D 25 -6.09 -17.20 -10.05
N MET D 26 -4.90 -16.84 -10.52
CA MET D 26 -4.39 -17.26 -11.82
C MET D 26 -3.12 -18.09 -11.68
N MET D 27 -2.36 -17.83 -10.61
CA MET D 27 -1.12 -18.54 -10.37
C MET D 27 -1.06 -18.88 -8.90
N ASP D 28 0.03 -19.54 -8.53
CA ASP D 28 0.25 -19.90 -7.15
C ASP D 28 0.98 -18.75 -6.48
N THR D 29 0.25 -17.67 -6.21
CA THR D 29 0.79 -16.47 -5.61
C THR D 29 -0.26 -15.86 -4.69
N SER D 30 0.13 -14.94 -3.83
CA SER D 30 -0.83 -14.31 -2.93
C SER D 30 -0.60 -12.82 -2.83
N ASP D 31 -1.63 -12.08 -2.40
CA ASP D 31 -1.47 -10.65 -2.25
C ASP D 31 -0.34 -10.41 -1.26
N GLU D 32 -0.43 -11.03 -0.10
CA GLU D 32 0.60 -10.81 0.91
C GLU D 32 2.02 -11.03 0.43
N TRP D 33 2.26 -12.07 -0.37
CA TRP D 33 3.61 -12.28 -0.83
C TRP D 33 4.00 -11.10 -1.71
N ILE D 34 3.30 -10.95 -2.82
CA ILE D 34 3.57 -9.89 -3.78
C ILE D 34 3.79 -8.54 -3.11
N HIS D 35 2.80 -8.12 -2.35
CA HIS D 35 2.87 -6.84 -1.67
C HIS D 35 4.03 -6.68 -0.70
N SER D 36 4.21 -7.64 0.21
CA SER D 36 5.30 -7.55 1.20
C SER D 36 6.69 -7.65 0.57
N ARG D 37 6.73 -8.04 -0.69
CA ARG D 37 7.99 -8.17 -1.39
C ARG D 37 8.29 -6.96 -2.25
N THR D 38 7.24 -6.35 -2.80
CA THR D 38 7.42 -5.21 -3.70
C THR D 38 6.67 -3.95 -3.29
N GLY D 39 5.57 -4.12 -2.60
CA GLY D 39 4.77 -2.96 -2.20
C GLY D 39 3.71 -2.73 -3.24
N ILE D 40 3.61 -3.67 -4.17
CA ILE D 40 2.63 -3.62 -5.25
C ILE D 40 1.32 -4.28 -4.82
N SER D 41 0.21 -3.59 -5.10
CA SER D 41 -1.13 -4.08 -4.77
C SER D 41 -2.01 -4.30 -6.00
N GLU D 42 -1.68 -3.64 -7.11
CA GLU D 42 -2.45 -3.79 -8.33
C GLU D 42 -1.73 -3.08 -9.45
N ARG D 43 -2.17 -3.31 -10.67
CA ARG D 43 -1.57 -2.68 -11.85
C ARG D 43 -2.56 -2.60 -12.99
N ARG D 44 -2.23 -1.75 -13.95
CA ARG D 44 -3.06 -1.59 -15.12
C ARG D 44 -2.57 -2.47 -16.23
N ILE D 45 -3.52 -3.13 -16.89
CA ILE D 45 -3.19 -3.99 -17.99
C ILE D 45 -4.12 -3.63 -19.14
N VAL D 46 -3.52 -3.35 -20.29
CA VAL D 46 -4.31 -3.00 -21.48
C VAL D 46 -5.20 -4.17 -21.89
N THR D 47 -6.28 -3.85 -22.57
CA THR D 47 -7.23 -4.84 -23.05
C THR D 47 -7.42 -4.61 -24.52
N GLN D 48 -6.99 -3.42 -24.94
CA GLN D 48 -7.07 -3.02 -26.33
C GLN D 48 -5.85 -2.19 -26.74
N GLU D 49 -5.58 -1.15 -25.98
CA GLU D 49 -4.46 -0.23 -26.24
C GLU D 49 -3.07 -0.85 -26.27
N ASN D 50 -2.18 -0.25 -27.07
CA ASN D 50 -0.80 -0.69 -27.20
C ASN D 50 0.02 0.48 -26.66
N THR D 51 1.35 0.34 -26.69
CA THR D 51 2.22 1.41 -26.19
C THR D 51 1.94 2.75 -26.87
N SER D 52 1.79 2.73 -28.19
CA SER D 52 1.54 3.95 -28.97
C SER D 52 0.28 4.68 -28.51
N ASP D 53 -0.74 3.91 -28.15
CA ASP D 53 -2.02 4.46 -27.68
C ASP D 53 -1.87 5.18 -26.35
N LEU D 54 -1.09 4.56 -25.47
CA LEU D 54 -0.83 5.12 -24.16
C LEU D 54 0.00 6.40 -24.29
N CYS D 55 1.03 6.36 -25.11
CA CYS D 55 1.87 7.54 -25.31
C CYS D 55 1.10 8.66 -26.00
N HIS D 56 0.27 8.29 -26.97
CA HIS D 56 -0.54 9.26 -27.70
C HIS D 56 -1.32 10.10 -26.70
N GLN D 57 -1.92 9.44 -25.72
CA GLN D 57 -2.71 10.13 -24.70
C GLN D 57 -1.85 11.09 -23.90
N VAL D 58 -0.67 10.66 -23.48
CA VAL D 58 0.19 11.52 -22.69
C VAL D 58 0.50 12.79 -23.49
N ALA D 59 0.91 12.63 -24.75
CA ALA D 59 1.23 13.77 -25.60
C ALA D 59 0.02 14.71 -25.70
N LYS D 60 -1.09 14.15 -26.15
CA LYS D 60 -2.36 14.87 -26.29
C LYS D 60 -2.62 15.77 -25.07
N GLN D 61 -2.53 15.18 -23.89
CA GLN D 61 -2.74 15.88 -22.64
C GLN D 61 -1.69 16.95 -22.35
N LEU D 62 -0.44 16.74 -22.75
CA LEU D 62 0.58 17.75 -22.51
C LEU D 62 0.22 19.01 -23.27
N LEU D 63 -0.25 18.85 -24.51
CA LEU D 63 -0.64 20.00 -25.32
C LEU D 63 -1.89 20.63 -24.72
N GLU D 64 -2.84 19.80 -24.34
CA GLU D 64 -4.07 20.30 -23.72
C GLU D 64 -3.74 21.12 -22.49
N LYS D 65 -2.99 20.54 -21.56
CA LYS D 65 -2.64 21.24 -20.33
C LYS D 65 -1.82 22.49 -20.58
N SER D 66 -0.90 22.41 -21.54
CA SER D 66 0.00 23.53 -21.80
C SER D 66 -0.50 24.56 -22.80
N GLY D 67 -1.56 24.24 -23.52
CA GLY D 67 -2.09 25.18 -24.49
C GLY D 67 -1.22 25.26 -25.73
N LYS D 68 -0.15 24.49 -25.77
CA LYS D 68 0.69 24.55 -26.96
C LYS D 68 0.04 23.76 -28.07
N GLN D 69 0.48 24.03 -29.30
CA GLN D 69 -0.04 23.36 -30.48
C GLN D 69 1.01 22.34 -30.91
N ALA D 70 0.57 21.26 -31.53
CA ALA D 70 1.50 20.25 -32.03
C ALA D 70 2.52 20.87 -32.99
N SER D 71 2.09 21.89 -33.72
CA SER D 71 2.98 22.55 -34.66
C SER D 71 4.17 23.16 -33.94
N GLU D 72 4.02 23.36 -32.64
CA GLU D 72 5.08 23.97 -31.86
C GLU D 72 6.16 22.98 -31.42
N ILE D 73 5.81 21.70 -31.37
CA ILE D 73 6.78 20.68 -30.97
C ILE D 73 7.91 20.49 -31.97
N ASP D 74 9.13 20.69 -31.47
CA ASP D 74 10.32 20.56 -32.29
C ASP D 74 10.77 19.11 -32.38
N PHE D 75 10.48 18.32 -31.35
CA PHE D 75 10.87 16.91 -31.32
C PHE D 75 10.09 16.05 -30.31
N ILE D 76 10.19 14.75 -30.49
CA ILE D 76 9.52 13.81 -29.61
C ILE D 76 10.41 12.59 -29.36
N LEU D 77 10.65 12.29 -28.09
CA LEU D 77 11.47 11.15 -27.75
C LEU D 77 10.63 10.23 -26.88
N VAL D 78 10.52 8.97 -27.28
CA VAL D 78 9.76 8.01 -26.47
C VAL D 78 10.73 6.97 -25.97
N ALA D 79 10.70 6.72 -24.67
CA ALA D 79 11.57 5.72 -24.08
C ALA D 79 10.65 4.52 -23.84
N THR D 80 10.87 3.45 -24.62
CA THR D 80 10.07 2.25 -24.49
C THR D 80 10.92 1.03 -24.79
N VAL D 81 10.38 -0.15 -24.48
CA VAL D 81 11.09 -1.38 -24.72
C VAL D 81 10.04 -2.43 -25.06
N THR D 82 8.81 -1.92 -25.25
CA THR D 82 7.65 -2.74 -25.61
C THR D 82 6.89 -2.01 -26.73
N PRO D 83 7.62 -1.44 -27.69
CA PRO D 83 7.01 -0.71 -28.80
C PRO D 83 6.03 -1.54 -29.62
N ASP D 84 5.20 -0.87 -30.41
CA ASP D 84 4.26 -1.59 -31.27
C ASP D 84 5.05 -2.41 -32.28
N PHE D 85 5.86 -1.72 -33.09
CA PHE D 85 6.69 -2.36 -34.12
C PHE D 85 8.18 -2.00 -33.95
N ASN D 86 9.00 -2.72 -34.72
CA ASN D 86 10.44 -2.45 -34.73
C ASN D 86 10.46 -1.10 -35.42
N MET D 87 9.59 -0.96 -36.42
CA MET D 87 9.43 0.27 -37.18
C MET D 87 8.01 0.27 -37.75
N PRO D 88 7.31 1.41 -37.67
CA PRO D 88 7.74 2.69 -37.11
C PRO D 88 8.02 2.67 -35.60
N SER D 89 8.57 3.77 -35.10
CA SER D 89 8.86 3.92 -33.68
C SER D 89 7.60 4.49 -33.06
N VAL D 90 7.39 4.22 -31.78
CA VAL D 90 6.21 4.73 -31.09
C VAL D 90 6.22 6.26 -31.25
N ALA D 91 7.40 6.85 -31.16
CA ALA D 91 7.56 8.30 -31.30
C ALA D 91 6.93 8.79 -32.61
N CYS D 92 7.22 8.09 -33.70
CA CYS D 92 6.67 8.47 -35.00
C CYS D 92 5.15 8.30 -35.06
N GLN D 93 4.65 7.26 -34.42
CA GLN D 93 3.21 7.04 -34.43
C GLN D 93 2.57 8.17 -33.64
N VAL D 94 3.17 8.49 -32.50
CA VAL D 94 2.68 9.57 -31.67
C VAL D 94 2.75 10.88 -32.45
N GLN D 95 3.85 11.08 -33.16
CA GLN D 95 4.05 12.29 -33.96
C GLN D 95 2.91 12.46 -34.97
N GLY D 96 2.60 11.40 -35.72
CA GLY D 96 1.54 11.51 -36.70
C GLY D 96 0.18 11.56 -36.04
N ALA D 97 0.06 10.92 -34.88
CA ALA D 97 -1.20 10.86 -34.16
C ALA D 97 -1.65 12.23 -33.66
N ILE D 98 -0.72 13.08 -33.26
CA ILE D 98 -1.07 14.39 -32.74
C ILE D 98 -0.84 15.50 -33.77
N GLY D 99 -0.40 15.10 -34.96
CA GLY D 99 -0.16 16.05 -36.02
C GLY D 99 1.00 17.00 -35.77
N ALA D 100 2.02 16.52 -35.07
CA ALA D 100 3.19 17.34 -34.75
C ALA D 100 4.07 17.29 -35.98
N THR D 101 3.56 17.83 -37.07
CA THR D 101 4.27 17.86 -38.34
C THR D 101 5.66 18.49 -38.31
N GLU D 102 5.87 19.44 -37.40
CA GLU D 102 7.13 20.15 -37.28
C GLU D 102 8.20 19.48 -36.44
N ALA D 103 7.91 18.31 -35.90
CA ALA D 103 8.88 17.62 -35.06
C ALA D 103 9.41 16.33 -35.68
N PHE D 104 10.64 15.96 -35.31
CA PHE D 104 11.24 14.72 -35.78
C PHE D 104 11.19 13.86 -34.52
N ALA D 105 11.21 12.54 -34.66
CA ALA D 105 11.12 11.71 -33.48
C ALA D 105 11.73 10.32 -33.61
N PHE D 106 11.91 9.68 -32.46
CA PHE D 106 12.47 8.34 -32.39
C PHE D 106 12.38 7.81 -30.98
N ASP D 107 12.55 6.51 -30.84
CA ASP D 107 12.50 5.87 -29.53
C ASP D 107 13.91 5.60 -29.05
N ILE D 108 14.05 5.54 -27.73
CA ILE D 108 15.34 5.27 -27.13
C ILE D 108 15.17 3.97 -26.38
N SER D 109 16.11 3.06 -26.63
CA SER D 109 16.09 1.76 -25.99
C SER D 109 17.09 1.69 -24.83
N ALA D 110 16.59 1.94 -23.62
CA ALA D 110 17.42 1.90 -22.41
C ALA D 110 16.65 1.32 -21.21
N ALA D 111 15.76 0.38 -21.49
CA ALA D 111 14.95 -0.28 -20.47
C ALA D 111 14.34 0.64 -19.41
N CYS D 112 14.51 0.24 -18.16
CA CYS D 112 13.98 0.98 -17.02
C CYS D 112 14.74 2.26 -16.72
N SER D 113 15.71 2.60 -17.57
CA SER D 113 16.49 3.83 -17.40
C SER D 113 16.15 4.76 -18.56
N GLY D 114 15.33 4.25 -19.47
CA GLY D 114 14.91 4.98 -20.65
C GLY D 114 14.42 6.38 -20.43
N PHE D 115 13.71 6.66 -19.34
CA PHE D 115 13.24 8.02 -19.13
C PHE D 115 14.36 8.99 -18.74
N VAL D 116 15.19 8.57 -17.77
CA VAL D 116 16.29 9.41 -17.35
C VAL D 116 17.25 9.62 -18.52
N TYR D 117 17.49 8.57 -19.29
CA TYR D 117 18.36 8.65 -20.46
C TYR D 117 17.77 9.61 -21.47
N ALA D 118 16.53 9.33 -21.86
CA ALA D 118 15.80 10.13 -22.85
C ALA D 118 15.72 11.59 -22.45
N LEU D 119 15.38 11.83 -21.20
CA LEU D 119 15.27 13.17 -20.67
C LEU D 119 16.60 13.90 -20.83
N SER D 120 17.68 13.28 -20.39
CA SER D 120 19.00 13.88 -20.53
C SER D 120 19.24 14.26 -21.99
N MET D 121 18.92 13.33 -22.88
CA MET D 121 19.09 13.54 -24.30
C MET D 121 18.42 14.83 -24.74
N ALA D 122 17.18 15.03 -24.30
CA ALA D 122 16.43 16.23 -24.64
C ALA D 122 17.17 17.47 -24.17
N GLU D 123 17.73 17.40 -22.96
CA GLU D 123 18.48 18.51 -22.39
C GLU D 123 19.61 18.91 -23.34
N LYS D 124 20.30 17.91 -23.88
CA LYS D 124 21.38 18.18 -24.82
C LYS D 124 20.85 18.89 -26.05
N LEU D 125 19.73 18.40 -26.58
CA LEU D 125 19.09 18.96 -27.77
C LEU D 125 18.72 20.44 -27.62
N VAL D 126 18.12 20.77 -26.47
CA VAL D 126 17.72 22.13 -26.22
C VAL D 126 18.95 23.00 -26.04
N LEU D 127 19.89 22.51 -25.23
CA LEU D 127 21.13 23.22 -24.96
C LEU D 127 21.88 23.60 -26.25
N SER D 128 21.70 22.76 -27.27
CA SER D 128 22.34 22.95 -28.57
C SER D 128 21.83 24.22 -29.25
N GLY D 129 20.74 24.77 -28.74
CA GLY D 129 20.18 25.99 -29.32
C GLY D 129 19.43 25.73 -30.62
N ARG D 130 19.47 24.49 -31.09
CA ARG D 130 18.79 24.14 -32.32
C ARG D 130 17.31 23.85 -32.09
N TYR D 131 16.99 23.30 -30.92
CA TYR D 131 15.61 22.95 -30.59
C TYR D 131 15.20 23.55 -29.26
N GLN D 132 13.95 24.03 -29.20
CA GLN D 132 13.45 24.66 -27.99
C GLN D 132 12.24 24.02 -27.31
N THR D 133 11.54 23.15 -28.02
CA THR D 133 10.36 22.48 -27.47
C THR D 133 10.31 20.99 -27.84
N GLY D 134 9.96 20.15 -26.88
CA GLY D 134 9.90 18.72 -27.14
C GLY D 134 9.10 17.93 -26.14
N LEU D 135 8.78 16.69 -26.49
CA LEU D 135 8.02 15.84 -25.59
C LEU D 135 8.84 14.60 -25.30
N VAL D 136 9.07 14.33 -24.01
CA VAL D 136 9.81 13.14 -23.60
C VAL D 136 8.79 12.27 -22.86
N ILE D 137 8.45 11.15 -23.46
CA ILE D 137 7.46 10.24 -22.90
C ILE D 137 8.01 8.85 -22.66
N GLY D 138 7.69 8.28 -21.51
CA GLY D 138 8.11 6.93 -21.20
C GLY D 138 6.86 6.08 -21.18
N GLY D 139 6.76 5.13 -22.11
CA GLY D 139 5.58 4.28 -22.15
C GLY D 139 5.91 2.82 -22.31
N GLU D 140 5.14 1.95 -21.65
CA GLU D 140 5.34 0.49 -21.69
C GLU D 140 4.05 -0.37 -21.63
N THR D 141 4.07 -1.54 -22.27
CA THR D 141 2.96 -2.48 -22.22
C THR D 141 3.56 -3.87 -22.09
N PHE D 142 4.05 -4.15 -20.89
CA PHE D 142 4.65 -5.43 -20.57
C PHE D 142 3.69 -6.62 -20.61
N SER D 143 2.42 -6.38 -20.28
CA SER D 143 1.45 -7.46 -20.29
C SER D 143 1.59 -8.38 -21.51
N LYS D 144 1.97 -7.82 -22.65
CA LYS D 144 2.11 -8.61 -23.87
C LYS D 144 3.43 -9.36 -23.99
N MET D 145 4.36 -9.06 -23.09
CA MET D 145 5.69 -9.70 -23.09
C MET D 145 5.79 -10.80 -22.05
N LEU D 146 4.96 -10.69 -21.01
CA LEU D 146 4.98 -11.63 -19.91
C LEU D 146 4.36 -13.01 -20.15
N ASP D 147 4.92 -14.00 -19.46
CA ASP D 147 4.40 -15.36 -19.50
C ASP D 147 3.55 -15.42 -18.23
N TRP D 148 2.25 -15.22 -18.38
CA TRP D 148 1.33 -15.18 -17.24
C TRP D 148 1.16 -16.46 -16.42
N THR D 149 2.14 -17.34 -16.50
CA THR D 149 2.11 -18.57 -15.73
C THR D 149 3.37 -18.56 -14.88
N ASP D 150 4.30 -17.67 -15.25
CA ASP D 150 5.52 -17.52 -14.50
C ASP D 150 5.23 -16.44 -13.49
N ARG D 151 4.87 -16.86 -12.28
CA ARG D 151 4.56 -15.93 -11.21
C ARG D 151 5.81 -15.14 -10.83
N SER D 152 6.98 -15.68 -11.19
CA SER D 152 8.25 -15.01 -10.91
C SER D 152 8.28 -13.61 -11.49
N THR D 153 7.68 -13.43 -12.66
CA THR D 153 7.68 -12.13 -13.31
C THR D 153 6.29 -11.55 -13.57
N ALA D 154 5.31 -12.42 -13.78
CA ALA D 154 3.96 -11.99 -14.07
C ALA D 154 3.37 -11.03 -13.04
N VAL D 155 3.78 -11.15 -11.79
CA VAL D 155 3.26 -10.29 -10.72
C VAL D 155 3.92 -8.93 -10.55
N LEU D 156 5.00 -8.67 -11.30
CA LEU D 156 5.73 -7.42 -11.16
C LEU D 156 5.42 -6.28 -12.12
N PHE D 157 5.27 -6.57 -13.40
CA PHE D 157 5.06 -5.53 -14.39
C PHE D 157 3.65 -5.12 -14.78
N GLY D 158 3.52 -3.82 -15.07
CA GLY D 158 2.25 -3.26 -15.48
C GLY D 158 2.43 -2.41 -16.73
N ASP D 159 1.35 -2.00 -17.38
CA ASP D 159 1.47 -1.18 -18.57
C ASP D 159 1.14 0.24 -18.15
N GLY D 160 1.66 1.21 -18.90
CA GLY D 160 1.41 2.61 -18.59
C GLY D 160 2.31 3.57 -19.36
N ALA D 161 1.97 4.85 -19.33
CA ALA D 161 2.77 5.86 -20.01
C ALA D 161 2.63 7.19 -19.28
N ALA D 162 3.66 8.00 -19.38
CA ALA D 162 3.71 9.31 -18.75
C ALA D 162 4.87 10.05 -19.38
N GLY D 163 4.81 11.38 -19.36
CA GLY D 163 5.88 12.17 -19.93
C GLY D 163 5.82 13.61 -19.47
N VAL D 164 6.68 14.43 -20.04
CA VAL D 164 6.75 15.83 -19.70
C VAL D 164 6.92 16.68 -20.94
N LEU D 165 6.53 17.93 -20.86
CA LEU D 165 6.67 18.88 -21.95
C LEU D 165 7.93 19.64 -21.52
N ILE D 166 8.94 19.67 -22.38
CA ILE D 166 10.19 20.34 -22.06
C ILE D 166 10.48 21.47 -23.01
N GLU D 167 10.85 22.63 -22.48
CA GLU D 167 11.15 23.81 -23.28
C GLU D 167 12.28 24.62 -22.66
N ALA D 168 12.99 25.37 -23.51
CA ALA D 168 14.13 26.18 -23.09
C ALA D 168 13.72 27.30 -22.15
N ALA D 169 14.62 27.64 -21.23
CA ALA D 169 14.39 28.69 -20.26
C ALA D 169 15.65 29.56 -20.19
N GLU D 170 15.57 30.66 -19.47
CA GLU D 170 16.73 31.53 -19.34
C GLU D 170 17.61 31.05 -18.18
N THR D 171 17.00 30.36 -17.22
CA THR D 171 17.73 29.86 -16.06
C THR D 171 17.94 28.34 -16.11
N PRO D 172 19.12 27.88 -15.66
CA PRO D 172 19.44 26.44 -15.66
C PRO D 172 18.69 25.61 -14.63
N HIS D 173 18.19 24.46 -15.08
CA HIS D 173 17.45 23.54 -14.21
C HIS D 173 18.16 22.21 -14.05
N PHE D 174 18.67 21.67 -15.15
CA PHE D 174 19.38 20.40 -15.13
C PHE D 174 20.79 20.63 -14.61
N LEU D 175 20.91 20.60 -13.29
CA LEU D 175 22.18 20.84 -12.64
C LEU D 175 23.29 19.85 -12.98
N ASN D 176 23.09 18.55 -12.77
CA ASN D 176 24.13 17.58 -13.08
C ASN D 176 23.59 16.18 -13.39
N GLU D 177 24.42 15.31 -13.97
CA GLU D 177 23.98 13.97 -14.32
C GLU D 177 25.09 12.92 -14.38
N LYS D 178 24.70 11.66 -14.20
CA LYS D 178 25.62 10.54 -14.27
C LYS D 178 24.92 9.28 -14.80
N LEU D 179 25.08 9.06 -16.09
CA LEU D 179 24.47 7.93 -16.78
C LEU D 179 25.48 6.79 -16.86
N GLN D 180 25.06 5.57 -16.59
CA GLN D 180 26.00 4.46 -16.67
C GLN D 180 25.31 3.24 -17.24
N ALA D 181 26.09 2.19 -17.40
CA ALA D 181 25.60 0.93 -17.94
C ALA D 181 26.65 -0.13 -17.69
N ASP D 182 26.24 -1.38 -17.80
CA ASP D 182 27.16 -2.51 -17.61
C ASP D 182 26.61 -3.68 -18.41
N GLY D 183 26.96 -3.71 -19.68
CA GLY D 183 26.47 -4.76 -20.57
C GLY D 183 27.02 -6.13 -20.27
N GLN D 184 27.85 -6.24 -19.24
CA GLN D 184 28.41 -7.53 -18.89
C GLN D 184 27.48 -8.32 -18.00
N ARG D 185 26.30 -7.78 -17.75
CA ARG D 185 25.28 -8.43 -16.95
C ARG D 185 23.95 -8.34 -17.72
N TRP D 186 24.01 -8.04 -19.01
CA TRP D 186 22.80 -7.89 -19.82
C TRP D 186 21.81 -9.03 -19.64
N THR D 187 22.35 -10.21 -19.39
CA THR D 187 21.56 -11.43 -19.22
C THR D 187 20.58 -11.38 -18.03
N ALA D 188 20.87 -10.48 -17.08
CA ALA D 188 20.06 -10.33 -15.87
C ALA D 188 18.59 -10.04 -16.12
N LEU D 189 18.29 -9.26 -17.16
CA LEU D 189 16.91 -8.93 -17.48
C LEU D 189 16.80 -8.79 -18.99
N THR D 190 15.98 -9.65 -19.59
CA THR D 190 15.82 -9.67 -21.04
C THR D 190 14.41 -10.01 -21.49
N SER D 191 14.03 -9.45 -22.64
CA SER D 191 12.71 -9.71 -23.22
C SER D 191 12.75 -9.42 -24.71
N GLY D 192 11.72 -9.86 -25.40
CA GLY D 192 11.62 -9.62 -26.83
C GLY D 192 12.63 -10.21 -27.78
N TYR D 193 13.22 -11.33 -27.43
CA TYR D 193 14.19 -11.94 -28.33
C TYR D 193 13.47 -12.44 -29.56
N THR D 194 13.84 -11.90 -30.71
CA THR D 194 13.24 -12.34 -31.96
C THR D 194 14.25 -13.25 -32.66
N ILE D 195 13.84 -14.50 -32.89
CA ILE D 195 14.70 -15.51 -33.51
C ILE D 195 14.74 -15.43 -35.03
N ASN D 196 15.88 -15.82 -35.59
CA ASN D 196 16.12 -15.79 -37.03
C ASN D 196 15.77 -17.10 -37.68
N GLU D 197 14.72 -17.11 -38.48
CA GLU D 197 14.33 -18.32 -39.16
C GLU D 197 14.35 -18.13 -40.67
N SER D 198 15.37 -17.42 -41.15
CA SER D 198 15.51 -17.24 -42.59
C SER D 198 16.08 -18.54 -43.12
N PRO D 199 15.95 -18.80 -44.42
CA PRO D 199 16.46 -20.02 -45.03
C PRO D 199 17.98 -20.12 -45.00
N PHE D 200 18.64 -19.00 -44.71
CA PHE D 200 20.11 -18.97 -44.69
C PHE D 200 20.69 -19.20 -43.32
N TYR D 201 19.96 -18.77 -42.28
CA TYR D 201 20.43 -18.92 -40.91
C TYR D 201 20.63 -20.38 -40.57
N GLN D 202 21.78 -20.72 -40.02
CA GLN D 202 22.05 -22.10 -39.64
C GLN D 202 22.38 -22.26 -38.15
N GLY D 203 22.49 -21.15 -37.44
CA GLY D 203 22.79 -21.22 -36.03
C GLY D 203 21.63 -21.86 -35.30
N HIS D 204 21.87 -22.38 -34.10
CA HIS D 204 20.81 -23.02 -33.33
C HIS D 204 20.36 -22.24 -32.09
N LYS D 205 20.37 -20.92 -32.18
CA LYS D 205 19.95 -20.10 -31.06
C LYS D 205 18.52 -20.53 -30.75
N SER D 208 12.36 -18.03 -27.05
CA SER D 208 11.83 -17.34 -25.88
C SER D 208 11.61 -15.87 -26.17
N LYS D 209 10.37 -15.52 -26.51
CA LYS D 209 10.01 -14.13 -26.80
C LYS D 209 9.65 -13.40 -25.50
N THR D 210 9.21 -14.14 -24.49
CA THR D 210 8.79 -13.55 -23.23
C THR D 210 9.90 -13.15 -22.25
N LEU D 211 9.59 -12.12 -21.47
CA LEU D 211 10.49 -11.55 -20.48
C LEU D 211 10.97 -12.53 -19.44
N GLN D 212 12.23 -12.41 -19.06
CA GLN D 212 12.82 -13.26 -18.04
C GLN D 212 13.87 -12.44 -17.33
N MET D 213 14.00 -12.65 -16.02
CA MET D 213 15.00 -11.90 -15.26
C MET D 213 15.52 -12.64 -14.04
N GLU D 214 16.72 -12.29 -13.62
CA GLU D 214 17.32 -12.90 -12.45
C GLU D 214 17.12 -11.95 -11.28
N GLY D 215 16.16 -12.33 -10.44
CA GLY D 215 15.79 -11.54 -9.28
C GLY D 215 16.90 -10.99 -8.43
N ARG D 216 17.60 -11.89 -7.75
CA ARG D 216 18.69 -11.51 -6.88
C ARG D 216 19.69 -10.60 -7.56
N SER D 217 20.18 -11.03 -8.72
CA SER D 217 21.16 -10.27 -9.49
C SER D 217 20.84 -8.78 -9.50
N ILE D 218 19.66 -8.46 -10.04
CA ILE D 218 19.18 -7.08 -10.15
C ILE D 218 18.96 -6.42 -8.78
N PHE D 219 18.45 -7.18 -7.83
CA PHE D 219 18.22 -6.66 -6.48
C PHE D 219 19.54 -6.14 -5.95
N ASP D 220 20.47 -7.06 -5.74
CA ASP D 220 21.81 -6.73 -5.23
C ASP D 220 22.42 -5.59 -6.02
N PHE D 221 22.37 -5.71 -7.35
CA PHE D 221 22.92 -4.70 -8.23
C PHE D 221 22.37 -3.32 -7.95
N ALA D 222 21.04 -3.20 -7.93
CA ALA D 222 20.40 -1.92 -7.68
C ALA D 222 20.90 -1.31 -6.38
N ILE D 223 20.70 -2.03 -5.29
CA ILE D 223 21.12 -1.55 -3.98
C ILE D 223 22.57 -1.03 -3.94
N LYS D 224 23.50 -1.75 -4.56
CA LYS D 224 24.89 -1.31 -4.53
C LYS D 224 25.26 -0.22 -5.50
N ASP D 225 25.10 -0.51 -6.80
CA ASP D 225 25.49 0.46 -7.81
C ASP D 225 24.61 1.68 -7.95
N VAL D 226 23.33 1.56 -7.60
CA VAL D 226 22.46 2.72 -7.70
C VAL D 226 22.77 3.70 -6.56
N SER D 227 22.91 3.19 -5.34
CA SER D 227 23.22 4.03 -4.20
C SER D 227 24.50 4.84 -4.45
N GLN D 228 25.51 4.17 -5.01
CA GLN D 228 26.79 4.83 -5.29
C GLN D 228 26.60 5.88 -6.37
N ASN D 229 25.66 5.63 -7.26
CA ASN D 229 25.36 6.56 -8.35
C ASN D 229 24.72 7.83 -7.82
N ILE D 230 23.64 7.64 -7.05
CA ILE D 230 22.90 8.76 -6.46
C ILE D 230 23.79 9.66 -5.61
N LEU D 231 24.69 9.06 -4.83
CA LEU D 231 25.60 9.81 -3.97
C LEU D 231 26.61 10.61 -4.79
N SER D 232 26.73 10.27 -6.07
CA SER D 232 27.63 10.97 -6.97
C SER D 232 27.12 12.40 -7.15
N LEU D 233 25.80 12.55 -7.19
CA LEU D 233 25.18 13.84 -7.40
C LEU D 233 24.82 14.60 -6.14
N VAL D 234 24.31 13.90 -5.14
CA VAL D 234 23.87 14.60 -3.94
C VAL D 234 24.10 13.86 -2.63
N THR D 235 23.63 14.50 -1.56
CA THR D 235 23.67 13.97 -0.19
C THR D 235 22.38 14.48 0.45
N ASP D 236 21.96 13.89 1.57
CA ASP D 236 20.71 14.35 2.19
C ASP D 236 20.65 15.86 2.30
N GLU D 237 21.78 16.48 2.63
CA GLU D 237 21.82 17.92 2.77
C GLU D 237 21.74 18.67 1.45
N THR D 238 21.60 17.96 0.34
CA THR D 238 21.53 18.66 -0.94
C THR D 238 20.45 18.17 -1.88
N VAL D 239 19.47 17.46 -1.35
CA VAL D 239 18.36 16.95 -2.17
C VAL D 239 17.03 17.08 -1.43
N ASP D 240 15.96 17.36 -2.16
CA ASP D 240 14.63 17.52 -1.59
C ASP D 240 13.77 16.29 -1.83
N TYR D 241 13.86 15.74 -3.04
CA TYR D 241 13.09 14.55 -3.37
C TYR D 241 13.82 13.69 -4.39
N LEU D 242 13.55 12.40 -4.33
CA LEU D 242 14.14 11.44 -5.25
C LEU D 242 13.06 10.54 -5.86
N LEU D 243 13.02 10.50 -7.19
CA LEU D 243 12.06 9.67 -7.90
C LEU D 243 12.82 8.56 -8.59
N LEU D 244 12.83 7.38 -7.97
CA LEU D 244 13.54 6.23 -8.53
C LEU D 244 12.61 5.30 -9.29
N HIS D 245 13.20 4.42 -10.09
CA HIS D 245 12.41 3.44 -10.84
C HIS D 245 11.60 2.67 -9.80
N GLN D 246 10.30 2.58 -10.02
CA GLN D 246 9.42 1.91 -9.09
C GLN D 246 9.32 0.39 -9.23
N ALA D 247 10.47 -0.27 -9.12
CA ALA D 247 10.55 -1.73 -9.21
C ALA D 247 10.05 -2.43 -7.93
N SER D 248 10.70 -2.15 -6.80
CA SER D 248 10.36 -2.74 -5.52
C SER D 248 10.57 -1.73 -4.40
N VAL D 249 9.64 -1.64 -3.48
CA VAL D 249 9.77 -0.70 -2.37
C VAL D 249 10.93 -1.12 -1.45
N ARG D 250 11.11 -2.43 -1.32
CA ARG D 250 12.17 -2.99 -0.48
C ARG D 250 13.52 -2.54 -1.01
N ILE D 251 13.58 -2.30 -2.32
CA ILE D 251 14.81 -1.84 -2.95
C ILE D 251 15.03 -0.39 -2.58
N ILE D 252 13.98 0.43 -2.71
CA ILE D 252 14.04 1.84 -2.37
C ILE D 252 14.36 1.94 -0.88
N ASP D 253 13.79 1.03 -0.11
CA ASP D 253 14.04 1.01 1.32
C ASP D 253 15.55 0.92 1.54
N LYS D 254 16.12 -0.18 1.07
CA LYS D 254 17.54 -0.44 1.24
C LYS D 254 18.47 0.63 0.67
N ILE D 255 18.01 1.34 -0.36
CA ILE D 255 18.84 2.40 -0.94
C ILE D 255 18.80 3.63 -0.04
N ALA D 256 17.62 3.99 0.42
CA ALA D 256 17.47 5.11 1.31
C ALA D 256 18.38 4.90 2.52
N ARG D 257 18.48 3.66 3.00
CA ARG D 257 19.30 3.32 4.16
C ARG D 257 20.81 3.47 3.88
N LYS D 258 21.28 2.79 2.83
CA LYS D 258 22.69 2.82 2.46
C LYS D 258 23.11 4.21 2.03
N THR D 259 22.14 4.91 1.48
CA THR D 259 22.37 6.25 0.97
C THR D 259 22.42 7.30 2.08
N LYS D 260 21.82 6.99 3.22
CA LYS D 260 21.80 7.93 4.33
C LYS D 260 20.96 9.16 3.96
N ILE D 261 19.91 8.97 3.17
CA ILE D 261 19.01 10.05 2.77
C ILE D 261 17.63 9.78 3.33
N SER D 262 17.05 10.77 3.99
CA SER D 262 15.72 10.66 4.58
C SER D 262 14.76 9.87 3.64
N ARG D 263 14.27 8.73 4.12
CA ARG D 263 13.39 7.87 3.32
C ARG D 263 12.08 8.51 2.86
N GLU D 264 11.64 9.59 3.51
CA GLU D 264 10.41 10.27 3.10
C GLU D 264 10.64 10.90 1.73
N LYS D 265 11.90 11.19 1.43
CA LYS D 265 12.28 11.84 0.17
C LYS D 265 12.12 10.94 -1.03
N PHE D 266 12.09 9.64 -0.79
CA PHE D 266 11.94 8.66 -1.87
C PHE D 266 10.44 8.43 -2.05
N LEU D 267 9.87 9.07 -3.06
CA LEU D 267 8.44 8.93 -3.33
C LEU D 267 8.12 7.56 -3.94
N THR D 268 7.05 6.94 -3.43
CA THR D 268 6.62 5.62 -3.87
C THR D 268 5.27 5.61 -4.62
N ASN D 269 5.07 4.61 -5.49
CA ASN D 269 3.86 4.49 -6.29
C ASN D 269 3.52 3.08 -6.71
N MET D 270 4.53 2.21 -6.72
CA MET D 270 4.32 0.84 -7.18
C MET D 270 3.06 0.13 -6.67
N ASP D 271 2.48 0.59 -5.57
CA ASP D 271 1.28 -0.08 -5.06
C ASP D 271 0.09 -0.03 -6.02
N LYS D 272 0.00 1.02 -6.82
CA LYS D 272 -1.10 1.16 -7.74
C LYS D 272 -0.74 0.82 -9.17
N TYR D 273 0.56 0.84 -9.51
CA TYR D 273 0.95 0.56 -10.89
C TYR D 273 1.95 -0.56 -11.15
N GLY D 274 2.67 -0.98 -10.12
CA GLY D 274 3.66 -2.03 -10.28
C GLY D 274 4.84 -1.50 -11.07
N ASN D 275 5.64 -2.39 -11.63
CA ASN D 275 6.77 -1.97 -12.43
C ASN D 275 6.30 -1.65 -13.85
N THR D 276 6.43 -0.40 -14.24
CA THR D 276 6.05 0.03 -15.60
C THR D 276 7.31 0.45 -16.33
N SER D 277 8.45 0.00 -15.81
CA SER D 277 9.75 0.27 -16.38
C SER D 277 10.02 1.74 -16.69
N ALA D 278 10.15 2.06 -17.98
CA ALA D 278 10.42 3.42 -18.42
C ALA D 278 9.32 4.42 -18.12
N ALA D 279 8.15 3.95 -17.73
CA ALA D 279 7.05 4.85 -17.44
C ALA D 279 6.90 5.10 -15.95
N SER D 280 7.56 4.29 -15.13
CA SER D 280 7.45 4.42 -13.69
C SER D 280 7.75 5.80 -13.12
N ILE D 281 8.89 6.38 -13.48
CA ILE D 281 9.28 7.68 -12.97
C ILE D 281 8.37 8.85 -13.41
N PRO D 282 8.04 8.93 -14.70
CA PRO D 282 7.16 10.03 -15.14
C PRO D 282 5.74 9.94 -14.58
N ILE D 283 5.28 8.73 -14.29
CA ILE D 283 3.94 8.54 -13.72
C ILE D 283 3.98 9.09 -12.30
N LEU D 284 5.06 8.72 -11.61
CA LEU D 284 5.29 9.13 -10.23
C LEU D 284 5.43 10.64 -10.15
N LEU D 285 6.11 11.21 -11.14
CA LEU D 285 6.34 12.64 -11.19
C LEU D 285 5.04 13.42 -11.39
N ASP D 286 4.22 13.00 -12.35
CA ASP D 286 2.96 13.70 -12.60
C ASP D 286 2.12 13.63 -11.36
N GLU D 287 1.94 12.43 -10.83
CA GLU D 287 1.14 12.25 -9.60
C GLU D 287 1.63 13.14 -8.47
N ALA D 288 2.95 13.26 -8.31
CA ALA D 288 3.54 14.07 -7.24
C ALA D 288 3.22 15.53 -7.52
N VAL D 289 3.28 15.92 -8.78
CA VAL D 289 2.97 17.28 -9.14
C VAL D 289 1.51 17.50 -8.82
N GLU D 290 0.71 16.50 -9.21
CA GLU D 290 -0.72 16.53 -9.01
C GLU D 290 -1.11 16.65 -7.54
N ASN D 291 -0.42 15.94 -6.67
CA ASN D 291 -0.72 15.98 -5.24
C ASN D 291 -0.21 17.28 -4.67
N GLY D 292 0.71 17.91 -5.37
CA GLY D 292 1.28 19.16 -4.88
C GLY D 292 2.56 18.93 -4.12
N THR D 293 2.99 17.68 -4.02
CA THR D 293 4.23 17.35 -3.30
C THR D 293 5.38 18.06 -4.00
N LEU D 294 5.31 18.07 -5.33
CA LEU D 294 6.31 18.75 -6.13
C LEU D 294 5.55 19.87 -6.81
N ILE D 295 6.25 20.97 -7.06
CA ILE D 295 5.62 22.12 -7.67
C ILE D 295 6.60 22.78 -8.63
N LEU D 296 6.26 22.81 -9.91
CA LEU D 296 7.13 23.40 -10.90
C LEU D 296 7.32 24.88 -10.58
N GLY D 297 8.56 25.34 -10.70
CA GLY D 297 8.89 26.73 -10.41
C GLY D 297 9.39 26.90 -8.99
N SER D 298 9.01 25.96 -8.13
CA SER D 298 9.39 25.95 -6.72
C SER D 298 10.89 25.88 -6.51
N GLN D 299 11.62 25.32 -7.47
CA GLN D 299 13.08 25.23 -7.38
C GLN D 299 13.59 24.11 -6.50
N GLN D 300 12.73 23.16 -6.15
CA GLN D 300 13.19 22.09 -5.29
C GLN D 300 14.22 21.23 -6.00
N ARG D 301 15.24 20.81 -5.26
CA ARG D 301 16.32 19.98 -5.79
C ARG D 301 15.87 18.52 -5.81
N VAL D 302 15.48 18.08 -7.00
CA VAL D 302 14.97 16.75 -7.26
C VAL D 302 15.96 15.93 -8.07
N VAL D 303 16.03 14.63 -7.79
CA VAL D 303 16.91 13.75 -8.55
C VAL D 303 16.03 12.60 -9.07
N LEU D 304 16.21 12.28 -10.35
CA LEU D 304 15.46 11.22 -11.02
C LEU D 304 16.43 10.11 -11.32
N THR D 305 16.18 8.92 -10.77
CA THR D 305 17.10 7.81 -11.02
C THR D 305 16.39 6.52 -11.47
N GLY D 306 16.90 5.95 -12.56
CA GLY D 306 16.34 4.72 -13.09
C GLY D 306 17.42 3.64 -13.18
N PHE D 307 17.00 2.38 -13.30
CA PHE D 307 17.94 1.27 -13.37
C PHE D 307 17.23 0.02 -13.86
N GLY D 308 17.93 -0.82 -14.59
CA GLY D 308 17.32 -2.03 -15.09
C GLY D 308 18.00 -2.63 -16.29
N GLY D 309 17.20 -3.22 -17.18
CA GLY D 309 17.72 -3.85 -18.39
C GLY D 309 18.90 -3.18 -19.06
N GLY D 310 19.96 -3.96 -19.30
CA GLY D 310 21.14 -3.41 -19.93
C GLY D 310 22.42 -4.14 -19.59
N LEU D 311 22.89 -4.00 -18.34
CA LEU D 311 22.27 -3.18 -17.32
C LEU D 311 22.49 -1.69 -17.56
N THR D 312 21.49 -0.89 -17.23
CA THR D 312 21.57 0.56 -17.37
C THR D 312 21.07 1.20 -16.09
N TRP D 313 21.54 2.41 -15.83
CA TRP D 313 21.12 3.16 -14.66
C TRP D 313 21.74 4.54 -14.75
N GLY D 314 21.11 5.53 -14.12
CA GLY D 314 21.63 6.89 -14.16
C GLY D 314 20.72 7.83 -13.42
N SER D 315 21.27 8.94 -12.94
CA SER D 315 20.49 9.92 -12.19
C SER D 315 20.60 11.30 -12.80
N LEU D 316 19.59 12.12 -12.53
CA LEU D 316 19.58 13.49 -13.03
C LEU D 316 19.26 14.46 -11.91
N LEU D 317 20.20 15.34 -11.59
CA LEU D 317 19.96 16.32 -10.54
C LEU D 317 19.43 17.56 -11.22
N LEU D 318 18.17 17.89 -10.96
CA LEU D 318 17.58 19.07 -11.56
C LEU D 318 16.68 19.81 -10.58
N THR D 319 16.45 21.08 -10.90
CA THR D 319 15.62 21.92 -10.07
C THR D 319 14.29 22.10 -10.81
N LEU D 320 13.22 21.64 -10.19
CA LEU D 320 11.90 21.75 -10.77
C LEU D 320 11.40 23.19 -10.78
N1A ACO E . 4.73 12.92 9.99
C2A ACO E . 6.04 13.32 9.97
N3A ACO E . 6.84 13.18 11.12
C4A ACO E . 6.27 12.64 12.28
C5A ACO E . 4.88 12.22 12.31
C6A ACO E . 4.10 12.37 11.12
N6A ACO E . 2.82 11.99 11.15
N7A ACO E . 4.61 11.75 13.50
C8A ACO E . 5.77 11.84 14.29
N9A ACO E . 6.75 12.41 13.46
C1B ACO E . 8.16 12.77 13.65
C2B ACO E . 8.60 12.95 15.16
O2B ACO E . 8.12 14.13 15.81
C3B ACO E . 10.07 12.72 15.04
O3B ACO E . 10.79 13.77 14.45
P3B ACO E . 12.35 14.12 14.93
O7A ACO E . 12.38 14.00 16.53
O8A ACO E . 13.21 13.02 14.09
O9A ACO E . 12.53 15.64 14.45
C4B ACO E . 10.17 11.52 14.08
O4B ACO E . 8.96 11.61 13.29
C5B ACO E . 10.27 10.16 14.70
O5B ACO E . 11.63 9.99 15.12
P1A ACO E . 12.10 8.61 15.88
O1A ACO E . 12.12 7.36 14.90
O2A ACO E . 13.50 8.72 16.60
O3A ACO E . 10.91 8.59 17.03
P2A ACO E . 10.69 7.51 18.24
O4A ACO E . 12.07 6.91 18.67
O5A ACO E . 10.04 8.15 19.48
O6A ACO E . 9.81 6.31 17.59
CBP ACO E . 8.82 5.04 15.67
CCP ACO E . 9.19 6.44 16.29
CDP ACO E . 10.16 4.29 15.48
CEP ACO E . 8.02 4.28 16.76
CAP ACO E . 7.92 5.22 14.29
OAP ACO E . 8.12 4.05 13.47
C9P ACO E . 6.37 5.50 14.46
O9P ACO E . 6.02 6.46 15.23
N8P ACO E . 5.53 4.52 13.97
C7P ACO E . 4.04 4.38 14.04
C6P ACO E . 3.46 4.36 15.45
C5P ACO E . 3.97 3.10 16.18
O5P ACO E . 5.18 2.91 16.47
N4P ACO E . 3.16 2.16 16.54
C3P ACO E . 2.80 1.63 17.87
C2P ACO E . 1.67 0.68 17.57
S1P ACO E . 0.09 1.58 17.63
C ACO E . -0.81 0.61 18.47
O ACO E . -2.10 0.33 18.35
CH3 ACO E . -0.40 -0.41 19.71
N1A ACO F . -35.69 16.94 46.91
C2A ACO F . -36.80 17.66 46.54
N3A ACO F . -37.42 17.43 45.30
C4A ACO F . -36.88 16.44 44.45
C5A ACO F . -35.72 15.67 44.83
C6A ACO F . -35.11 15.94 46.11
N6A ACO F . -34.04 15.22 46.45
N7A ACO F . -35.43 14.82 43.87
C8A ACO F . -36.36 14.98 42.84
N9A ACO F . -37.23 16.01 43.27
C1B ACO F . -38.39 16.67 42.67
C2B ACO F . -38.82 16.12 41.24
O2B ACO F . -37.99 16.54 40.15
C3B ACO F . -40.28 16.44 41.24
O3B ACO F . -40.60 17.82 41.13
P3B ACO F . -40.42 18.65 39.69
O7A ACO F . -38.86 18.94 39.47
O8A ACO F . -41.10 17.66 38.62
O9A ACO F . -41.23 20.00 39.98
C4B ACO F . -40.73 15.97 42.67
O4B ACO F . -39.59 16.33 43.48
C5B ACO F . -41.08 14.52 42.92
O5B ACO F . -41.76 13.97 41.79
P1A ACO F . -41.62 12.38 41.35
O1A ACO F . -41.02 11.53 42.54
O2A ACO F . -43.00 11.75 40.92
O3A ACO F . -40.64 12.56 39.99
P2A ACO F . -39.47 11.55 39.31
O4A ACO F . -40.01 10.89 37.98
O5A ACO F . -38.16 12.29 38.93
O6A ACO F . -39.22 10.36 40.42
CBP ACO F . -40.08 8.20 41.43
CCP ACO F . -39.55 8.96 40.15
CDP ACO F . -41.62 8.37 41.40
CEP ACO F . -39.79 6.70 41.19
CAP ACO F . -39.38 8.70 42.86
OAP ACO F . -40.03 8.03 43.95
C9P ACO F . -37.80 8.61 42.99
O9P ACO F . -37.16 9.72 43.07
N8P ACO F . -37.30 7.37 43.31
C7P ACO F . -35.91 6.94 43.63
C6P ACO F . -34.95 6.85 42.43
C5P ACO F . -35.26 5.58 41.61
O5P ACO F . -36.40 5.38 41.08
N4P ACO F . -34.30 4.82 41.18
C3P ACO F . -34.15 4.07 39.91
C2P ACO F . -33.07 3.05 40.19
S1P ACO F . -31.45 3.80 39.86
C ACO F . -30.62 2.61 39.38
O ACO F . -29.33 2.41 39.49
CH3 ACO F . -31.01 1.48 38.23
N1A ACO G . 11.18 -9.47 -59.04
C2A ACO G . 10.19 -9.58 -60.00
N3A ACO G . 8.95 -8.93 -59.80
C4A ACO G . 8.76 -8.19 -58.63
C5A ACO G . 9.79 -8.08 -57.63
C6A ACO G . 11.04 -8.75 -57.85
N6A ACO G . 11.98 -8.64 -56.92
N7A ACO G . 9.37 -7.33 -56.64
C8A ACO G . 8.05 -6.93 -56.93
N9A ACO G . 7.75 -7.50 -58.18
C1B ACO G . 6.56 -7.46 -59.03
C2B ACO G . 5.21 -7.24 -58.23
O2B ACO G . 4.62 -8.39 -57.61
C3B ACO G . 4.43 -6.45 -59.20
O3B ACO G . 4.05 -7.15 -60.37
P3B ACO G . 2.49 -7.69 -60.53
O7A ACO G . 2.02 -8.23 -59.11
O8A ACO G . 1.75 -6.34 -61.05
O9A ACO G . 2.61 -8.88 -61.59
C4B ACO G . 5.48 -5.39 -59.64
O4B ACO G . 6.63 -6.23 -59.84
C5B ACO G . 5.80 -4.29 -58.64
O5B ACO G . 5.06 -3.12 -58.99
P1A ACO G . 5.80 -1.66 -59.35
O1A ACO G . 7.39 -1.76 -59.37
O2A ACO G . 5.30 -1.00 -60.69
O3A ACO G . 5.20 -0.81 -58.07
P2A ACO G . 5.58 -1.09 -56.52
O4A ACO G . 4.66 -0.28 -55.58
O5A ACO G . 5.51 -2.60 -56.12
O6A ACO G . 7.08 -0.47 -56.38
CBP ACO G . 8.86 1.21 -56.97
CCP ACO G . 7.33 0.88 -56.81
CDP ACO G . 8.88 2.49 -57.85
CEP ACO G . 9.34 1.61 -55.54
CAP ACO G . 9.74 -0.06 -57.58
OAP ACO G . 10.65 0.46 -58.54
C9P ACO G . 10.53 -0.99 -56.58
O9P ACO G . 10.06 -2.16 -56.37
N8P ACO G . 11.81 -0.56 -56.28
C7P ACO G . 12.68 -0.88 -55.13
C6P ACO G . 12.06 -0.60 -53.74
C5P ACO G . 12.24 0.90 -53.39
O5P ACO G . 12.67 1.77 -54.21
N4P ACO G . 12.03 1.30 -52.17
C3P ACO G . 11.72 2.64 -51.59
C2P ACO G . 12.85 2.93 -50.61
S1P ACO G . 12.86 1.69 -49.28
C ACO G . 13.50 2.41 -48.11
O ACO G . 14.06 1.88 -47.06
CH3 ACO G . 13.19 3.94 -47.55
N1A ACO H . 4.06 -15.72 -5.15
C2A ACO H . 4.54 -16.62 -4.23
N3A ACO H . 5.90 -16.99 -4.25
C4A ACO H . 6.75 -16.42 -5.21
C5A ACO H . 6.24 -15.46 -6.18
C6A ACO H . 4.85 -15.11 -6.13
N6A ACO H . 4.39 -14.24 -7.03
N7A ACO H . 7.23 -15.08 -6.95
C8A ACO H . 8.40 -15.75 -6.55
N9A ACO H . 8.01 -16.56 -5.46
C1B ACO H . 8.74 -17.50 -4.59
C2B ACO H . 9.94 -18.25 -5.28
O2B ACO H . 9.63 -19.27 -6.26
C3B ACO H . 10.77 -18.60 -4.08
O3B ACO H . 10.25 -19.62 -3.26
P3B ACO H . 11.22 -20.90 -2.87
O7A ACO H . 12.04 -21.30 -4.19
O8A ACO H . 12.08 -20.28 -1.64
O9A ACO H . 10.19 -22.05 -2.45
C4B ACO H . 10.76 -17.31 -3.24
O4B ACO H . 9.48 -16.71 -3.59
C5B ACO H . 11.89 -16.33 -3.49
O5B ACO H . 13.10 -16.89 -2.97
P1A ACO H . 14.30 -15.94 -2.32
O1A ACO H . 13.73 -14.58 -1.76
O2A ACO H . 15.12 -16.64 -1.18
O3A ACO H . 15.27 -15.76 -3.65
P2A ACO H . 14.90 -15.04 -5.09
O4A ACO H . 16.21 -14.64 -5.86
O5A ACO H . 14.07 -15.95 -6.05
O6A ACO H . 14.10 -13.67 -4.66
CBP ACO H . 14.11 -11.27 -3.88
CCP ACO H . 14.64 -12.35 -4.91
CDP ACO H . 14.79 -11.62 -2.54
CEP ACO H . 14.70 -9.93 -4.35
CAP ACO H . 12.45 -11.18 -3.80
OAP ACO H . 12.10 -10.40 -2.64
C9P ACO H . 11.65 -10.70 -5.08
O9P ACO H . 10.98 -11.56 -5.71
N8P ACO H . 11.52 -9.32 -5.22
C7P ACO H . 10.72 -8.50 -6.18
C6P ACO H . 11.16 -8.53 -7.65
C5P ACO H . 12.64 -8.11 -7.73
O5P ACO H . 13.59 -8.94 -7.60
N4P ACO H . 12.98 -6.90 -8.11
C3P ACO H . 14.23 -6.34 -8.70
C2P ACO H . 13.82 -5.06 -9.38
S1P ACO H . 13.24 -5.41 -11.06
C ACO H . 13.72 -4.18 -11.88
O ACO H . 13.32 -3.74 -13.06
CH3 ACO H . 15.12 -3.30 -11.73
#